data_6H8G
# 
_entry.id   6H8G 
# 
_audit_conform.dict_name       mmcif_pdbx.dic 
_audit_conform.dict_version    5.383 
_audit_conform.dict_location   http://mmcif.pdb.org/dictionaries/ascii/mmcif_pdbx.dic 
# 
loop_
_database_2.database_id 
_database_2.database_code 
_database_2.pdbx_database_accession 
_database_2.pdbx_DOI 
PDB   6H8G         pdb_00006h8g 10.2210/pdb6h8g/pdb 
WWPDB D_1200011257 ?            ?                   
# 
loop_
_pdbx_audit_revision_history.ordinal 
_pdbx_audit_revision_history.data_content_type 
_pdbx_audit_revision_history.major_revision 
_pdbx_audit_revision_history.minor_revision 
_pdbx_audit_revision_history.revision_date 
1 'Structure model' 1 0 2019-08-14 
2 'Structure model' 1 1 2024-01-17 
# 
_pdbx_audit_revision_details.ordinal             1 
_pdbx_audit_revision_details.revision_ordinal    1 
_pdbx_audit_revision_details.data_content_type   'Structure model' 
_pdbx_audit_revision_details.provider            repository 
_pdbx_audit_revision_details.type                'Initial release' 
_pdbx_audit_revision_details.description         ? 
_pdbx_audit_revision_details.details             ? 
# 
loop_
_pdbx_audit_revision_group.ordinal 
_pdbx_audit_revision_group.revision_ordinal 
_pdbx_audit_revision_group.data_content_type 
_pdbx_audit_revision_group.group 
1 2 'Structure model' 'Data collection'        
2 2 'Structure model' 'Database references'    
3 2 'Structure model' 'Derived calculations'   
4 2 'Structure model' 'Refinement description' 
# 
loop_
_pdbx_audit_revision_category.ordinal 
_pdbx_audit_revision_category.revision_ordinal 
_pdbx_audit_revision_category.data_content_type 
_pdbx_audit_revision_category.category 
1 2 'Structure model' chem_comp_atom                
2 2 'Structure model' chem_comp_bond                
3 2 'Structure model' database_2                    
4 2 'Structure model' pdbx_initial_refinement_model 
5 2 'Structure model' struct_conn                   
6 2 'Structure model' struct_conn_type              
# 
loop_
_pdbx_audit_revision_item.ordinal 
_pdbx_audit_revision_item.revision_ordinal 
_pdbx_audit_revision_item.data_content_type 
_pdbx_audit_revision_item.item 
1  2 'Structure model' '_database_2.pdbx_DOI'                 
2  2 'Structure model' '_database_2.pdbx_database_accession'  
3  2 'Structure model' '_struct_conn.conn_type_id'            
4  2 'Structure model' '_struct_conn.id'                      
5  2 'Structure model' '_struct_conn.pdbx_dist_value'         
6  2 'Structure model' '_struct_conn.pdbx_leaving_atom_flag'  
7  2 'Structure model' '_struct_conn.pdbx_ptnr1_label_alt_id' 
8  2 'Structure model' '_struct_conn.ptnr1_auth_comp_id'      
9  2 'Structure model' '_struct_conn.ptnr1_auth_seq_id'       
10 2 'Structure model' '_struct_conn.ptnr1_label_asym_id'     
11 2 'Structure model' '_struct_conn.ptnr1_label_atom_id'     
12 2 'Structure model' '_struct_conn.ptnr1_label_comp_id'     
13 2 'Structure model' '_struct_conn.ptnr1_label_seq_id'      
14 2 'Structure model' '_struct_conn.ptnr2_auth_comp_id'      
15 2 'Structure model' '_struct_conn.ptnr2_auth_seq_id'       
16 2 'Structure model' '_struct_conn.ptnr2_label_asym_id'     
17 2 'Structure model' '_struct_conn.ptnr2_label_atom_id'     
18 2 'Structure model' '_struct_conn.ptnr2_label_comp_id'     
19 2 'Structure model' '_struct_conn.ptnr2_symmetry'          
20 2 'Structure model' '_struct_conn_type.id'                 
# 
_pdbx_database_status.status_code                     REL 
_pdbx_database_status.status_code_sf                  REL 
_pdbx_database_status.status_code_mr                  ? 
_pdbx_database_status.entry_id                        6H8G 
_pdbx_database_status.recvd_initial_deposition_date   2018-08-02 
_pdbx_database_status.SG_entry                        N 
_pdbx_database_status.deposit_site                    PDBE 
_pdbx_database_status.process_site                    PDBE 
_pdbx_database_status.status_code_cs                  ? 
_pdbx_database_status.methods_development_category    ? 
_pdbx_database_status.pdb_format_compatible           Y 
_pdbx_database_status.status_code_nmr_data            ? 
# 
loop_
_audit_author.name 
_audit_author.pdbx_ordinal 
_audit_author.identifier_ORCID 
'Barber-Zucker, S.' 1 0000-0003-1835-730X 
'Zarivach, R.'      2 0000-0001-6543-0296 
# 
_citation.abstract                  ? 
_citation.abstract_id_CAS           ? 
_citation.book_id_ISBN              ? 
_citation.book_publisher            ? 
_citation.book_publisher_city       ? 
_citation.book_title                ? 
_citation.coordinate_linkage        ? 
_citation.country                   ? 
_citation.database_id_Medline       ? 
_citation.details                   ? 
_citation.id                        primary 
_citation.journal_abbrev            'To Be Published' 
_citation.journal_id_ASTM           ? 
_citation.journal_id_CSD            0353 
_citation.journal_id_ISSN           ? 
_citation.journal_full              ? 
_citation.journal_issue             ? 
_citation.journal_volume            ? 
_citation.language                  ? 
_citation.page_first                ? 
_citation.page_last                 ? 
_citation.title                     'MamM CTD H264E - Cadmium form 1' 
_citation.year                      ? 
_citation.database_id_CSD           ? 
_citation.pdbx_database_id_DOI      ? 
_citation.pdbx_database_id_PubMed   ? 
_citation.unpublished_flag          ? 
# 
loop_
_citation_author.citation_id 
_citation_author.name 
_citation_author.ordinal 
_citation_author.identifier_ORCID 
primary 'Barber-Zucker, S.' 1 ? 
primary 'Zarivach, R.'      2 ? 
# 
loop_
_entity.id 
_entity.type 
_entity.src_method 
_entity.pdbx_description 
_entity.formula_weight 
_entity.pdbx_number_of_molecules 
_entity.pdbx_ec 
_entity.pdbx_mutation 
_entity.pdbx_fragment 
_entity.details 
1 polymer     man 'Magnetosome protein MamM, Cation efflux protein family' 11901.365 1  ? ? ? ? 
2 non-polymer syn 'SULFATE ION'                                            96.063    2  ? ? ? ? 
3 non-polymer syn 'CADMIUM ION'                                            112.411   3  ? ? ? ? 
4 non-polymer syn BETA-MERCAPTOETHANOL                                     78.133    1  ? ? ? ? 
5 water       nat water                                                    18.015    53 ? ? ? ? 
# 
_entity_name_com.entity_id   1 
_entity_name_com.name        'MamM protein' 
# 
_entity_poly.entity_id                      1 
_entity_poly.type                           'polypeptide(L)' 
_entity_poly.nstd_linkage                   no 
_entity_poly.nstd_monomer                   no 
_entity_poly.pdbx_seq_one_letter_code       
;GSHMEAVQNRIVEAAERVPGVRGVIHLRARYVGQDIWADMIIGVDPENTVEQAEEICEAVQAAVCGKIRRIESLHVSAEA
REIGDTTKPSFSDQPLSFDEVMLSKVDN
;
_entity_poly.pdbx_seq_one_letter_code_can   
;GSHMEAVQNRIVEAAERVPGVRGVIHLRARYVGQDIWADMIIGVDPENTVEQAEEICEAVQAAVCGKIRRIESLHVSAEA
REIGDTTKPSFSDQPLSFDEVMLSKVDN
;
_entity_poly.pdbx_strand_id                 A 
_entity_poly.pdbx_target_identifier         ? 
# 
loop_
_pdbx_entity_nonpoly.entity_id 
_pdbx_entity_nonpoly.name 
_pdbx_entity_nonpoly.comp_id 
2 'SULFATE ION'        SO4 
3 'CADMIUM ION'        CD  
4 BETA-MERCAPTOETHANOL BME 
5 water                HOH 
# 
loop_
_entity_poly_seq.entity_id 
_entity_poly_seq.num 
_entity_poly_seq.mon_id 
_entity_poly_seq.hetero 
1 1   GLY n 
1 2   SER n 
1 3   HIS n 
1 4   MET n 
1 5   GLU n 
1 6   ALA n 
1 7   VAL n 
1 8   GLN n 
1 9   ASN n 
1 10  ARG n 
1 11  ILE n 
1 12  VAL n 
1 13  GLU n 
1 14  ALA n 
1 15  ALA n 
1 16  GLU n 
1 17  ARG n 
1 18  VAL n 
1 19  PRO n 
1 20  GLY n 
1 21  VAL n 
1 22  ARG n 
1 23  GLY n 
1 24  VAL n 
1 25  ILE n 
1 26  HIS n 
1 27  LEU n 
1 28  ARG n 
1 29  ALA n 
1 30  ARG n 
1 31  TYR n 
1 32  VAL n 
1 33  GLY n 
1 34  GLN n 
1 35  ASP n 
1 36  ILE n 
1 37  TRP n 
1 38  ALA n 
1 39  ASP n 
1 40  MET n 
1 41  ILE n 
1 42  ILE n 
1 43  GLY n 
1 44  VAL n 
1 45  ASP n 
1 46  PRO n 
1 47  GLU n 
1 48  ASN n 
1 49  THR n 
1 50  VAL n 
1 51  GLU n 
1 52  GLN n 
1 53  ALA n 
1 54  GLU n 
1 55  GLU n 
1 56  ILE n 
1 57  CYS n 
1 58  GLU n 
1 59  ALA n 
1 60  VAL n 
1 61  GLN n 
1 62  ALA n 
1 63  ALA n 
1 64  VAL n 
1 65  CYS n 
1 66  GLY n 
1 67  LYS n 
1 68  ILE n 
1 69  ARG n 
1 70  ARG n 
1 71  ILE n 
1 72  GLU n 
1 73  SER n 
1 74  LEU n 
1 75  HIS n 
1 76  VAL n 
1 77  SER n 
1 78  ALA n 
1 79  GLU n 
1 80  ALA n 
1 81  ARG n 
1 82  GLU n 
1 83  ILE n 
1 84  GLY n 
1 85  ASP n 
1 86  THR n 
1 87  THR n 
1 88  LYS n 
1 89  PRO n 
1 90  SER n 
1 91  PHE n 
1 92  SER n 
1 93  ASP n 
1 94  GLN n 
1 95  PRO n 
1 96  LEU n 
1 97  SER n 
1 98  PHE n 
1 99  ASP n 
1 100 GLU n 
1 101 VAL n 
1 102 MET n 
1 103 LEU n 
1 104 SER n 
1 105 LYS n 
1 106 VAL n 
1 107 ASP n 
1 108 ASN n 
# 
_entity_src_gen.entity_id                          1 
_entity_src_gen.pdbx_src_id                        1 
_entity_src_gen.pdbx_alt_source_flag               sample 
_entity_src_gen.pdbx_seq_type                      'Biological sequence' 
_entity_src_gen.pdbx_beg_seq_num                   1 
_entity_src_gen.pdbx_end_seq_num                   108 
_entity_src_gen.gene_src_common_name               ? 
_entity_src_gen.gene_src_genus                     ? 
_entity_src_gen.pdbx_gene_src_gene                 'mamM, mgI491, MGR_4095' 
_entity_src_gen.gene_src_species                   ? 
_entity_src_gen.gene_src_strain                    ? 
_entity_src_gen.gene_src_tissue                    ? 
_entity_src_gen.gene_src_tissue_fraction           ? 
_entity_src_gen.gene_src_details                   ? 
_entity_src_gen.pdbx_gene_src_fragment             ? 
_entity_src_gen.pdbx_gene_src_scientific_name      'Magnetospirillum gryphiswaldense' 
_entity_src_gen.pdbx_gene_src_ncbi_taxonomy_id     55518 
_entity_src_gen.pdbx_gene_src_variant              ? 
_entity_src_gen.pdbx_gene_src_cell_line            ? 
_entity_src_gen.pdbx_gene_src_atcc                 ? 
_entity_src_gen.pdbx_gene_src_organ                ? 
_entity_src_gen.pdbx_gene_src_organelle            ? 
_entity_src_gen.pdbx_gene_src_cell                 ? 
_entity_src_gen.pdbx_gene_src_cellular_location    ? 
_entity_src_gen.host_org_common_name               ? 
_entity_src_gen.pdbx_host_org_scientific_name      'Escherichia coli' 
_entity_src_gen.pdbx_host_org_ncbi_taxonomy_id     562 
_entity_src_gen.host_org_genus                     ? 
_entity_src_gen.pdbx_host_org_gene                 ? 
_entity_src_gen.pdbx_host_org_organ                ? 
_entity_src_gen.host_org_species                   ? 
_entity_src_gen.pdbx_host_org_tissue               ? 
_entity_src_gen.pdbx_host_org_tissue_fraction      ? 
_entity_src_gen.pdbx_host_org_strain               ? 
_entity_src_gen.pdbx_host_org_variant              Rosetta 
_entity_src_gen.pdbx_host_org_cell_line            ? 
_entity_src_gen.pdbx_host_org_atcc                 ? 
_entity_src_gen.pdbx_host_org_culture_collection   ? 
_entity_src_gen.pdbx_host_org_cell                 ? 
_entity_src_gen.pdbx_host_org_organelle            ? 
_entity_src_gen.pdbx_host_org_cellular_location    ? 
_entity_src_gen.pdbx_host_org_vector_type          ? 
_entity_src_gen.pdbx_host_org_vector               ? 
_entity_src_gen.host_org_details                   ? 
_entity_src_gen.expression_system_id               ? 
_entity_src_gen.plasmid_name                       ? 
_entity_src_gen.plasmid_details                    ? 
_entity_src_gen.pdbx_description                   ? 
# 
loop_
_chem_comp.id 
_chem_comp.type 
_chem_comp.mon_nstd_flag 
_chem_comp.name 
_chem_comp.pdbx_synonyms 
_chem_comp.formula 
_chem_comp.formula_weight 
ALA 'L-peptide linking' y ALANINE              ? 'C3 H7 N O2'     89.093  
ARG 'L-peptide linking' y ARGININE             ? 'C6 H15 N4 O2 1' 175.209 
ASN 'L-peptide linking' y ASPARAGINE           ? 'C4 H8 N2 O3'    132.118 
ASP 'L-peptide linking' y 'ASPARTIC ACID'      ? 'C4 H7 N O4'     133.103 
BME non-polymer         . BETA-MERCAPTOETHANOL ? 'C2 H6 O S'      78.133  
CD  non-polymer         . 'CADMIUM ION'        ? 'Cd 2'           112.411 
CYS 'L-peptide linking' y CYSTEINE             ? 'C3 H7 N O2 S'   121.158 
GLN 'L-peptide linking' y GLUTAMINE            ? 'C5 H10 N2 O3'   146.144 
GLU 'L-peptide linking' y 'GLUTAMIC ACID'      ? 'C5 H9 N O4'     147.129 
GLY 'peptide linking'   y GLYCINE              ? 'C2 H5 N O2'     75.067  
HIS 'L-peptide linking' y HISTIDINE            ? 'C6 H10 N3 O2 1' 156.162 
HOH non-polymer         . WATER                ? 'H2 O'           18.015  
ILE 'L-peptide linking' y ISOLEUCINE           ? 'C6 H13 N O2'    131.173 
LEU 'L-peptide linking' y LEUCINE              ? 'C6 H13 N O2'    131.173 
LYS 'L-peptide linking' y LYSINE               ? 'C6 H15 N2 O2 1' 147.195 
MET 'L-peptide linking' y METHIONINE           ? 'C5 H11 N O2 S'  149.211 
PHE 'L-peptide linking' y PHENYLALANINE        ? 'C9 H11 N O2'    165.189 
PRO 'L-peptide linking' y PROLINE              ? 'C5 H9 N O2'     115.130 
SER 'L-peptide linking' y SERINE               ? 'C3 H7 N O3'     105.093 
SO4 non-polymer         . 'SULFATE ION'        ? 'O4 S -2'        96.063  
THR 'L-peptide linking' y THREONINE            ? 'C4 H9 N O3'     119.119 
TRP 'L-peptide linking' y TRYPTOPHAN           ? 'C11 H12 N2 O2'  204.225 
TYR 'L-peptide linking' y TYROSINE             ? 'C9 H11 N O3'    181.189 
VAL 'L-peptide linking' y VALINE               ? 'C5 H11 N O2'    117.146 
# 
loop_
_pdbx_poly_seq_scheme.asym_id 
_pdbx_poly_seq_scheme.entity_id 
_pdbx_poly_seq_scheme.seq_id 
_pdbx_poly_seq_scheme.mon_id 
_pdbx_poly_seq_scheme.ndb_seq_num 
_pdbx_poly_seq_scheme.pdb_seq_num 
_pdbx_poly_seq_scheme.auth_seq_num 
_pdbx_poly_seq_scheme.pdb_mon_id 
_pdbx_poly_seq_scheme.auth_mon_id 
_pdbx_poly_seq_scheme.pdb_strand_id 
_pdbx_poly_seq_scheme.pdb_ins_code 
_pdbx_poly_seq_scheme.hetero 
A 1 1   GLY 1   211 ?   ?   ?   A . n 
A 1 2   SER 2   212 ?   ?   ?   A . n 
A 1 3   HIS 3   213 ?   ?   ?   A . n 
A 1 4   MET 4   214 214 MET MET A . n 
A 1 5   GLU 5   215 215 GLU GLU A . n 
A 1 6   ALA 6   216 216 ALA ALA A . n 
A 1 7   VAL 7   217 217 VAL VAL A . n 
A 1 8   GLN 8   218 218 GLN GLN A . n 
A 1 9   ASN 9   219 219 ASN ASN A . n 
A 1 10  ARG 10  220 220 ARG ARG A . n 
A 1 11  ILE 11  221 221 ILE ILE A . n 
A 1 12  VAL 12  222 222 VAL VAL A . n 
A 1 13  GLU 13  223 223 GLU GLU A . n 
A 1 14  ALA 14  224 224 ALA ALA A . n 
A 1 15  ALA 15  225 225 ALA ALA A . n 
A 1 16  GLU 16  226 226 GLU GLU A . n 
A 1 17  ARG 17  227 227 ARG ARG A . n 
A 1 18  VAL 18  228 228 VAL VAL A . n 
A 1 19  PRO 19  229 229 PRO PRO A . n 
A 1 20  GLY 20  230 230 GLY GLY A . n 
A 1 21  VAL 21  231 231 VAL VAL A . n 
A 1 22  ARG 22  232 232 ARG ARG A . n 
A 1 23  GLY 23  233 233 GLY GLY A . n 
A 1 24  VAL 24  234 234 VAL VAL A . n 
A 1 25  ILE 25  235 235 ILE ILE A . n 
A 1 26  HIS 26  236 236 HIS HIS A . n 
A 1 27  LEU 27  237 237 LEU LEU A . n 
A 1 28  ARG 28  238 238 ARG ARG A . n 
A 1 29  ALA 29  239 239 ALA ALA A . n 
A 1 30  ARG 30  240 240 ARG ARG A . n 
A 1 31  TYR 31  241 241 TYR TYR A . n 
A 1 32  VAL 32  242 242 VAL VAL A . n 
A 1 33  GLY 33  243 243 GLY GLY A . n 
A 1 34  GLN 34  244 244 GLN GLN A . n 
A 1 35  ASP 35  245 245 ASP ASP A . n 
A 1 36  ILE 36  246 246 ILE ILE A . n 
A 1 37  TRP 37  247 247 TRP TRP A . n 
A 1 38  ALA 38  248 248 ALA ALA A . n 
A 1 39  ASP 39  249 249 ASP ASP A . n 
A 1 40  MET 40  250 250 MET MET A . n 
A 1 41  ILE 41  251 251 ILE ILE A . n 
A 1 42  ILE 42  252 252 ILE ILE A . n 
A 1 43  GLY 43  253 253 GLY GLY A . n 
A 1 44  VAL 44  254 254 VAL VAL A . n 
A 1 45  ASP 45  255 255 ASP ASP A . n 
A 1 46  PRO 46  256 256 PRO PRO A . n 
A 1 47  GLU 47  257 257 GLU GLU A . n 
A 1 48  ASN 48  258 258 ASN ASN A . n 
A 1 49  THR 49  259 259 THR THR A . n 
A 1 50  VAL 50  260 260 VAL VAL A . n 
A 1 51  GLU 51  261 261 GLU GLU A . n 
A 1 52  GLN 52  262 262 GLN GLN A . n 
A 1 53  ALA 53  263 263 ALA ALA A . n 
A 1 54  GLU 54  264 264 GLU GLU A . n 
A 1 55  GLU 55  265 265 GLU GLU A . n 
A 1 56  ILE 56  266 266 ILE ILE A . n 
A 1 57  CYS 57  267 267 CYS CYS A . n 
A 1 58  GLU 58  268 268 GLU GLU A . n 
A 1 59  ALA 59  269 269 ALA ALA A . n 
A 1 60  VAL 60  270 270 VAL VAL A . n 
A 1 61  GLN 61  271 271 GLN GLN A . n 
A 1 62  ALA 62  272 272 ALA ALA A . n 
A 1 63  ALA 63  273 273 ALA ALA A . n 
A 1 64  VAL 64  274 274 VAL VAL A . n 
A 1 65  CYS 65  275 275 CYS CYS A . n 
A 1 66  GLY 66  276 276 GLY GLY A . n 
A 1 67  LYS 67  277 277 LYS LYS A . n 
A 1 68  ILE 68  278 278 ILE ILE A . n 
A 1 69  ARG 69  279 279 ARG ARG A . n 
A 1 70  ARG 70  280 280 ARG ARG A . n 
A 1 71  ILE 71  281 281 ILE ILE A . n 
A 1 72  GLU 72  282 282 GLU GLU A . n 
A 1 73  SER 73  283 283 SER SER A . n 
A 1 74  LEU 74  284 284 LEU LEU A . n 
A 1 75  HIS 75  285 285 HIS HIS A . n 
A 1 76  VAL 76  286 286 VAL VAL A . n 
A 1 77  SER 77  287 287 SER SER A . n 
A 1 78  ALA 78  288 288 ALA ALA A . n 
A 1 79  GLU 79  289 289 GLU GLU A . n 
A 1 80  ALA 80  290 290 ALA ALA A . n 
A 1 81  ARG 81  291 291 ARG ARG A . n 
A 1 82  GLU 82  292 292 GLU GLU A . n 
A 1 83  ILE 83  293 ?   ?   ?   A . n 
A 1 84  GLY 84  294 ?   ?   ?   A . n 
A 1 85  ASP 85  295 ?   ?   ?   A . n 
A 1 86  THR 86  296 ?   ?   ?   A . n 
A 1 87  THR 87  297 ?   ?   ?   A . n 
A 1 88  LYS 88  298 ?   ?   ?   A . n 
A 1 89  PRO 89  299 ?   ?   ?   A . n 
A 1 90  SER 90  300 ?   ?   ?   A . n 
A 1 91  PHE 91  301 ?   ?   ?   A . n 
A 1 92  SER 92  302 ?   ?   ?   A . n 
A 1 93  ASP 93  303 ?   ?   ?   A . n 
A 1 94  GLN 94  304 ?   ?   ?   A . n 
A 1 95  PRO 95  305 ?   ?   ?   A . n 
A 1 96  LEU 96  306 ?   ?   ?   A . n 
A 1 97  SER 97  307 ?   ?   ?   A . n 
A 1 98  PHE 98  308 ?   ?   ?   A . n 
A 1 99  ASP 99  309 ?   ?   ?   A . n 
A 1 100 GLU 100 310 ?   ?   ?   A . n 
A 1 101 VAL 101 311 ?   ?   ?   A . n 
A 1 102 MET 102 312 ?   ?   ?   A . n 
A 1 103 LEU 103 313 ?   ?   ?   A . n 
A 1 104 SER 104 314 ?   ?   ?   A . n 
A 1 105 LYS 105 315 ?   ?   ?   A . n 
A 1 106 VAL 106 316 ?   ?   ?   A . n 
A 1 107 ASP 107 317 ?   ?   ?   A . n 
A 1 108 ASN 108 318 ?   ?   ?   A . n 
# 
loop_
_pdbx_nonpoly_scheme.asym_id 
_pdbx_nonpoly_scheme.entity_id 
_pdbx_nonpoly_scheme.mon_id 
_pdbx_nonpoly_scheme.ndb_seq_num 
_pdbx_nonpoly_scheme.pdb_seq_num 
_pdbx_nonpoly_scheme.auth_seq_num 
_pdbx_nonpoly_scheme.pdb_mon_id 
_pdbx_nonpoly_scheme.auth_mon_id 
_pdbx_nonpoly_scheme.pdb_strand_id 
_pdbx_nonpoly_scheme.pdb_ins_code 
B 2 SO4 1  401 1  SO4 SO4 A . 
C 2 SO4 1  402 2  SO4 SO4 A . 
D 3 CD  1  403 5  CD  CD  A . 
E 3 CD  1  404 6  CD  CD  A . 
F 3 CD  1  405 7  CD  CD  A . 
G 4 BME 1  406 1  BME BME A . 
H 5 HOH 1  501 46 HOH HOH A . 
H 5 HOH 2  502 27 HOH HOH A . 
H 5 HOH 3  503 28 HOH HOH A . 
H 5 HOH 4  504 42 HOH HOH A . 
H 5 HOH 5  505 14 HOH HOH A . 
H 5 HOH 6  506 58 HOH HOH A . 
H 5 HOH 7  507 31 HOH HOH A . 
H 5 HOH 8  508 25 HOH HOH A . 
H 5 HOH 9  509 56 HOH HOH A . 
H 5 HOH 10 510 12 HOH HOH A . 
H 5 HOH 11 511 35 HOH HOH A . 
H 5 HOH 12 512 2  HOH HOH A . 
H 5 HOH 13 513 10 HOH HOH A . 
H 5 HOH 14 514 38 HOH HOH A . 
H 5 HOH 15 515 60 HOH HOH A . 
H 5 HOH 16 516 30 HOH HOH A . 
H 5 HOH 17 517 26 HOH HOH A . 
H 5 HOH 18 518 61 HOH HOH A . 
H 5 HOH 19 519 23 HOH HOH A . 
H 5 HOH 20 520 33 HOH HOH A . 
H 5 HOH 21 521 3  HOH HOH A . 
H 5 HOH 22 522 41 HOH HOH A . 
H 5 HOH 23 523 39 HOH HOH A . 
H 5 HOH 24 524 19 HOH HOH A . 
H 5 HOH 25 525 8  HOH HOH A . 
H 5 HOH 26 526 1  HOH HOH A . 
H 5 HOH 27 527 45 HOH HOH A . 
H 5 HOH 28 528 63 HOH HOH A . 
H 5 HOH 29 529 13 HOH HOH A . 
H 5 HOH 30 530 17 HOH HOH A . 
H 5 HOH 31 531 51 HOH HOH A . 
H 5 HOH 32 532 43 HOH HOH A . 
H 5 HOH 33 533 34 HOH HOH A . 
H 5 HOH 34 534 53 HOH HOH A . 
H 5 HOH 35 535 15 HOH HOH A . 
H 5 HOH 36 536 4  HOH HOH A . 
H 5 HOH 37 537 24 HOH HOH A . 
H 5 HOH 38 538 9  HOH HOH A . 
H 5 HOH 39 539 16 HOH HOH A . 
H 5 HOH 40 540 50 HOH HOH A . 
H 5 HOH 41 541 44 HOH HOH A . 
H 5 HOH 42 542 5  HOH HOH A . 
H 5 HOH 43 543 32 HOH HOH A . 
H 5 HOH 44 544 37 HOH HOH A . 
H 5 HOH 45 545 22 HOH HOH A . 
H 5 HOH 46 546 52 HOH HOH A . 
H 5 HOH 47 547 48 HOH HOH A . 
H 5 HOH 48 548 59 HOH HOH A . 
H 5 HOH 49 549 18 HOH HOH A . 
H 5 HOH 50 550 21 HOH HOH A . 
H 5 HOH 51 551 57 HOH HOH A . 
H 5 HOH 52 552 20 HOH HOH A . 
H 5 HOH 53 553 49 HOH HOH A . 
# 
loop_
_software.citation_id 
_software.classification 
_software.compiler_name 
_software.compiler_version 
_software.contact_author 
_software.contact_author_email 
_software.date 
_software.description 
_software.dependencies 
_software.hardware 
_software.language 
_software.location 
_software.mods 
_software.name 
_software.os 
_software.os_version 
_software.type 
_software.version 
_software.pdbx_ordinal 
? refinement       ? ? ? ? ? ? ? ? ? ? ? REFMAC  ? ? ? 5.8.0189 1 
? 'data reduction' ? ? ? ? ? ? ? ? ? ? ? XDS     ? ? ? .        2 
? 'data scaling'   ? ? ? ? ? ? ? ? ? ? ? Aimless ? ? ? .        3 
? phasing          ? ? ? ? ? ? ? ? ? ? ? PHASER  ? ? ? .        4 
# 
_cell.angle_alpha                  90.00 
_cell.angle_alpha_esd              ? 
_cell.angle_beta                   90.00 
_cell.angle_beta_esd               ? 
_cell.angle_gamma                  90.00 
_cell.angle_gamma_esd              ? 
_cell.entry_id                     6H8G 
_cell.details                      ? 
_cell.formula_units_Z              ? 
_cell.length_a                     36.997 
_cell.length_a_esd                 ? 
_cell.length_b                     94.499 
_cell.length_b_esd                 ? 
_cell.length_c                     53.214 
_cell.length_c_esd                 ? 
_cell.volume                       ? 
_cell.volume_esd                   ? 
_cell.Z_PDB                        8 
_cell.reciprocal_angle_alpha       ? 
_cell.reciprocal_angle_beta        ? 
_cell.reciprocal_angle_gamma       ? 
_cell.reciprocal_angle_alpha_esd   ? 
_cell.reciprocal_angle_beta_esd    ? 
_cell.reciprocal_angle_gamma_esd   ? 
_cell.reciprocal_length_a          ? 
_cell.reciprocal_length_b          ? 
_cell.reciprocal_length_c          ? 
_cell.reciprocal_length_a_esd      ? 
_cell.reciprocal_length_b_esd      ? 
_cell.reciprocal_length_c_esd      ? 
_cell.pdbx_unique_axis             ? 
# 
_symmetry.entry_id                         6H8G 
_symmetry.cell_setting                     ? 
_symmetry.Int_Tables_number                20 
_symmetry.space_group_name_Hall            ? 
_symmetry.space_group_name_H-M             'C 2 2 21' 
_symmetry.pdbx_full_space_group_name_H-M   ? 
# 
_exptl.absorpt_coefficient_mu     ? 
_exptl.absorpt_correction_T_max   ? 
_exptl.absorpt_correction_T_min   ? 
_exptl.absorpt_correction_type    ? 
_exptl.absorpt_process_details    ? 
_exptl.entry_id                   6H8G 
_exptl.crystals_number            1 
_exptl.details                    ? 
_exptl.method                     'X-RAY DIFFRACTION' 
_exptl.method_details             ? 
# 
_exptl_crystal.colour                      ? 
_exptl_crystal.density_diffrn              ? 
_exptl_crystal.density_Matthews            1.95 
_exptl_crystal.density_method              ? 
_exptl_crystal.density_percent_sol         37.05 
_exptl_crystal.description                 ? 
_exptl_crystal.F_000                       ? 
_exptl_crystal.id                          1 
_exptl_crystal.preparation                 ? 
_exptl_crystal.size_max                    ? 
_exptl_crystal.size_mid                    ? 
_exptl_crystal.size_min                    ? 
_exptl_crystal.size_rad                    ? 
_exptl_crystal.colour_lustre               ? 
_exptl_crystal.colour_modifier             ? 
_exptl_crystal.colour_primary              ? 
_exptl_crystal.density_meas                ? 
_exptl_crystal.density_meas_esd            ? 
_exptl_crystal.density_meas_gt             ? 
_exptl_crystal.density_meas_lt             ? 
_exptl_crystal.density_meas_temp           ? 
_exptl_crystal.density_meas_temp_esd       ? 
_exptl_crystal.density_meas_temp_gt        ? 
_exptl_crystal.density_meas_temp_lt        ? 
_exptl_crystal.pdbx_crystal_image_url      ? 
_exptl_crystal.pdbx_crystal_image_format   ? 
_exptl_crystal.pdbx_mosaicity              ? 
_exptl_crystal.pdbx_mosaicity_esd          ? 
# 
_exptl_crystal_grow.apparatus       ? 
_exptl_crystal_grow.atmosphere      ? 
_exptl_crystal_grow.crystal_id      1 
_exptl_crystal_grow.details         ? 
_exptl_crystal_grow.method          'VAPOR DIFFUSION, SITTING DROP' 
_exptl_crystal_grow.method_ref      ? 
_exptl_crystal_grow.pH              ? 
_exptl_crystal_grow.pressure        ? 
_exptl_crystal_grow.pressure_esd    ? 
_exptl_crystal_grow.seeding         ? 
_exptl_crystal_grow.seeding_ref     ? 
_exptl_crystal_grow.temp            293 
_exptl_crystal_grow.temp_details    ? 
_exptl_crystal_grow.temp_esd        ? 
_exptl_crystal_grow.time            ? 
_exptl_crystal_grow.pdbx_details    
;0.2M (NH4)2SO4,
0.1M BIS-TRIS pH=5.5,
25% PEG 3350,
1.7mM CdCl2
;
_exptl_crystal_grow.pdbx_pH_range   ? 
# 
_diffrn.ambient_environment              ? 
_diffrn.ambient_temp                     100 
_diffrn.ambient_temp_details             ? 
_diffrn.ambient_temp_esd                 ? 
_diffrn.crystal_id                       1 
_diffrn.crystal_support                  ? 
_diffrn.crystal_treatment                ? 
_diffrn.details                          ? 
_diffrn.id                               1 
_diffrn.ambient_pressure                 ? 
_diffrn.ambient_pressure_esd             ? 
_diffrn.ambient_pressure_gt              ? 
_diffrn.ambient_pressure_lt              ? 
_diffrn.ambient_temp_gt                  ? 
_diffrn.ambient_temp_lt                  ? 
_diffrn.pdbx_serial_crystal_experiment   ? 
# 
_diffrn_detector.details                      ? 
_diffrn_detector.detector                     PIXEL 
_diffrn_detector.diffrn_id                    1 
_diffrn_detector.type                         'DECTRIS PILATUS 6M' 
_diffrn_detector.area_resol_mean              ? 
_diffrn_detector.dtime                        ? 
_diffrn_detector.pdbx_frames_total            ? 
_diffrn_detector.pdbx_collection_time_total   ? 
_diffrn_detector.pdbx_collection_date         2017-09-03 
_diffrn_detector.pdbx_frequency               ? 
# 
_diffrn_radiation.collimation                      ? 
_diffrn_radiation.diffrn_id                        1 
_diffrn_radiation.filter_edge                      ? 
_diffrn_radiation.inhomogeneity                    ? 
_diffrn_radiation.monochromator                    ? 
_diffrn_radiation.polarisn_norm                    ? 
_diffrn_radiation.polarisn_ratio                   ? 
_diffrn_radiation.probe                            ? 
_diffrn_radiation.type                             ? 
_diffrn_radiation.xray_symbol                      ? 
_diffrn_radiation.wavelength_id                    1 
_diffrn_radiation.pdbx_monochromatic_or_laue_m_l   M 
_diffrn_radiation.pdbx_wavelength_list             ? 
_diffrn_radiation.pdbx_wavelength                  ? 
_diffrn_radiation.pdbx_diffrn_protocol             'SINGLE WAVELENGTH' 
_diffrn_radiation.pdbx_analyzer                    ? 
_diffrn_radiation.pdbx_scattering_type             x-ray 
# 
_diffrn_radiation_wavelength.id           1 
_diffrn_radiation_wavelength.wavelength   0.976247 
_diffrn_radiation_wavelength.wt           1.0 
# 
_diffrn_source.current                     ? 
_diffrn_source.details                     ? 
_diffrn_source.diffrn_id                   1 
_diffrn_source.power                       ? 
_diffrn_source.size                        ? 
_diffrn_source.source                      SYNCHROTRON 
_diffrn_source.target                      ? 
_diffrn_source.type                        'ESRF BEAMLINE ID29' 
_diffrn_source.voltage                     ? 
_diffrn_source.take-off_angle              ? 
_diffrn_source.pdbx_wavelength_list        0.976247 
_diffrn_source.pdbx_wavelength             ? 
_diffrn_source.pdbx_synchrotron_beamline   ID29 
_diffrn_source.pdbx_synchrotron_site       ESRF 
# 
_reflns.B_iso_Wilson_estimate            ? 
_reflns.entry_id                         6H8G 
_reflns.data_reduction_details           ? 
_reflns.data_reduction_method            ? 
_reflns.d_resolution_high                1.35 
_reflns.d_resolution_low                 47.25 
_reflns.details                          ? 
_reflns.limit_h_max                      ? 
_reflns.limit_h_min                      ? 
_reflns.limit_k_max                      ? 
_reflns.limit_k_min                      ? 
_reflns.limit_l_max                      ? 
_reflns.limit_l_min                      ? 
_reflns.number_all                       ? 
_reflns.number_obs                       20888 
_reflns.observed_criterion               ? 
_reflns.observed_criterion_F_max         ? 
_reflns.observed_criterion_F_min         ? 
_reflns.observed_criterion_I_max         ? 
_reflns.observed_criterion_I_min         ? 
_reflns.observed_criterion_sigma_F       ? 
_reflns.observed_criterion_sigma_I       ? 
_reflns.percent_possible_obs             99.9 
_reflns.R_free_details                   ? 
_reflns.Rmerge_F_all                     ? 
_reflns.Rmerge_F_obs                     ? 
_reflns.Friedel_coverage                 ? 
_reflns.number_gt                        ? 
_reflns.threshold_expression             ? 
_reflns.pdbx_redundancy                  7.1 
_reflns.pdbx_Rmerge_I_obs                0.037 
_reflns.pdbx_Rmerge_I_all                ? 
_reflns.pdbx_Rsym_value                  ? 
_reflns.pdbx_netI_over_av_sigmaI         ? 
_reflns.pdbx_netI_over_sigmaI            22.5 
_reflns.pdbx_res_netI_over_av_sigmaI_2   ? 
_reflns.pdbx_res_netI_over_sigmaI_2      ? 
_reflns.pdbx_chi_squared                 ? 
_reflns.pdbx_scaling_rejects             ? 
_reflns.pdbx_d_res_high_opt              ? 
_reflns.pdbx_d_res_low_opt               ? 
_reflns.pdbx_d_res_opt_method            ? 
_reflns.phase_calculation_details        ? 
_reflns.pdbx_Rrim_I_all                  ? 
_reflns.pdbx_Rpim_I_all                  ? 
_reflns.pdbx_d_opt                       ? 
_reflns.pdbx_number_measured_all         ? 
_reflns.pdbx_diffrn_id                   1 
_reflns.pdbx_ordinal                     1 
_reflns.pdbx_CC_half                     0.999 
_reflns.pdbx_R_split                     ? 
# 
_reflns_shell.d_res_high                  1.35 
_reflns_shell.d_res_low                   1.37 
_reflns_shell.meanI_over_sigI_all         ? 
_reflns_shell.meanI_over_sigI_obs         1.3 
_reflns_shell.number_measured_all         ? 
_reflns_shell.number_measured_obs         ? 
_reflns_shell.number_possible             ? 
_reflns_shell.number_unique_all           1016 
_reflns_shell.number_unique_obs           ? 
_reflns_shell.percent_possible_all        99.1 
_reflns_shell.percent_possible_obs        ? 
_reflns_shell.Rmerge_F_all                ? 
_reflns_shell.Rmerge_F_obs                ? 
_reflns_shell.Rmerge_I_all                ? 
_reflns_shell.Rmerge_I_obs                ? 
_reflns_shell.meanI_over_sigI_gt          ? 
_reflns_shell.meanI_over_uI_all           ? 
_reflns_shell.meanI_over_uI_gt            ? 
_reflns_shell.number_measured_gt          ? 
_reflns_shell.number_unique_gt            ? 
_reflns_shell.percent_possible_gt         ? 
_reflns_shell.Rmerge_F_gt                 ? 
_reflns_shell.Rmerge_I_gt                 ? 
_reflns_shell.pdbx_redundancy             7.1 
_reflns_shell.pdbx_Rsym_value             ? 
_reflns_shell.pdbx_chi_squared            ? 
_reflns_shell.pdbx_netI_over_sigmaI_all   ? 
_reflns_shell.pdbx_netI_over_sigmaI_obs   ? 
_reflns_shell.pdbx_Rrim_I_all             ? 
_reflns_shell.pdbx_Rpim_I_all             ? 
_reflns_shell.pdbx_rejects                ? 
_reflns_shell.pdbx_ordinal                1 
_reflns_shell.pdbx_diffrn_id              1 
_reflns_shell.pdbx_CC_half                0.575 
_reflns_shell.pdbx_R_split                ? 
# 
_refine.aniso_B[1][1]                            1.19 
_refine.aniso_B[1][2]                            -0.00 
_refine.aniso_B[1][3]                            0.00 
_refine.aniso_B[2][2]                            -0.56 
_refine.aniso_B[2][3]                            0.00 
_refine.aniso_B[3][3]                            -0.63 
_refine.B_iso_max                                ? 
_refine.B_iso_mean                               26.710 
_refine.B_iso_min                                ? 
_refine.correlation_coeff_Fo_to_Fc               0.971 
_refine.correlation_coeff_Fo_to_Fc_free          0.969 
_refine.details                                  'HYDROGENS HAVE BEEN ADDED IN THE RIDING POSITIONS' 
_refine.diff_density_max                         ? 
_refine.diff_density_max_esd                     ? 
_refine.diff_density_min                         ? 
_refine.diff_density_min_esd                     ? 
_refine.diff_density_rms                         ? 
_refine.diff_density_rms_esd                     ? 
_refine.entry_id                                 6H8G 
_refine.pdbx_refine_id                           'X-RAY DIFFRACTION' 
_refine.ls_abs_structure_details                 ? 
_refine.ls_abs_structure_Flack                   ? 
_refine.ls_abs_structure_Flack_esd               ? 
_refine.ls_abs_structure_Rogers                  ? 
_refine.ls_abs_structure_Rogers_esd              ? 
_refine.ls_d_res_high                            1.35 
_refine.ls_d_res_low                             47.25 
_refine.ls_extinction_coef                       ? 
_refine.ls_extinction_coef_esd                   ? 
_refine.ls_extinction_expression                 ? 
_refine.ls_extinction_method                     ? 
_refine.ls_goodness_of_fit_all                   ? 
_refine.ls_goodness_of_fit_all_esd               ? 
_refine.ls_goodness_of_fit_obs                   ? 
_refine.ls_goodness_of_fit_obs_esd               ? 
_refine.ls_hydrogen_treatment                    ? 
_refine.ls_matrix_type                           ? 
_refine.ls_number_constraints                    ? 
_refine.ls_number_parameters                     ? 
_refine.ls_number_reflns_all                     ? 
_refine.ls_number_reflns_obs                     19811 
_refine.ls_number_reflns_R_free                  1059 
_refine.ls_number_reflns_R_work                  ? 
_refine.ls_number_restraints                     ? 
_refine.ls_percent_reflns_obs                    99.80 
_refine.ls_percent_reflns_R_free                 5.1 
_refine.ls_R_factor_all                          ? 
_refine.ls_R_factor_obs                          0.16761 
_refine.ls_R_factor_R_free                       0.19225 
_refine.ls_R_factor_R_free_error                 ? 
_refine.ls_R_factor_R_free_error_details         ? 
_refine.ls_R_factor_R_work                       0.16631 
_refine.ls_R_Fsqd_factor_obs                     ? 
_refine.ls_R_I_factor_obs                        ? 
_refine.ls_redundancy_reflns_all                 ? 
_refine.ls_redundancy_reflns_obs                 ? 
_refine.ls_restrained_S_all                      ? 
_refine.ls_restrained_S_obs                      ? 
_refine.ls_shift_over_esd_max                    ? 
_refine.ls_shift_over_esd_mean                   ? 
_refine.ls_structure_factor_coef                 ? 
_refine.ls_weighting_details                     ? 
_refine.ls_weighting_scheme                      ? 
_refine.ls_wR_factor_all                         ? 
_refine.ls_wR_factor_obs                         ? 
_refine.ls_wR_factor_R_free                      ? 
_refine.ls_wR_factor_R_work                      ? 
_refine.occupancy_max                            ? 
_refine.occupancy_min                            ? 
_refine.solvent_model_details                    ? 
_refine.solvent_model_param_bsol                 ? 
_refine.solvent_model_param_ksol                 ? 
_refine.ls_R_factor_gt                           ? 
_refine.ls_goodness_of_fit_gt                    ? 
_refine.ls_goodness_of_fit_ref                   ? 
_refine.ls_shift_over_su_max                     ? 
_refine.ls_shift_over_su_max_lt                  ? 
_refine.ls_shift_over_su_mean                    ? 
_refine.ls_shift_over_su_mean_lt                 ? 
_refine.pdbx_ls_sigma_I                          ? 
_refine.pdbx_ls_sigma_F                          ? 
_refine.pdbx_ls_sigma_Fsqd                       ? 
_refine.pdbx_data_cutoff_high_absF               ? 
_refine.pdbx_data_cutoff_high_rms_absF           ? 
_refine.pdbx_data_cutoff_low_absF                ? 
_refine.pdbx_isotropic_thermal_model             ? 
_refine.pdbx_ls_cross_valid_method               THROUGHOUT 
_refine.pdbx_method_to_determine_struct          'MOLECULAR REPLACEMENT' 
_refine.pdbx_starting_model                      3W5X 
_refine.pdbx_stereochemistry_target_values       ? 
_refine.pdbx_R_Free_selection_details            RANDOM 
_refine.pdbx_stereochem_target_val_spec_case     ? 
_refine.pdbx_overall_ESU_R                       0.054 
_refine.pdbx_overall_ESU_R_Free                  0.051 
_refine.pdbx_solvent_vdw_probe_radii             1.20 
_refine.pdbx_solvent_ion_probe_radii             1.10 
_refine.pdbx_solvent_shrinkage_radii             1.10 
_refine.pdbx_real_space_R                        ? 
_refine.pdbx_density_correlation                 ? 
_refine.pdbx_pd_number_of_powder_patterns        ? 
_refine.pdbx_pd_number_of_points                 ? 
_refine.pdbx_pd_meas_number_of_points            ? 
_refine.pdbx_pd_proc_ls_prof_R_factor            ? 
_refine.pdbx_pd_proc_ls_prof_wR_factor           ? 
_refine.pdbx_pd_Marquardt_correlation_coeff      ? 
_refine.pdbx_pd_Fsqrd_R_factor                   ? 
_refine.pdbx_pd_ls_matrix_band_width             ? 
_refine.pdbx_overall_phase_error                 ? 
_refine.pdbx_overall_SU_R_free_Cruickshank_DPI   ? 
_refine.pdbx_overall_SU_R_free_Blow_DPI          ? 
_refine.pdbx_overall_SU_R_Blow_DPI               ? 
_refine.pdbx_TLS_residual_ADP_flag               ? 
_refine.pdbx_diffrn_id                           1 
_refine.overall_SU_B                             1.973 
_refine.overall_SU_ML                            0.036 
_refine.overall_SU_R_Cruickshank_DPI             ? 
_refine.overall_SU_R_free                        ? 
_refine.overall_FOM_free_R_set                   ? 
_refine.overall_FOM_work_R_set                   ? 
_refine.pdbx_average_fsc_overall                 ? 
_refine.pdbx_average_fsc_work                    ? 
_refine.pdbx_average_fsc_free                    ? 
# 
_refine_hist.pdbx_refine_id                   'X-RAY DIFFRACTION' 
_refine_hist.cycle_id                         1 
_refine_hist.pdbx_number_atoms_protein        611 
_refine_hist.pdbx_number_atoms_nucleic_acid   0 
_refine_hist.pdbx_number_atoms_ligand         17 
_refine_hist.number_atoms_solvent             53 
_refine_hist.number_atoms_total               681 
_refine_hist.d_res_high                       1.35 
_refine_hist.d_res_low                        47.25 
# 
loop_
_refine_ls_restr.pdbx_refine_id 
_refine_ls_restr.criterion 
_refine_ls_restr.dev_ideal 
_refine_ls_restr.dev_ideal_target 
_refine_ls_restr.number 
_refine_ls_restr.rejects 
_refine_ls_restr.type 
_refine_ls_restr.weight 
_refine_ls_restr.pdbx_restraint_function 
'X-RAY DIFFRACTION' ? 0.014  0.019  692  ? r_bond_refined_d             ? ? 
'X-RAY DIFFRACTION' ? 0.002  0.020  646  ? r_bond_other_d               ? ? 
'X-RAY DIFFRACTION' ? 1.624  1.949  946  ? r_angle_refined_deg          ? ? 
'X-RAY DIFFRACTION' ? 0.953  3.000  1497 ? r_angle_other_deg            ? ? 
'X-RAY DIFFRACTION' ? 5.970  5.000  93   ? r_dihedral_angle_1_deg       ? ? 
'X-RAY DIFFRACTION' ? 39.407 23.947 38   ? r_dihedral_angle_2_deg       ? ? 
'X-RAY DIFFRACTION' ? 13.256 15.000 124  ? r_dihedral_angle_3_deg       ? ? 
'X-RAY DIFFRACTION' ? 19.387 15.000 9    ? r_dihedral_angle_4_deg       ? ? 
'X-RAY DIFFRACTION' ? 0.096  0.200  106  ? r_chiral_restr               ? ? 
'X-RAY DIFFRACTION' ? 0.007  0.020  802  ? r_gen_planes_refined         ? ? 
'X-RAY DIFFRACTION' ? 0.002  0.020  139  ? r_gen_planes_other           ? ? 
'X-RAY DIFFRACTION' ? ?      ?      ?    ? r_nbd_refined                ? ? 
'X-RAY DIFFRACTION' ? ?      ?      ?    ? r_nbd_other                  ? ? 
'X-RAY DIFFRACTION' ? ?      ?      ?    ? r_nbtor_refined              ? ? 
'X-RAY DIFFRACTION' ? ?      ?      ?    ? r_nbtor_other                ? ? 
'X-RAY DIFFRACTION' ? ?      ?      ?    ? r_xyhbond_nbd_refined        ? ? 
'X-RAY DIFFRACTION' ? ?      ?      ?    ? r_xyhbond_nbd_other          ? ? 
'X-RAY DIFFRACTION' ? ?      ?      ?    ? r_metal_ion_refined          ? ? 
'X-RAY DIFFRACTION' ? ?      ?      ?    ? r_metal_ion_other            ? ? 
'X-RAY DIFFRACTION' ? ?      ?      ?    ? r_symmetry_vdw_refined       ? ? 
'X-RAY DIFFRACTION' ? ?      ?      ?    ? r_symmetry_vdw_other         ? ? 
'X-RAY DIFFRACTION' ? ?      ?      ?    ? r_symmetry_hbond_refined     ? ? 
'X-RAY DIFFRACTION' ? ?      ?      ?    ? r_symmetry_hbond_other       ? ? 
'X-RAY DIFFRACTION' ? ?      ?      ?    ? r_symmetry_metal_ion_refined ? ? 
'X-RAY DIFFRACTION' ? ?      ?      ?    ? r_symmetry_metal_ion_other   ? ? 
'X-RAY DIFFRACTION' ? 1.625  2.281  340  ? r_mcbond_it                  ? ? 
'X-RAY DIFFRACTION' ? 1.603  2.272  339  ? r_mcbond_other               ? ? 
'X-RAY DIFFRACTION' ? 2.055  3.419  431  ? r_mcangle_it                 ? ? 
'X-RAY DIFFRACTION' ? 2.055  3.427  432  ? r_mcangle_other              ? ? 
'X-RAY DIFFRACTION' ? 2.742  2.914  352  ? r_scbond_it                  ? ? 
'X-RAY DIFFRACTION' ? 2.693  2.912  352  ? r_scbond_other               ? ? 
'X-RAY DIFFRACTION' ? ?      ?      ?    ? r_scangle_it                 ? ? 
'X-RAY DIFFRACTION' ? 3.117  4.187  511  ? r_scangle_other              ? ? 
'X-RAY DIFFRACTION' ? 3.436  28.612 732  ? r_long_range_B_refined       ? ? 
'X-RAY DIFFRACTION' ? 3.434  28.665 733  ? r_long_range_B_other         ? ? 
'X-RAY DIFFRACTION' ? 2.869  3.000  1338 ? r_rigid_bond_restr           ? ? 
'X-RAY DIFFRACTION' ? 30.322 5.000  28   ? r_sphericity_free            ? ? 
'X-RAY DIFFRACTION' ? 10.236 5.000  1354 ? r_sphericity_bonded          ? ? 
# 
_refine_ls_shell.pdbx_refine_id                   'X-RAY DIFFRACTION' 
_refine_ls_shell.d_res_high                       1.350 
_refine_ls_shell.d_res_low                        1.385 
_refine_ls_shell.number_reflns_all                ? 
_refine_ls_shell.number_reflns_obs                ? 
_refine_ls_shell.number_reflns_R_free             85 
_refine_ls_shell.number_reflns_R_work             1416 
_refine_ls_shell.percent_reflns_obs               99.21 
_refine_ls_shell.percent_reflns_R_free            ? 
_refine_ls_shell.R_factor_all                     ? 
_refine_ls_shell.R_factor_obs                     ? 
_refine_ls_shell.R_factor_R_free                  0.285 
_refine_ls_shell.R_factor_R_free_error            ? 
_refine_ls_shell.R_factor_R_work                  0.273 
_refine_ls_shell.redundancy_reflns_all            ? 
_refine_ls_shell.redundancy_reflns_obs            ? 
_refine_ls_shell.wR_factor_all                    ? 
_refine_ls_shell.wR_factor_obs                    ? 
_refine_ls_shell.wR_factor_R_free                 ? 
_refine_ls_shell.wR_factor_R_work                 ? 
_refine_ls_shell.pdbx_total_number_of_bins_used   20 
_refine_ls_shell.pdbx_phase_error                 ? 
_refine_ls_shell.pdbx_fsc_work                    ? 
_refine_ls_shell.pdbx_fsc_free                    ? 
# 
_struct.entry_id                     6H8G 
_struct.title                        'MamM CTD H264E - Cadmium form 1' 
_struct.pdbx_model_details           ? 
_struct.pdbx_formula_weight          ? 
_struct.pdbx_formula_weight_method   ? 
_struct.pdbx_model_type_details      ? 
_struct.pdbx_CASP_flag               N 
# 
_struct_keywords.entry_id        6H8G 
_struct_keywords.text            'Cation diffusion facilitator, magnetotactic bacteria, METAL TRANSPORT' 
_struct_keywords.pdbx_keywords   'METAL TRANSPORT' 
# 
loop_
_struct_asym.id 
_struct_asym.pdbx_blank_PDB_chainid_flag 
_struct_asym.pdbx_modified 
_struct_asym.entity_id 
_struct_asym.details 
A N N 1 ? 
B N N 2 ? 
C N N 2 ? 
D N N 3 ? 
E N N 3 ? 
F N N 3 ? 
G N N 4 ? 
H N N 5 ? 
# 
_struct_ref.id                         1 
_struct_ref.db_name                    UNP 
_struct_ref.db_code                    Q6NE57_9PROT 
_struct_ref.pdbx_db_accession          Q6NE57 
_struct_ref.pdbx_db_isoform            ? 
_struct_ref.entity_id                  1 
_struct_ref.pdbx_seq_one_letter_code   
;EAVQNRIVEAAERVPGVRGVIHLRARYVGQDIWADMIIGVDPENTVEQAHEICEAVQAAVCGKIRRIESLHVSAEAREIG
DTTKPSFSDQPLSFDEVMLSKVDN
;
_struct_ref.pdbx_align_begin           215 
# 
_struct_ref_seq.align_id                      1 
_struct_ref_seq.ref_id                        1 
_struct_ref_seq.pdbx_PDB_id_code              6H8G 
_struct_ref_seq.pdbx_strand_id                A 
_struct_ref_seq.seq_align_beg                 5 
_struct_ref_seq.pdbx_seq_align_beg_ins_code   ? 
_struct_ref_seq.seq_align_end                 108 
_struct_ref_seq.pdbx_seq_align_end_ins_code   ? 
_struct_ref_seq.pdbx_db_accession             Q6NE57 
_struct_ref_seq.db_align_beg                  215 
_struct_ref_seq.pdbx_db_align_beg_ins_code    ? 
_struct_ref_seq.db_align_end                  318 
_struct_ref_seq.pdbx_db_align_end_ins_code    ? 
_struct_ref_seq.pdbx_auth_seq_align_beg       215 
_struct_ref_seq.pdbx_auth_seq_align_end       318 
# 
loop_
_struct_ref_seq_dif.align_id 
_struct_ref_seq_dif.pdbx_pdb_id_code 
_struct_ref_seq_dif.mon_id 
_struct_ref_seq_dif.pdbx_pdb_strand_id 
_struct_ref_seq_dif.seq_num 
_struct_ref_seq_dif.pdbx_pdb_ins_code 
_struct_ref_seq_dif.pdbx_seq_db_name 
_struct_ref_seq_dif.pdbx_seq_db_accession_code 
_struct_ref_seq_dif.db_mon_id 
_struct_ref_seq_dif.pdbx_seq_db_seq_num 
_struct_ref_seq_dif.details 
_struct_ref_seq_dif.pdbx_auth_seq_num 
_struct_ref_seq_dif.pdbx_ordinal 
1 6H8G GLY A 1  ? UNP Q6NE57 ?   ?   'expression tag'      211 1 
1 6H8G SER A 2  ? UNP Q6NE57 ?   ?   'expression tag'      212 2 
1 6H8G HIS A 3  ? UNP Q6NE57 ?   ?   'expression tag'      213 3 
1 6H8G MET A 4  ? UNP Q6NE57 ?   ?   'expression tag'      214 4 
1 6H8G GLU A 54 ? UNP Q6NE57 HIS 264 'engineered mutation' 264 5 
# 
_pdbx_struct_assembly.id                   1 
_pdbx_struct_assembly.details              software_defined_assembly 
_pdbx_struct_assembly.method_details       PISA 
_pdbx_struct_assembly.oligomeric_details   dimeric 
_pdbx_struct_assembly.oligomeric_count     2 
# 
loop_
_pdbx_struct_assembly_prop.biol_id 
_pdbx_struct_assembly_prop.type 
_pdbx_struct_assembly_prop.value 
_pdbx_struct_assembly_prop.details 
1 'ABSA (A^2)' 2260 ? 
1 MORE         -110 ? 
1 'SSA (A^2)'  9480 ? 
# 
_pdbx_struct_assembly_gen.assembly_id       1 
_pdbx_struct_assembly_gen.oper_expression   1,2 
_pdbx_struct_assembly_gen.asym_id_list      A,B,C,D,E,F,G,H 
# 
_pdbx_struct_assembly_auth_evidence.id                     1 
_pdbx_struct_assembly_auth_evidence.assembly_id            1 
_pdbx_struct_assembly_auth_evidence.experimental_support   'gel filtration' 
_pdbx_struct_assembly_auth_evidence.details                ? 
# 
loop_
_pdbx_struct_oper_list.id 
_pdbx_struct_oper_list.type 
_pdbx_struct_oper_list.name 
_pdbx_struct_oper_list.symmetry_operation 
_pdbx_struct_oper_list.matrix[1][1] 
_pdbx_struct_oper_list.matrix[1][2] 
_pdbx_struct_oper_list.matrix[1][3] 
_pdbx_struct_oper_list.vector[1] 
_pdbx_struct_oper_list.matrix[2][1] 
_pdbx_struct_oper_list.matrix[2][2] 
_pdbx_struct_oper_list.matrix[2][3] 
_pdbx_struct_oper_list.vector[2] 
_pdbx_struct_oper_list.matrix[3][1] 
_pdbx_struct_oper_list.matrix[3][2] 
_pdbx_struct_oper_list.matrix[3][3] 
_pdbx_struct_oper_list.vector[3] 
1 'identity operation'         1_555 x,y,z         1.0000000000  0.0000000000  0.0000000000 0.0000000000  0.0000000000  1.0000000000  0.0000000000  0.0000000000   0.0000000000 0.0000000000  1.0000000000 0.0000000000   
2 'crystal symmetry operation' 3_755 -x+2,y,-z+1/2 -0.9999845024 -0.0032881435 0.0044925484 -3.8536701549 -0.0032881435 -0.3023490084 -0.9531916204 -22.9437860406 0.0044925484 -0.9531916204 0.3023335109 -16.7795051054 
# 
loop_
_struct_conf.conf_type_id 
_struct_conf.id 
_struct_conf.pdbx_PDB_helix_id 
_struct_conf.beg_label_comp_id 
_struct_conf.beg_label_asym_id 
_struct_conf.beg_label_seq_id 
_struct_conf.pdbx_beg_PDB_ins_code 
_struct_conf.end_label_comp_id 
_struct_conf.end_label_asym_id 
_struct_conf.end_label_seq_id 
_struct_conf.pdbx_end_PDB_ins_code 
_struct_conf.beg_auth_comp_id 
_struct_conf.beg_auth_asym_id 
_struct_conf.beg_auth_seq_id 
_struct_conf.end_auth_comp_id 
_struct_conf.end_auth_asym_id 
_struct_conf.end_auth_seq_id 
_struct_conf.pdbx_PDB_helix_class 
_struct_conf.details 
_struct_conf.pdbx_PDB_helix_length 
HELX_P HELX_P1 AA1 MET A 4  ? ARG A 17 ? MET A 214 ARG A 227 1 ? 14 
HELX_P HELX_P2 AA2 THR A 49 ? ILE A 68 ? THR A 259 ILE A 278 1 ? 20 
# 
_struct_conf_type.id          HELX_P 
_struct_conf_type.criteria    ? 
_struct_conf_type.reference   ? 
# 
loop_
_struct_conn.id 
_struct_conn.conn_type_id 
_struct_conn.pdbx_leaving_atom_flag 
_struct_conn.pdbx_PDB_id 
_struct_conn.ptnr1_label_asym_id 
_struct_conn.ptnr1_label_comp_id 
_struct_conn.ptnr1_label_seq_id 
_struct_conn.ptnr1_label_atom_id 
_struct_conn.pdbx_ptnr1_label_alt_id 
_struct_conn.pdbx_ptnr1_PDB_ins_code 
_struct_conn.pdbx_ptnr1_standard_comp_id 
_struct_conn.ptnr1_symmetry 
_struct_conn.ptnr2_label_asym_id 
_struct_conn.ptnr2_label_comp_id 
_struct_conn.ptnr2_label_seq_id 
_struct_conn.ptnr2_label_atom_id 
_struct_conn.pdbx_ptnr2_label_alt_id 
_struct_conn.pdbx_ptnr2_PDB_ins_code 
_struct_conn.ptnr1_auth_asym_id 
_struct_conn.ptnr1_auth_comp_id 
_struct_conn.ptnr1_auth_seq_id 
_struct_conn.ptnr2_auth_asym_id 
_struct_conn.ptnr2_auth_comp_id 
_struct_conn.ptnr2_auth_seq_id 
_struct_conn.ptnr2_symmetry 
_struct_conn.pdbx_ptnr3_label_atom_id 
_struct_conn.pdbx_ptnr3_label_seq_id 
_struct_conn.pdbx_ptnr3_label_comp_id 
_struct_conn.pdbx_ptnr3_label_asym_id 
_struct_conn.pdbx_ptnr3_label_alt_id 
_struct_conn.pdbx_ptnr3_PDB_ins_code 
_struct_conn.details 
_struct_conn.pdbx_dist_value 
_struct_conn.pdbx_value_order 
_struct_conn.pdbx_role 
covale1 covale none ? A CYS 65 SG  ? ? ? 1_555 G BME . S2 ? ? A CYS 275 A BME 406 1_555 ? ? ? ? ? ? ? 1.886 ? ? 
metalc1 metalc ?    ? A GLU 13 OE1 ? ? ? 1_555 D CD  . CD ? ? A GLU 223 A CD  403 1_555 ? ? ? ? ? ? ? 2.626 ? ? 
metalc2 metalc ?    ? A GLU 13 OE2 ? ? ? 1_555 D CD  . CD ? ? A GLU 223 A CD  403 1_555 ? ? ? ? ? ? ? 2.426 ? ? 
metalc3 metalc ?    ? A ARG 17 NH1 ? ? ? 1_555 D CD  . CD ? ? A ARG 227 A CD  403 1_555 ? ? ? ? ? ? ? 2.396 ? ? 
metalc4 metalc ?    ? A ASP 39 OD1 B ? ? 1_555 F CD  . CD ? ? A ASP 249 A CD  405 1_555 ? ? ? ? ? ? ? 1.974 ? ? 
metalc5 metalc ?    ? A GLU 47 OE1 B ? ? 1_555 D CD  . CD ? ? A GLU 257 A CD  403 4_555 ? ? ? ? ? ? ? 2.010 ? ? 
metalc6 metalc ?    ? A HIS 75 ND1 A ? ? 1_555 E CD  . CD ? ? A HIS 285 A CD  404 1_555 ? ? ? ? ? ? ? 2.353 ? ? 
metalc7 metalc ?    ? A HIS 75 NE2 B ? ? 1_555 F CD  . CD ? ? A HIS 285 A CD  405 1_555 ? ? ? ? ? ? ? 2.490 ? ? 
metalc8 metalc ?    ? E CD  .  CD  ? ? ? 1_555 H HOH . O  ? ? A CD  404 A HOH 504 1_555 ? ? ? ? ? ? ? 2.539 ? ? 
metalc9 metalc ?    ? E CD  .  CD  ? ? ? 1_555 H HOH . O  ? ? A CD  404 A HOH 546 1_555 ? ? ? ? ? ? ? 2.460 ? ? 
# 
loop_
_struct_conn_type.id 
_struct_conn_type.criteria 
_struct_conn_type.reference 
covale ? ? 
metalc ? ? 
# 
loop_
_pdbx_struct_conn_angle.id 
_pdbx_struct_conn_angle.ptnr1_label_atom_id 
_pdbx_struct_conn_angle.ptnr1_label_alt_id 
_pdbx_struct_conn_angle.ptnr1_label_asym_id 
_pdbx_struct_conn_angle.ptnr1_label_comp_id 
_pdbx_struct_conn_angle.ptnr1_label_seq_id 
_pdbx_struct_conn_angle.ptnr1_auth_atom_id 
_pdbx_struct_conn_angle.ptnr1_auth_asym_id 
_pdbx_struct_conn_angle.ptnr1_auth_comp_id 
_pdbx_struct_conn_angle.ptnr1_auth_seq_id 
_pdbx_struct_conn_angle.ptnr1_PDB_ins_code 
_pdbx_struct_conn_angle.ptnr1_symmetry 
_pdbx_struct_conn_angle.ptnr2_label_atom_id 
_pdbx_struct_conn_angle.ptnr2_label_alt_id 
_pdbx_struct_conn_angle.ptnr2_label_asym_id 
_pdbx_struct_conn_angle.ptnr2_label_comp_id 
_pdbx_struct_conn_angle.ptnr2_label_seq_id 
_pdbx_struct_conn_angle.ptnr2_auth_atom_id 
_pdbx_struct_conn_angle.ptnr2_auth_asym_id 
_pdbx_struct_conn_angle.ptnr2_auth_comp_id 
_pdbx_struct_conn_angle.ptnr2_auth_seq_id 
_pdbx_struct_conn_angle.ptnr2_PDB_ins_code 
_pdbx_struct_conn_angle.ptnr2_symmetry 
_pdbx_struct_conn_angle.ptnr3_label_atom_id 
_pdbx_struct_conn_angle.ptnr3_label_alt_id 
_pdbx_struct_conn_angle.ptnr3_label_asym_id 
_pdbx_struct_conn_angle.ptnr3_label_comp_id 
_pdbx_struct_conn_angle.ptnr3_label_seq_id 
_pdbx_struct_conn_angle.ptnr3_auth_atom_id 
_pdbx_struct_conn_angle.ptnr3_auth_asym_id 
_pdbx_struct_conn_angle.ptnr3_auth_comp_id 
_pdbx_struct_conn_angle.ptnr3_auth_seq_id 
_pdbx_struct_conn_angle.ptnr3_PDB_ins_code 
_pdbx_struct_conn_angle.ptnr3_symmetry 
_pdbx_struct_conn_angle.value 
_pdbx_struct_conn_angle.value_esd 
1  OE1 ? A GLU 13 ? A GLU 223 ? 1_555 CD ? D CD . ? A CD 403 ? 1_555 OE2 ? A GLU 13 ? A GLU 223 ? 1_555 51.1  ? 
2  OE1 ? A GLU 13 ? A GLU 223 ? 1_555 CD ? D CD . ? A CD 403 ? 1_555 NH1 ? A ARG 17 ? A ARG 227 ? 1_555 85.5  ? 
3  OE2 ? A GLU 13 ? A GLU 223 ? 1_555 CD ? D CD . ? A CD 403 ? 1_555 NH1 ? A ARG 17 ? A ARG 227 ? 1_555 83.2  ? 
4  OE1 ? A GLU 13 ? A GLU 223 ? 1_555 CD ? D CD . ? A CD 403 ? 1_555 OE1 B A GLU 47 ? A GLU 257 ? 1_555 107.4 ? 
5  OE2 ? A GLU 13 ? A GLU 223 ? 1_555 CD ? D CD . ? A CD 403 ? 1_555 OE1 B A GLU 47 ? A GLU 257 ? 1_555 111.9 ? 
6  NH1 ? A ARG 17 ? A ARG 227 ? 1_555 CD ? D CD . ? A CD 403 ? 1_555 OE1 B A GLU 47 ? A GLU 257 ? 1_555 29.2  ? 
7  OD1 B A ASP 39 ? A ASP 249 ? 1_555 CD ? F CD . ? A CD 405 ? 1_555 NE2 B A HIS 75 ? A HIS 285 ? 1_555 118.9 ? 
8  ND1 A A HIS 75 ? A HIS 285 ? 1_555 CD ? E CD . ? A CD 404 ? 1_555 O   ? H HOH .  ? A HOH 504 ? 1_555 103.8 ? 
9  ND1 A A HIS 75 ? A HIS 285 ? 1_555 CD ? E CD . ? A CD 404 ? 1_555 O   ? H HOH .  ? A HOH 546 ? 1_555 103.0 ? 
10 O   ? H HOH .  ? A HOH 504 ? 1_555 CD ? E CD . ? A CD 404 ? 1_555 O   ? H HOH .  ? A HOH 546 ? 1_555 152.8 ? 
# 
_struct_sheet.id               AA1 
_struct_sheet.type             ? 
_struct_sheet.number_strands   3 
_struct_sheet.details          ? 
# 
loop_
_struct_sheet_order.sheet_id 
_struct_sheet_order.range_id_1 
_struct_sheet_order.range_id_2 
_struct_sheet_order.offset 
_struct_sheet_order.sense 
AA1 1 2 ? anti-parallel 
AA1 2 3 ? parallel      
# 
loop_
_struct_sheet_range.sheet_id 
_struct_sheet_range.id 
_struct_sheet_range.beg_label_comp_id 
_struct_sheet_range.beg_label_asym_id 
_struct_sheet_range.beg_label_seq_id 
_struct_sheet_range.pdbx_beg_PDB_ins_code 
_struct_sheet_range.end_label_comp_id 
_struct_sheet_range.end_label_asym_id 
_struct_sheet_range.end_label_seq_id 
_struct_sheet_range.pdbx_end_PDB_ins_code 
_struct_sheet_range.beg_auth_comp_id 
_struct_sheet_range.beg_auth_asym_id 
_struct_sheet_range.beg_auth_seq_id 
_struct_sheet_range.end_auth_comp_id 
_struct_sheet_range.end_auth_asym_id 
_struct_sheet_range.end_auth_seq_id 
AA1 1 VAL A 24 ? VAL A 32 ? VAL A 234 VAL A 242 
AA1 2 ASP A 35 ? VAL A 44 ? ASP A 245 VAL A 254 
AA1 3 ILE A 71 ? ALA A 80 ? ILE A 281 ALA A 290 
# 
loop_
_pdbx_struct_sheet_hbond.sheet_id 
_pdbx_struct_sheet_hbond.range_id_1 
_pdbx_struct_sheet_hbond.range_id_2 
_pdbx_struct_sheet_hbond.range_1_label_atom_id 
_pdbx_struct_sheet_hbond.range_1_label_comp_id 
_pdbx_struct_sheet_hbond.range_1_label_asym_id 
_pdbx_struct_sheet_hbond.range_1_label_seq_id 
_pdbx_struct_sheet_hbond.range_1_PDB_ins_code 
_pdbx_struct_sheet_hbond.range_1_auth_atom_id 
_pdbx_struct_sheet_hbond.range_1_auth_comp_id 
_pdbx_struct_sheet_hbond.range_1_auth_asym_id 
_pdbx_struct_sheet_hbond.range_1_auth_seq_id 
_pdbx_struct_sheet_hbond.range_2_label_atom_id 
_pdbx_struct_sheet_hbond.range_2_label_comp_id 
_pdbx_struct_sheet_hbond.range_2_label_asym_id 
_pdbx_struct_sheet_hbond.range_2_label_seq_id 
_pdbx_struct_sheet_hbond.range_2_PDB_ins_code 
_pdbx_struct_sheet_hbond.range_2_auth_atom_id 
_pdbx_struct_sheet_hbond.range_2_auth_comp_id 
_pdbx_struct_sheet_hbond.range_2_auth_asym_id 
_pdbx_struct_sheet_hbond.range_2_auth_seq_id 
AA1 1 2 N VAL A 32 ? N VAL A 242 O ASP A 35 ? O ASP A 245 
AA1 2 3 N ILE A 36 ? N ILE A 246 O GLU A 72 ? O GLU A 282 
# 
loop_
_struct_site.id 
_struct_site.pdbx_evidence_code 
_struct_site.pdbx_auth_asym_id 
_struct_site.pdbx_auth_comp_id 
_struct_site.pdbx_auth_seq_id 
_struct_site.pdbx_auth_ins_code 
_struct_site.pdbx_num_residues 
_struct_site.details 
AC1 Software A SO4 401 ? 7 'binding site for residue SO4 A 401' 
AC2 Software A SO4 402 ? 3 'binding site for residue SO4 A 402' 
AC3 Software A CD  403 ? 3 'binding site for residue CD A 403'  
AC4 Software A CD  404 ? 3 'binding site for residue CD A 404'  
AC5 Software A CD  405 ? 3 'binding site for residue CD A 405'  
AC6 Software A BME 406 ? 3 'binding site for residue BME A 406' 
# 
loop_
_struct_site_gen.id 
_struct_site_gen.site_id 
_struct_site_gen.pdbx_num_res 
_struct_site_gen.label_comp_id 
_struct_site_gen.label_asym_id 
_struct_site_gen.label_seq_id 
_struct_site_gen.pdbx_auth_ins_code 
_struct_site_gen.auth_comp_id 
_struct_site_gen.auth_asym_id 
_struct_site_gen.auth_seq_id 
_struct_site_gen.label_atom_id 
_struct_site_gen.label_alt_id 
_struct_site_gen.symmetry 
_struct_site_gen.details 
1  AC1 7 ALA A 6  ? ALA A 216 . ? 3_755 ? 
2  AC1 7 ARG A 10 ? ARG A 220 . ? 1_555 ? 
3  AC1 7 LYS A 67 ? LYS A 277 . ? 1_555 ? 
4  AC1 7 ILE A 68 ? ILE A 278 . ? 1_555 ? 
5  AC1 7 ARG A 69 ? ARG A 279 . ? 1_555 ? 
6  AC1 7 ARG A 70 ? ARG A 280 . ? 1_555 ? 
7  AC1 7 HOH H .  ? HOH A 536 . ? 3_755 ? 
8  AC2 3 ARG A 70 ? ARG A 280 . ? 1_555 ? 
9  AC2 3 ARG A 70 ? ARG A 280 . ? 3_755 ? 
10 AC2 3 HOH H .  ? HOH A 542 . ? 3_755 ? 
11 AC3 3 GLU A 13 ? GLU A 223 . ? 1_555 ? 
12 AC3 3 ARG A 17 ? ARG A 227 . ? 1_555 ? 
13 AC3 3 GLU A 47 ? GLU A 257 . ? 4_555 ? 
14 AC4 3 HIS A 75 ? HIS A 285 . ? 1_555 ? 
15 AC4 3 HOH H .  ? HOH A 504 . ? 1_555 ? 
16 AC4 3 HOH H .  ? HOH A 546 . ? 1_555 ? 
17 AC5 3 GLU A 5  ? GLU A 215 . ? 8_455 ? 
18 AC5 3 ASP A 39 ? ASP A 249 . ? 1_555 ? 
19 AC5 3 HIS A 75 ? HIS A 285 . ? 1_555 ? 
20 AC6 3 ARG A 30 ? ARG A 240 . ? 8_455 ? 
21 AC6 3 CYS A 65 ? CYS A 275 . ? 1_555 ? 
22 AC6 3 ILE A 71 ? ILE A 281 . ? 1_555 ? 
# 
loop_
_pdbx_validate_close_contact.id 
_pdbx_validate_close_contact.PDB_model_num 
_pdbx_validate_close_contact.auth_atom_id_1 
_pdbx_validate_close_contact.auth_asym_id_1 
_pdbx_validate_close_contact.auth_comp_id_1 
_pdbx_validate_close_contact.auth_seq_id_1 
_pdbx_validate_close_contact.PDB_ins_code_1 
_pdbx_validate_close_contact.label_alt_id_1 
_pdbx_validate_close_contact.auth_atom_id_2 
_pdbx_validate_close_contact.auth_asym_id_2 
_pdbx_validate_close_contact.auth_comp_id_2 
_pdbx_validate_close_contact.auth_seq_id_2 
_pdbx_validate_close_contact.PDB_ins_code_2 
_pdbx_validate_close_contact.label_alt_id_2 
_pdbx_validate_close_contact.dist 
1 1 O   A HOH 501 ? ? O A HOH 543 ? ? 1.78 
2 1 OE1 A GLN 218 ? ? O A HOH 501 ? ? 2.03 
# 
_pdbx_validate_rmsd_angle.id                         1 
_pdbx_validate_rmsd_angle.PDB_model_num              1 
_pdbx_validate_rmsd_angle.auth_atom_id_1             NE 
_pdbx_validate_rmsd_angle.auth_asym_id_1             A 
_pdbx_validate_rmsd_angle.auth_comp_id_1             ARG 
_pdbx_validate_rmsd_angle.auth_seq_id_1              227 
_pdbx_validate_rmsd_angle.PDB_ins_code_1             ? 
_pdbx_validate_rmsd_angle.label_alt_id_1             ? 
_pdbx_validate_rmsd_angle.auth_atom_id_2             CZ 
_pdbx_validate_rmsd_angle.auth_asym_id_2             A 
_pdbx_validate_rmsd_angle.auth_comp_id_2             ARG 
_pdbx_validate_rmsd_angle.auth_seq_id_2              227 
_pdbx_validate_rmsd_angle.PDB_ins_code_2             ? 
_pdbx_validate_rmsd_angle.label_alt_id_2             ? 
_pdbx_validate_rmsd_angle.auth_atom_id_3             NH2 
_pdbx_validate_rmsd_angle.auth_asym_id_3             A 
_pdbx_validate_rmsd_angle.auth_comp_id_3             ARG 
_pdbx_validate_rmsd_angle.auth_seq_id_3              227 
_pdbx_validate_rmsd_angle.PDB_ins_code_3             ? 
_pdbx_validate_rmsd_angle.label_alt_id_3             ? 
_pdbx_validate_rmsd_angle.angle_value                117.14 
_pdbx_validate_rmsd_angle.angle_target_value         120.30 
_pdbx_validate_rmsd_angle.angle_deviation            -3.16 
_pdbx_validate_rmsd_angle.angle_standard_deviation   0.50 
_pdbx_validate_rmsd_angle.linker_flag                N 
# 
_pdbx_validate_torsion.id              1 
_pdbx_validate_torsion.PDB_model_num   1 
_pdbx_validate_torsion.auth_comp_id    ARG 
_pdbx_validate_torsion.auth_asym_id    A 
_pdbx_validate_torsion.auth_seq_id     232 
_pdbx_validate_torsion.PDB_ins_code    ? 
_pdbx_validate_torsion.label_alt_id    ? 
_pdbx_validate_torsion.phi             -110.04 
_pdbx_validate_torsion.psi             69.15 
# 
loop_
_pdbx_unobs_or_zero_occ_residues.id 
_pdbx_unobs_or_zero_occ_residues.PDB_model_num 
_pdbx_unobs_or_zero_occ_residues.polymer_flag 
_pdbx_unobs_or_zero_occ_residues.occupancy_flag 
_pdbx_unobs_or_zero_occ_residues.auth_asym_id 
_pdbx_unobs_or_zero_occ_residues.auth_comp_id 
_pdbx_unobs_or_zero_occ_residues.auth_seq_id 
_pdbx_unobs_or_zero_occ_residues.PDB_ins_code 
_pdbx_unobs_or_zero_occ_residues.label_asym_id 
_pdbx_unobs_or_zero_occ_residues.label_comp_id 
_pdbx_unobs_or_zero_occ_residues.label_seq_id 
1  1 Y 1 A GLY 211 ? A GLY 1   
2  1 Y 1 A SER 212 ? A SER 2   
3  1 Y 1 A HIS 213 ? A HIS 3   
4  1 Y 1 A ILE 293 ? A ILE 83  
5  1 Y 1 A GLY 294 ? A GLY 84  
6  1 Y 1 A ASP 295 ? A ASP 85  
7  1 Y 1 A THR 296 ? A THR 86  
8  1 Y 1 A THR 297 ? A THR 87  
9  1 Y 1 A LYS 298 ? A LYS 88  
10 1 Y 1 A PRO 299 ? A PRO 89  
11 1 Y 1 A SER 300 ? A SER 90  
12 1 Y 1 A PHE 301 ? A PHE 91  
13 1 Y 1 A SER 302 ? A SER 92  
14 1 Y 1 A ASP 303 ? A ASP 93  
15 1 Y 1 A GLN 304 ? A GLN 94  
16 1 Y 1 A PRO 305 ? A PRO 95  
17 1 Y 1 A LEU 306 ? A LEU 96  
18 1 Y 1 A SER 307 ? A SER 97  
19 1 Y 1 A PHE 308 ? A PHE 98  
20 1 Y 1 A ASP 309 ? A ASP 99  
21 1 Y 1 A GLU 310 ? A GLU 100 
22 1 Y 1 A VAL 311 ? A VAL 101 
23 1 Y 1 A MET 312 ? A MET 102 
24 1 Y 1 A LEU 313 ? A LEU 103 
25 1 Y 1 A SER 314 ? A SER 104 
26 1 Y 1 A LYS 315 ? A LYS 105 
27 1 Y 1 A VAL 316 ? A VAL 106 
28 1 Y 1 A ASP 317 ? A ASP 107 
29 1 Y 1 A ASN 318 ? A ASN 108 
# 
loop_
_chem_comp_atom.comp_id 
_chem_comp_atom.atom_id 
_chem_comp_atom.type_symbol 
_chem_comp_atom.pdbx_aromatic_flag 
_chem_comp_atom.pdbx_stereo_config 
_chem_comp_atom.pdbx_ordinal 
ALA N    N  N N 1   
ALA CA   C  N S 2   
ALA C    C  N N 3   
ALA O    O  N N 4   
ALA CB   C  N N 5   
ALA OXT  O  N N 6   
ALA H    H  N N 7   
ALA H2   H  N N 8   
ALA HA   H  N N 9   
ALA HB1  H  N N 10  
ALA HB2  H  N N 11  
ALA HB3  H  N N 12  
ALA HXT  H  N N 13  
ARG N    N  N N 14  
ARG CA   C  N S 15  
ARG C    C  N N 16  
ARG O    O  N N 17  
ARG CB   C  N N 18  
ARG CG   C  N N 19  
ARG CD   C  N N 20  
ARG NE   N  N N 21  
ARG CZ   C  N N 22  
ARG NH1  N  N N 23  
ARG NH2  N  N N 24  
ARG OXT  O  N N 25  
ARG H    H  N N 26  
ARG H2   H  N N 27  
ARG HA   H  N N 28  
ARG HB2  H  N N 29  
ARG HB3  H  N N 30  
ARG HG2  H  N N 31  
ARG HG3  H  N N 32  
ARG HD2  H  N N 33  
ARG HD3  H  N N 34  
ARG HE   H  N N 35  
ARG HH11 H  N N 36  
ARG HH12 H  N N 37  
ARG HH21 H  N N 38  
ARG HH22 H  N N 39  
ARG HXT  H  N N 40  
ASN N    N  N N 41  
ASN CA   C  N S 42  
ASN C    C  N N 43  
ASN O    O  N N 44  
ASN CB   C  N N 45  
ASN CG   C  N N 46  
ASN OD1  O  N N 47  
ASN ND2  N  N N 48  
ASN OXT  O  N N 49  
ASN H    H  N N 50  
ASN H2   H  N N 51  
ASN HA   H  N N 52  
ASN HB2  H  N N 53  
ASN HB3  H  N N 54  
ASN HD21 H  N N 55  
ASN HD22 H  N N 56  
ASN HXT  H  N N 57  
ASP N    N  N N 58  
ASP CA   C  N S 59  
ASP C    C  N N 60  
ASP O    O  N N 61  
ASP CB   C  N N 62  
ASP CG   C  N N 63  
ASP OD1  O  N N 64  
ASP OD2  O  N N 65  
ASP OXT  O  N N 66  
ASP H    H  N N 67  
ASP H2   H  N N 68  
ASP HA   H  N N 69  
ASP HB2  H  N N 70  
ASP HB3  H  N N 71  
ASP HD2  H  N N 72  
ASP HXT  H  N N 73  
BME C1   C  N N 74  
BME C2   C  N N 75  
BME O1   O  N N 76  
BME S2   S  N N 77  
BME H11  H  N N 78  
BME H12  H  N N 79  
BME H21  H  N N 80  
BME H22  H  N N 81  
BME HO1  H  N N 82  
BME HS2  H  N N 83  
CD  CD   CD N N 84  
CYS N    N  N N 85  
CYS CA   C  N R 86  
CYS C    C  N N 87  
CYS O    O  N N 88  
CYS CB   C  N N 89  
CYS SG   S  N N 90  
CYS OXT  O  N N 91  
CYS H    H  N N 92  
CYS H2   H  N N 93  
CYS HA   H  N N 94  
CYS HB2  H  N N 95  
CYS HB3  H  N N 96  
CYS HG   H  N N 97  
CYS HXT  H  N N 98  
GLN N    N  N N 99  
GLN CA   C  N S 100 
GLN C    C  N N 101 
GLN O    O  N N 102 
GLN CB   C  N N 103 
GLN CG   C  N N 104 
GLN CD   C  N N 105 
GLN OE1  O  N N 106 
GLN NE2  N  N N 107 
GLN OXT  O  N N 108 
GLN H    H  N N 109 
GLN H2   H  N N 110 
GLN HA   H  N N 111 
GLN HB2  H  N N 112 
GLN HB3  H  N N 113 
GLN HG2  H  N N 114 
GLN HG3  H  N N 115 
GLN HE21 H  N N 116 
GLN HE22 H  N N 117 
GLN HXT  H  N N 118 
GLU N    N  N N 119 
GLU CA   C  N S 120 
GLU C    C  N N 121 
GLU O    O  N N 122 
GLU CB   C  N N 123 
GLU CG   C  N N 124 
GLU CD   C  N N 125 
GLU OE1  O  N N 126 
GLU OE2  O  N N 127 
GLU OXT  O  N N 128 
GLU H    H  N N 129 
GLU H2   H  N N 130 
GLU HA   H  N N 131 
GLU HB2  H  N N 132 
GLU HB3  H  N N 133 
GLU HG2  H  N N 134 
GLU HG3  H  N N 135 
GLU HE2  H  N N 136 
GLU HXT  H  N N 137 
GLY N    N  N N 138 
GLY CA   C  N N 139 
GLY C    C  N N 140 
GLY O    O  N N 141 
GLY OXT  O  N N 142 
GLY H    H  N N 143 
GLY H2   H  N N 144 
GLY HA2  H  N N 145 
GLY HA3  H  N N 146 
GLY HXT  H  N N 147 
HIS N    N  N N 148 
HIS CA   C  N S 149 
HIS C    C  N N 150 
HIS O    O  N N 151 
HIS CB   C  N N 152 
HIS CG   C  Y N 153 
HIS ND1  N  Y N 154 
HIS CD2  C  Y N 155 
HIS CE1  C  Y N 156 
HIS NE2  N  Y N 157 
HIS OXT  O  N N 158 
HIS H    H  N N 159 
HIS H2   H  N N 160 
HIS HA   H  N N 161 
HIS HB2  H  N N 162 
HIS HB3  H  N N 163 
HIS HD1  H  N N 164 
HIS HD2  H  N N 165 
HIS HE1  H  N N 166 
HIS HE2  H  N N 167 
HIS HXT  H  N N 168 
HOH O    O  N N 169 
HOH H1   H  N N 170 
HOH H2   H  N N 171 
ILE N    N  N N 172 
ILE CA   C  N S 173 
ILE C    C  N N 174 
ILE O    O  N N 175 
ILE CB   C  N S 176 
ILE CG1  C  N N 177 
ILE CG2  C  N N 178 
ILE CD1  C  N N 179 
ILE OXT  O  N N 180 
ILE H    H  N N 181 
ILE H2   H  N N 182 
ILE HA   H  N N 183 
ILE HB   H  N N 184 
ILE HG12 H  N N 185 
ILE HG13 H  N N 186 
ILE HG21 H  N N 187 
ILE HG22 H  N N 188 
ILE HG23 H  N N 189 
ILE HD11 H  N N 190 
ILE HD12 H  N N 191 
ILE HD13 H  N N 192 
ILE HXT  H  N N 193 
LEU N    N  N N 194 
LEU CA   C  N S 195 
LEU C    C  N N 196 
LEU O    O  N N 197 
LEU CB   C  N N 198 
LEU CG   C  N N 199 
LEU CD1  C  N N 200 
LEU CD2  C  N N 201 
LEU OXT  O  N N 202 
LEU H    H  N N 203 
LEU H2   H  N N 204 
LEU HA   H  N N 205 
LEU HB2  H  N N 206 
LEU HB3  H  N N 207 
LEU HG   H  N N 208 
LEU HD11 H  N N 209 
LEU HD12 H  N N 210 
LEU HD13 H  N N 211 
LEU HD21 H  N N 212 
LEU HD22 H  N N 213 
LEU HD23 H  N N 214 
LEU HXT  H  N N 215 
LYS N    N  N N 216 
LYS CA   C  N S 217 
LYS C    C  N N 218 
LYS O    O  N N 219 
LYS CB   C  N N 220 
LYS CG   C  N N 221 
LYS CD   C  N N 222 
LYS CE   C  N N 223 
LYS NZ   N  N N 224 
LYS OXT  O  N N 225 
LYS H    H  N N 226 
LYS H2   H  N N 227 
LYS HA   H  N N 228 
LYS HB2  H  N N 229 
LYS HB3  H  N N 230 
LYS HG2  H  N N 231 
LYS HG3  H  N N 232 
LYS HD2  H  N N 233 
LYS HD3  H  N N 234 
LYS HE2  H  N N 235 
LYS HE3  H  N N 236 
LYS HZ1  H  N N 237 
LYS HZ2  H  N N 238 
LYS HZ3  H  N N 239 
LYS HXT  H  N N 240 
MET N    N  N N 241 
MET CA   C  N S 242 
MET C    C  N N 243 
MET O    O  N N 244 
MET CB   C  N N 245 
MET CG   C  N N 246 
MET SD   S  N N 247 
MET CE   C  N N 248 
MET OXT  O  N N 249 
MET H    H  N N 250 
MET H2   H  N N 251 
MET HA   H  N N 252 
MET HB2  H  N N 253 
MET HB3  H  N N 254 
MET HG2  H  N N 255 
MET HG3  H  N N 256 
MET HE1  H  N N 257 
MET HE2  H  N N 258 
MET HE3  H  N N 259 
MET HXT  H  N N 260 
PHE N    N  N N 261 
PHE CA   C  N S 262 
PHE C    C  N N 263 
PHE O    O  N N 264 
PHE CB   C  N N 265 
PHE CG   C  Y N 266 
PHE CD1  C  Y N 267 
PHE CD2  C  Y N 268 
PHE CE1  C  Y N 269 
PHE CE2  C  Y N 270 
PHE CZ   C  Y N 271 
PHE OXT  O  N N 272 
PHE H    H  N N 273 
PHE H2   H  N N 274 
PHE HA   H  N N 275 
PHE HB2  H  N N 276 
PHE HB3  H  N N 277 
PHE HD1  H  N N 278 
PHE HD2  H  N N 279 
PHE HE1  H  N N 280 
PHE HE2  H  N N 281 
PHE HZ   H  N N 282 
PHE HXT  H  N N 283 
PRO N    N  N N 284 
PRO CA   C  N S 285 
PRO C    C  N N 286 
PRO O    O  N N 287 
PRO CB   C  N N 288 
PRO CG   C  N N 289 
PRO CD   C  N N 290 
PRO OXT  O  N N 291 
PRO H    H  N N 292 
PRO HA   H  N N 293 
PRO HB2  H  N N 294 
PRO HB3  H  N N 295 
PRO HG2  H  N N 296 
PRO HG3  H  N N 297 
PRO HD2  H  N N 298 
PRO HD3  H  N N 299 
PRO HXT  H  N N 300 
SER N    N  N N 301 
SER CA   C  N S 302 
SER C    C  N N 303 
SER O    O  N N 304 
SER CB   C  N N 305 
SER OG   O  N N 306 
SER OXT  O  N N 307 
SER H    H  N N 308 
SER H2   H  N N 309 
SER HA   H  N N 310 
SER HB2  H  N N 311 
SER HB3  H  N N 312 
SER HG   H  N N 313 
SER HXT  H  N N 314 
SO4 S    S  N N 315 
SO4 O1   O  N N 316 
SO4 O2   O  N N 317 
SO4 O3   O  N N 318 
SO4 O4   O  N N 319 
THR N    N  N N 320 
THR CA   C  N S 321 
THR C    C  N N 322 
THR O    O  N N 323 
THR CB   C  N R 324 
THR OG1  O  N N 325 
THR CG2  C  N N 326 
THR OXT  O  N N 327 
THR H    H  N N 328 
THR H2   H  N N 329 
THR HA   H  N N 330 
THR HB   H  N N 331 
THR HG1  H  N N 332 
THR HG21 H  N N 333 
THR HG22 H  N N 334 
THR HG23 H  N N 335 
THR HXT  H  N N 336 
TRP N    N  N N 337 
TRP CA   C  N S 338 
TRP C    C  N N 339 
TRP O    O  N N 340 
TRP CB   C  N N 341 
TRP CG   C  Y N 342 
TRP CD1  C  Y N 343 
TRP CD2  C  Y N 344 
TRP NE1  N  Y N 345 
TRP CE2  C  Y N 346 
TRP CE3  C  Y N 347 
TRP CZ2  C  Y N 348 
TRP CZ3  C  Y N 349 
TRP CH2  C  Y N 350 
TRP OXT  O  N N 351 
TRP H    H  N N 352 
TRP H2   H  N N 353 
TRP HA   H  N N 354 
TRP HB2  H  N N 355 
TRP HB3  H  N N 356 
TRP HD1  H  N N 357 
TRP HE1  H  N N 358 
TRP HE3  H  N N 359 
TRP HZ2  H  N N 360 
TRP HZ3  H  N N 361 
TRP HH2  H  N N 362 
TRP HXT  H  N N 363 
TYR N    N  N N 364 
TYR CA   C  N S 365 
TYR C    C  N N 366 
TYR O    O  N N 367 
TYR CB   C  N N 368 
TYR CG   C  Y N 369 
TYR CD1  C  Y N 370 
TYR CD2  C  Y N 371 
TYR CE1  C  Y N 372 
TYR CE2  C  Y N 373 
TYR CZ   C  Y N 374 
TYR OH   O  N N 375 
TYR OXT  O  N N 376 
TYR H    H  N N 377 
TYR H2   H  N N 378 
TYR HA   H  N N 379 
TYR HB2  H  N N 380 
TYR HB3  H  N N 381 
TYR HD1  H  N N 382 
TYR HD2  H  N N 383 
TYR HE1  H  N N 384 
TYR HE2  H  N N 385 
TYR HH   H  N N 386 
TYR HXT  H  N N 387 
VAL N    N  N N 388 
VAL CA   C  N S 389 
VAL C    C  N N 390 
VAL O    O  N N 391 
VAL CB   C  N N 392 
VAL CG1  C  N N 393 
VAL CG2  C  N N 394 
VAL OXT  O  N N 395 
VAL H    H  N N 396 
VAL H2   H  N N 397 
VAL HA   H  N N 398 
VAL HB   H  N N 399 
VAL HG11 H  N N 400 
VAL HG12 H  N N 401 
VAL HG13 H  N N 402 
VAL HG21 H  N N 403 
VAL HG22 H  N N 404 
VAL HG23 H  N N 405 
VAL HXT  H  N N 406 
# 
loop_
_chem_comp_bond.comp_id 
_chem_comp_bond.atom_id_1 
_chem_comp_bond.atom_id_2 
_chem_comp_bond.value_order 
_chem_comp_bond.pdbx_aromatic_flag 
_chem_comp_bond.pdbx_stereo_config 
_chem_comp_bond.pdbx_ordinal 
ALA N   CA   sing N N 1   
ALA N   H    sing N N 2   
ALA N   H2   sing N N 3   
ALA CA  C    sing N N 4   
ALA CA  CB   sing N N 5   
ALA CA  HA   sing N N 6   
ALA C   O    doub N N 7   
ALA C   OXT  sing N N 8   
ALA CB  HB1  sing N N 9   
ALA CB  HB2  sing N N 10  
ALA CB  HB3  sing N N 11  
ALA OXT HXT  sing N N 12  
ARG N   CA   sing N N 13  
ARG N   H    sing N N 14  
ARG N   H2   sing N N 15  
ARG CA  C    sing N N 16  
ARG CA  CB   sing N N 17  
ARG CA  HA   sing N N 18  
ARG C   O    doub N N 19  
ARG C   OXT  sing N N 20  
ARG CB  CG   sing N N 21  
ARG CB  HB2  sing N N 22  
ARG CB  HB3  sing N N 23  
ARG CG  CD   sing N N 24  
ARG CG  HG2  sing N N 25  
ARG CG  HG3  sing N N 26  
ARG CD  NE   sing N N 27  
ARG CD  HD2  sing N N 28  
ARG CD  HD3  sing N N 29  
ARG NE  CZ   sing N N 30  
ARG NE  HE   sing N N 31  
ARG CZ  NH1  sing N N 32  
ARG CZ  NH2  doub N N 33  
ARG NH1 HH11 sing N N 34  
ARG NH1 HH12 sing N N 35  
ARG NH2 HH21 sing N N 36  
ARG NH2 HH22 sing N N 37  
ARG OXT HXT  sing N N 38  
ASN N   CA   sing N N 39  
ASN N   H    sing N N 40  
ASN N   H2   sing N N 41  
ASN CA  C    sing N N 42  
ASN CA  CB   sing N N 43  
ASN CA  HA   sing N N 44  
ASN C   O    doub N N 45  
ASN C   OXT  sing N N 46  
ASN CB  CG   sing N N 47  
ASN CB  HB2  sing N N 48  
ASN CB  HB3  sing N N 49  
ASN CG  OD1  doub N N 50  
ASN CG  ND2  sing N N 51  
ASN ND2 HD21 sing N N 52  
ASN ND2 HD22 sing N N 53  
ASN OXT HXT  sing N N 54  
ASP N   CA   sing N N 55  
ASP N   H    sing N N 56  
ASP N   H2   sing N N 57  
ASP CA  C    sing N N 58  
ASP CA  CB   sing N N 59  
ASP CA  HA   sing N N 60  
ASP C   O    doub N N 61  
ASP C   OXT  sing N N 62  
ASP CB  CG   sing N N 63  
ASP CB  HB2  sing N N 64  
ASP CB  HB3  sing N N 65  
ASP CG  OD1  doub N N 66  
ASP CG  OD2  sing N N 67  
ASP OD2 HD2  sing N N 68  
ASP OXT HXT  sing N N 69  
BME C1  C2   sing N N 70  
BME C1  O1   sing N N 71  
BME C1  H11  sing N N 72  
BME C1  H12  sing N N 73  
BME C2  S2   sing N N 74  
BME C2  H21  sing N N 75  
BME C2  H22  sing N N 76  
BME O1  HO1  sing N N 77  
BME S2  HS2  sing N N 78  
CYS N   CA   sing N N 79  
CYS N   H    sing N N 80  
CYS N   H2   sing N N 81  
CYS CA  C    sing N N 82  
CYS CA  CB   sing N N 83  
CYS CA  HA   sing N N 84  
CYS C   O    doub N N 85  
CYS C   OXT  sing N N 86  
CYS CB  SG   sing N N 87  
CYS CB  HB2  sing N N 88  
CYS CB  HB3  sing N N 89  
CYS SG  HG   sing N N 90  
CYS OXT HXT  sing N N 91  
GLN N   CA   sing N N 92  
GLN N   H    sing N N 93  
GLN N   H2   sing N N 94  
GLN CA  C    sing N N 95  
GLN CA  CB   sing N N 96  
GLN CA  HA   sing N N 97  
GLN C   O    doub N N 98  
GLN C   OXT  sing N N 99  
GLN CB  CG   sing N N 100 
GLN CB  HB2  sing N N 101 
GLN CB  HB3  sing N N 102 
GLN CG  CD   sing N N 103 
GLN CG  HG2  sing N N 104 
GLN CG  HG3  sing N N 105 
GLN CD  OE1  doub N N 106 
GLN CD  NE2  sing N N 107 
GLN NE2 HE21 sing N N 108 
GLN NE2 HE22 sing N N 109 
GLN OXT HXT  sing N N 110 
GLU N   CA   sing N N 111 
GLU N   H    sing N N 112 
GLU N   H2   sing N N 113 
GLU CA  C    sing N N 114 
GLU CA  CB   sing N N 115 
GLU CA  HA   sing N N 116 
GLU C   O    doub N N 117 
GLU C   OXT  sing N N 118 
GLU CB  CG   sing N N 119 
GLU CB  HB2  sing N N 120 
GLU CB  HB3  sing N N 121 
GLU CG  CD   sing N N 122 
GLU CG  HG2  sing N N 123 
GLU CG  HG3  sing N N 124 
GLU CD  OE1  doub N N 125 
GLU CD  OE2  sing N N 126 
GLU OE2 HE2  sing N N 127 
GLU OXT HXT  sing N N 128 
GLY N   CA   sing N N 129 
GLY N   H    sing N N 130 
GLY N   H2   sing N N 131 
GLY CA  C    sing N N 132 
GLY CA  HA2  sing N N 133 
GLY CA  HA3  sing N N 134 
GLY C   O    doub N N 135 
GLY C   OXT  sing N N 136 
GLY OXT HXT  sing N N 137 
HIS N   CA   sing N N 138 
HIS N   H    sing N N 139 
HIS N   H2   sing N N 140 
HIS CA  C    sing N N 141 
HIS CA  CB   sing N N 142 
HIS CA  HA   sing N N 143 
HIS C   O    doub N N 144 
HIS C   OXT  sing N N 145 
HIS CB  CG   sing N N 146 
HIS CB  HB2  sing N N 147 
HIS CB  HB3  sing N N 148 
HIS CG  ND1  sing Y N 149 
HIS CG  CD2  doub Y N 150 
HIS ND1 CE1  doub Y N 151 
HIS ND1 HD1  sing N N 152 
HIS CD2 NE2  sing Y N 153 
HIS CD2 HD2  sing N N 154 
HIS CE1 NE2  sing Y N 155 
HIS CE1 HE1  sing N N 156 
HIS NE2 HE2  sing N N 157 
HIS OXT HXT  sing N N 158 
HOH O   H1   sing N N 159 
HOH O   H2   sing N N 160 
ILE N   CA   sing N N 161 
ILE N   H    sing N N 162 
ILE N   H2   sing N N 163 
ILE CA  C    sing N N 164 
ILE CA  CB   sing N N 165 
ILE CA  HA   sing N N 166 
ILE C   O    doub N N 167 
ILE C   OXT  sing N N 168 
ILE CB  CG1  sing N N 169 
ILE CB  CG2  sing N N 170 
ILE CB  HB   sing N N 171 
ILE CG1 CD1  sing N N 172 
ILE CG1 HG12 sing N N 173 
ILE CG1 HG13 sing N N 174 
ILE CG2 HG21 sing N N 175 
ILE CG2 HG22 sing N N 176 
ILE CG2 HG23 sing N N 177 
ILE CD1 HD11 sing N N 178 
ILE CD1 HD12 sing N N 179 
ILE CD1 HD13 sing N N 180 
ILE OXT HXT  sing N N 181 
LEU N   CA   sing N N 182 
LEU N   H    sing N N 183 
LEU N   H2   sing N N 184 
LEU CA  C    sing N N 185 
LEU CA  CB   sing N N 186 
LEU CA  HA   sing N N 187 
LEU C   O    doub N N 188 
LEU C   OXT  sing N N 189 
LEU CB  CG   sing N N 190 
LEU CB  HB2  sing N N 191 
LEU CB  HB3  sing N N 192 
LEU CG  CD1  sing N N 193 
LEU CG  CD2  sing N N 194 
LEU CG  HG   sing N N 195 
LEU CD1 HD11 sing N N 196 
LEU CD1 HD12 sing N N 197 
LEU CD1 HD13 sing N N 198 
LEU CD2 HD21 sing N N 199 
LEU CD2 HD22 sing N N 200 
LEU CD2 HD23 sing N N 201 
LEU OXT HXT  sing N N 202 
LYS N   CA   sing N N 203 
LYS N   H    sing N N 204 
LYS N   H2   sing N N 205 
LYS CA  C    sing N N 206 
LYS CA  CB   sing N N 207 
LYS CA  HA   sing N N 208 
LYS C   O    doub N N 209 
LYS C   OXT  sing N N 210 
LYS CB  CG   sing N N 211 
LYS CB  HB2  sing N N 212 
LYS CB  HB3  sing N N 213 
LYS CG  CD   sing N N 214 
LYS CG  HG2  sing N N 215 
LYS CG  HG3  sing N N 216 
LYS CD  CE   sing N N 217 
LYS CD  HD2  sing N N 218 
LYS CD  HD3  sing N N 219 
LYS CE  NZ   sing N N 220 
LYS CE  HE2  sing N N 221 
LYS CE  HE3  sing N N 222 
LYS NZ  HZ1  sing N N 223 
LYS NZ  HZ2  sing N N 224 
LYS NZ  HZ3  sing N N 225 
LYS OXT HXT  sing N N 226 
MET N   CA   sing N N 227 
MET N   H    sing N N 228 
MET N   H2   sing N N 229 
MET CA  C    sing N N 230 
MET CA  CB   sing N N 231 
MET CA  HA   sing N N 232 
MET C   O    doub N N 233 
MET C   OXT  sing N N 234 
MET CB  CG   sing N N 235 
MET CB  HB2  sing N N 236 
MET CB  HB3  sing N N 237 
MET CG  SD   sing N N 238 
MET CG  HG2  sing N N 239 
MET CG  HG3  sing N N 240 
MET SD  CE   sing N N 241 
MET CE  HE1  sing N N 242 
MET CE  HE2  sing N N 243 
MET CE  HE3  sing N N 244 
MET OXT HXT  sing N N 245 
PHE N   CA   sing N N 246 
PHE N   H    sing N N 247 
PHE N   H2   sing N N 248 
PHE CA  C    sing N N 249 
PHE CA  CB   sing N N 250 
PHE CA  HA   sing N N 251 
PHE C   O    doub N N 252 
PHE C   OXT  sing N N 253 
PHE CB  CG   sing N N 254 
PHE CB  HB2  sing N N 255 
PHE CB  HB3  sing N N 256 
PHE CG  CD1  doub Y N 257 
PHE CG  CD2  sing Y N 258 
PHE CD1 CE1  sing Y N 259 
PHE CD1 HD1  sing N N 260 
PHE CD2 CE2  doub Y N 261 
PHE CD2 HD2  sing N N 262 
PHE CE1 CZ   doub Y N 263 
PHE CE1 HE1  sing N N 264 
PHE CE2 CZ   sing Y N 265 
PHE CE2 HE2  sing N N 266 
PHE CZ  HZ   sing N N 267 
PHE OXT HXT  sing N N 268 
PRO N   CA   sing N N 269 
PRO N   CD   sing N N 270 
PRO N   H    sing N N 271 
PRO CA  C    sing N N 272 
PRO CA  CB   sing N N 273 
PRO CA  HA   sing N N 274 
PRO C   O    doub N N 275 
PRO C   OXT  sing N N 276 
PRO CB  CG   sing N N 277 
PRO CB  HB2  sing N N 278 
PRO CB  HB3  sing N N 279 
PRO CG  CD   sing N N 280 
PRO CG  HG2  sing N N 281 
PRO CG  HG3  sing N N 282 
PRO CD  HD2  sing N N 283 
PRO CD  HD3  sing N N 284 
PRO OXT HXT  sing N N 285 
SER N   CA   sing N N 286 
SER N   H    sing N N 287 
SER N   H2   sing N N 288 
SER CA  C    sing N N 289 
SER CA  CB   sing N N 290 
SER CA  HA   sing N N 291 
SER C   O    doub N N 292 
SER C   OXT  sing N N 293 
SER CB  OG   sing N N 294 
SER CB  HB2  sing N N 295 
SER CB  HB3  sing N N 296 
SER OG  HG   sing N N 297 
SER OXT HXT  sing N N 298 
SO4 S   O1   doub N N 299 
SO4 S   O2   doub N N 300 
SO4 S   O3   sing N N 301 
SO4 S   O4   sing N N 302 
THR N   CA   sing N N 303 
THR N   H    sing N N 304 
THR N   H2   sing N N 305 
THR CA  C    sing N N 306 
THR CA  CB   sing N N 307 
THR CA  HA   sing N N 308 
THR C   O    doub N N 309 
THR C   OXT  sing N N 310 
THR CB  OG1  sing N N 311 
THR CB  CG2  sing N N 312 
THR CB  HB   sing N N 313 
THR OG1 HG1  sing N N 314 
THR CG2 HG21 sing N N 315 
THR CG2 HG22 sing N N 316 
THR CG2 HG23 sing N N 317 
THR OXT HXT  sing N N 318 
TRP N   CA   sing N N 319 
TRP N   H    sing N N 320 
TRP N   H2   sing N N 321 
TRP CA  C    sing N N 322 
TRP CA  CB   sing N N 323 
TRP CA  HA   sing N N 324 
TRP C   O    doub N N 325 
TRP C   OXT  sing N N 326 
TRP CB  CG   sing N N 327 
TRP CB  HB2  sing N N 328 
TRP CB  HB3  sing N N 329 
TRP CG  CD1  doub Y N 330 
TRP CG  CD2  sing Y N 331 
TRP CD1 NE1  sing Y N 332 
TRP CD1 HD1  sing N N 333 
TRP CD2 CE2  doub Y N 334 
TRP CD2 CE3  sing Y N 335 
TRP NE1 CE2  sing Y N 336 
TRP NE1 HE1  sing N N 337 
TRP CE2 CZ2  sing Y N 338 
TRP CE3 CZ3  doub Y N 339 
TRP CE3 HE3  sing N N 340 
TRP CZ2 CH2  doub Y N 341 
TRP CZ2 HZ2  sing N N 342 
TRP CZ3 CH2  sing Y N 343 
TRP CZ3 HZ3  sing N N 344 
TRP CH2 HH2  sing N N 345 
TRP OXT HXT  sing N N 346 
TYR N   CA   sing N N 347 
TYR N   H    sing N N 348 
TYR N   H2   sing N N 349 
TYR CA  C    sing N N 350 
TYR CA  CB   sing N N 351 
TYR CA  HA   sing N N 352 
TYR C   O    doub N N 353 
TYR C   OXT  sing N N 354 
TYR CB  CG   sing N N 355 
TYR CB  HB2  sing N N 356 
TYR CB  HB3  sing N N 357 
TYR CG  CD1  doub Y N 358 
TYR CG  CD2  sing Y N 359 
TYR CD1 CE1  sing Y N 360 
TYR CD1 HD1  sing N N 361 
TYR CD2 CE2  doub Y N 362 
TYR CD2 HD2  sing N N 363 
TYR CE1 CZ   doub Y N 364 
TYR CE1 HE1  sing N N 365 
TYR CE2 CZ   sing Y N 366 
TYR CE2 HE2  sing N N 367 
TYR CZ  OH   sing N N 368 
TYR OH  HH   sing N N 369 
TYR OXT HXT  sing N N 370 
VAL N   CA   sing N N 371 
VAL N   H    sing N N 372 
VAL N   H2   sing N N 373 
VAL CA  C    sing N N 374 
VAL CA  CB   sing N N 375 
VAL CA  HA   sing N N 376 
VAL C   O    doub N N 377 
VAL C   OXT  sing N N 378 
VAL CB  CG1  sing N N 379 
VAL CB  CG2  sing N N 380 
VAL CB  HB   sing N N 381 
VAL CG1 HG11 sing N N 382 
VAL CG1 HG12 sing N N 383 
VAL CG1 HG13 sing N N 384 
VAL CG2 HG21 sing N N 385 
VAL CG2 HG22 sing N N 386 
VAL CG2 HG23 sing N N 387 
VAL OXT HXT  sing N N 388 
# 
loop_
_pdbx_audit_support.funding_organization 
_pdbx_audit_support.country 
_pdbx_audit_support.grant_number 
_pdbx_audit_support.ordinal 
? Israel 'Israel Science Foundation 167/16'                 1 
? Israel 'Israel Ministry of Science, Technology and Space' 2 
# 
_pdbx_entity_instance_feature.ordinal        1 
_pdbx_entity_instance_feature.comp_id        CD 
_pdbx_entity_instance_feature.asym_id        ? 
_pdbx_entity_instance_feature.seq_num        ? 
_pdbx_entity_instance_feature.auth_comp_id   CD 
_pdbx_entity_instance_feature.auth_asym_id   ? 
_pdbx_entity_instance_feature.auth_seq_num   ? 
_pdbx_entity_instance_feature.feature_type   'SUBJECT OF INVESTIGATION' 
_pdbx_entity_instance_feature.details        ? 
# 
_pdbx_initial_refinement_model.id               1 
_pdbx_initial_refinement_model.entity_id_list   ? 
_pdbx_initial_refinement_model.type             'experimental model' 
_pdbx_initial_refinement_model.source_name      PDB 
_pdbx_initial_refinement_model.accession_code   3W5X 
_pdbx_initial_refinement_model.details          ? 
# 
_atom_sites.entry_id                    6H8G 
_atom_sites.fract_transf_matrix[1][1]   -0.02669523 
_atom_sites.fract_transf_matrix[1][2]   0.00337269 
_atom_sites.fract_transf_matrix[1][3]   0.00256059 
_atom_sites.fract_transf_matrix[2][1]   -0.00002946 
_atom_sites.fract_transf_matrix[2][2]   0.00624988 
_atom_sites.fract_transf_matrix[2][3]   -0.00853913 
_atom_sites.fract_transf_matrix[3][1]   -0.00294364 
_atom_sites.fract_transf_matrix[3][2]   -0.01498188 
_atom_sites.fract_transf_matrix[3][3]   -0.01095524 
_atom_sites.fract_transf_vector[1]      1.008728 
_atom_sites.fract_transf_vector[2]      0.144293 
_atom_sites.fract_transf_vector[3]      -0.019455 
# 
loop_
_atom_type.symbol 
C  
CD 
N  
O  
S  
# 
loop_
_atom_site.group_PDB 
_atom_site.id 
_atom_site.type_symbol 
_atom_site.label_atom_id 
_atom_site.label_alt_id 
_atom_site.label_comp_id 
_atom_site.label_asym_id 
_atom_site.label_entity_id 
_atom_site.label_seq_id 
_atom_site.pdbx_PDB_ins_code 
_atom_site.Cartn_x 
_atom_site.Cartn_y 
_atom_site.Cartn_z 
_atom_site.occupancy 
_atom_site.B_iso_or_equiv 
_atom_site.pdbx_formal_charge 
_atom_site.auth_seq_id 
_atom_site.auth_comp_id 
_atom_site.auth_asym_id 
_atom_site.auth_atom_id 
_atom_site.pdbx_PDB_model_num 
ATOM   1   N  N   . MET A 1 4  ? -6.946  2.202   -15.671 1.00 50.96 ? 214 MET A N   1 
ATOM   2   C  CA  . MET A 1 4  ? -6.341  2.323   -14.273 1.00 45.54 ? 214 MET A CA  1 
ATOM   3   C  C   . MET A 1 4  ? -7.089  1.568   -13.159 1.00 41.09 ? 214 MET A C   1 
ATOM   4   O  O   . MET A 1 4  ? -6.463  1.167   -12.163 1.00 43.98 ? 214 MET A O   1 
ATOM   5   C  CB  . MET A 1 4  ? -6.196  3.785   -13.835 1.00 42.39 ? 214 MET A CB  1 
ATOM   6   C  CG  . MET A 1 4  ? -4.786  4.347   -13.929 1.00 35.01 ? 214 MET A CG  1 
ATOM   7   S  SD  . MET A 1 4  ? -3.750  3.777   -12.484 1.00 47.02 ? 214 MET A SD  1 
ATOM   8   C  CE  . MET A 1 4  ? -2.577  5.121   -12.662 1.00 46.76 ? 214 MET A CE  1 
ATOM   9   N  N   . GLU A 1 5  ? -8.401  1.417   -13.277 1.00 37.57 ? 215 GLU A N   1 
ATOM   10  C  CA  . GLU A 1 5  ? -9.211  0.687   -12.297 1.00 35.48 ? 215 GLU A CA  1 
ATOM   11  C  C   . GLU A 1 5  ? -8.684  -0.721  -12.038 1.00 30.00 ? 215 GLU A C   1 
ATOM   12  O  O   . GLU A 1 5  ? -8.602  -1.187  -10.893 1.00 30.00 ? 215 GLU A O   1 
ATOM   13  C  CB  . GLU A 1 5  ? -10.647 0.573   -12.747 1.00 42.50 ? 215 GLU A CB  1 
ATOM   14  C  CG  . GLU A 1 5  ? -11.569 0.252   -11.584 1.00 51.83 ? 215 GLU A CG  1 
ATOM   15  C  CD  . GLU A 1 5  ? -13.014 0.630   -11.830 0.51 54.42 ? 215 GLU A CD  1 
ATOM   16  O  OE1 . GLU A 1 5  ? -13.269 1.832   -12.018 0.75 66.15 ? 215 GLU A OE1 1 
ATOM   17  O  OE2 . GLU A 1 5  ? -13.888 -0.262  -11.801 0.50 57.62 ? 215 GLU A OE2 1 
ATOM   18  N  N   . ALA A 1 6  ? -8.289  -1.390  -13.091 1.00 32.01 ? 216 ALA A N   1 
ATOM   19  C  CA  . ALA A 1 6  ? -7.791  -2.735  -12.975 1.00 30.34 ? 216 ALA A CA  1 
ATOM   20  C  C   . ALA A 1 6  ? -6.486  -2.760  -12.166 1.00 27.93 ? 216 ALA A C   1 
ATOM   21  O  O   . ALA A 1 6  ? -6.294  -3.656  -11.318 1.00 29.99 ? 216 ALA A O   1 
ATOM   22  C  CB  . ALA A 1 6  ? -7.601  -3.327  -14.371 1.00 33.47 ? 216 ALA A CB  1 
ATOM   23  N  N   . VAL A 1 7  ? -5.584  -1.796  -12.410 1.00 27.26 ? 217 VAL A N   1 
ATOM   24  C  CA  . VAL A 1 7  ? -4.314  -1.754  -11.660 1.00 26.46 ? 217 VAL A CA  1 
ATOM   25  C  C   . VAL A 1 7  ? -4.613  -1.371  -10.207 1.00 24.79 ? 217 VAL A C   1 
ATOM   26  O  O   . VAL A 1 7  ? -4.061  -1.936  -9.288  1.00 23.65 ? 217 VAL A O   1 
ATOM   27  C  CB  . VAL A 1 7  ? -3.299  -0.757  -12.284 1.00 29.07 ? 217 VAL A CB  1 
ATOM   28  C  CG1 . VAL A 1 7  ? -2.049  -0.598  -11.400 1.00 33.29 ? 217 VAL A CG1 1 
ATOM   29  C  CG2 . VAL A 1 7  ? -2.832  -1.215  -13.653 1.00 34.73 ? 217 VAL A CG2 1 
ATOM   30  N  N   . GLN A 1 8  ? -5.517  -0.424  -9.973  1.00 23.65 ? 218 GLN A N   1 
ATOM   31  C  CA  . GLN A 1 8  ? -5.845  -0.081  -8.594  1.00 22.53 ? 218 GLN A CA  1 
ATOM   32  C  C   . GLN A 1 8  ? -6.458  -1.245  -7.828  1.00 23.01 ? 218 GLN A C   1 
ATOM   33  O  O   . GLN A 1 8  ? -6.143  -1.460  -6.660  1.00 22.62 ? 218 GLN A O   1 
ATOM   34  C  CB  . GLN A 1 8  ? -6.728  1.156   -8.543  1.00 23.85 ? 218 GLN A CB  1 
ATOM   35  C  CG  . GLN A 1 8  ? -5.984  2.405   -8.980  1.00 25.87 ? 218 GLN A CG  1 
ATOM   36  C  CD  . GLN A 1 8  ? -6.740  3.633   -8.582  1.00 36.56 ? 218 GLN A CD  1 
ATOM   37  O  OE1 . GLN A 1 8  ? -6.500  4.191   -7.519  1.00 39.54 ? 218 GLN A OE1 1 
ATOM   38  N  NE2 . GLN A 1 8  ? -7.669  3.988   -9.339  1.00 33.51 ? 218 GLN A NE2 1 
ATOM   39  N  N   . ASN A 1 9  ? -7.350  -1.990  -8.469  1.00 22.66 ? 219 ASN A N   1 
ATOM   40  C  CA  . ASN A 1 9  ? -7.901  -3.211  -7.843  1.00 25.21 ? 219 ASN A CA  1 
ATOM   41  C  C   . ASN A 1 9  ? -6.802  -4.204  -7.437  1.00 23.94 ? 219 ASN A C   1 
ATOM   42  O  O   . ASN A 1 9  ? -6.852  -4.791  -6.357  1.00 25.47 ? 219 ASN A O   1 
ATOM   43  C  CB  . ASN A 1 9  ? -8.911  -3.886  -8.773  1.00 27.74 ? 219 ASN A CB  1 
ATOM   44  C  CG  . ASN A 1 9  ? -10.226 -3.170  -8.821  1.00 32.80 ? 219 ASN A CG  1 
ATOM   45  O  OD1 . ASN A 1 9  ? -10.643 -2.531  -7.856  1.00 35.65 ? 219 ASN A OD1 1 
ATOM   46  N  ND2 . ASN A 1 9  ? -10.908 -3.296  -9.931  1.00 40.43 ? 219 ASN A ND2 1 
ATOM   47  N  N   . ARG A 1 10 ? -5.820  -4.386  -8.312  1.00 24.10 ? 220 ARG A N   1 
ATOM   48  C  CA  . ARG A 1 10 ? -4.725  -5.299  -8.001  1.00 24.29 ? 220 ARG A CA  1 
ATOM   49  C  C   . ARG A 1 10 ? -3.902  -4.788  -6.808  1.00 23.59 ? 220 ARG A C   1 
ATOM   50  O  O   . ARG A 1 10 ? -3.448  -5.563  -5.934  1.00 24.90 ? 220 ARG A O   1 
ATOM   51  C  CB  . ARG A 1 10 ? -3.830  -5.465  -9.221  1.00 24.08 ? 220 ARG A CB  1 
ATOM   52  C  CG  . ARG A 1 10 ? -4.471  -6.319  -10.315 1.00 25.58 ? 220 ARG A CG  1 
ATOM   53  C  CD  . ARG A 1 10 ? -3.675  -6.276  -11.606 1.00 27.47 ? 220 ARG A CD  1 
ATOM   54  N  NE  . ARG A 1 10 ? -2.345  -6.857  -11.420 1.00 26.71 ? 220 ARG A NE  1 
ATOM   55  C  CZ  . ARG A 1 10 ? -1.288  -6.635  -12.191 1.00 26.51 ? 220 ARG A CZ  1 
ATOM   56  N  NH1 . ARG A 1 10 ? -1.379  -5.850  -13.273 1.00 28.49 ? 220 ARG A NH1 1 
ATOM   57  N  NH2 . ARG A 1 10 ? -0.148  -7.259  -11.927 1.00 29.56 ? 220 ARG A NH2 1 
ATOM   58  N  N   . ILE A 1 11 ? -3.677  -3.487  -6.776  1.00 21.79 ? 221 ILE A N   1 
ATOM   59  C  CA  . ILE A 1 11 ? -2.929  -2.919  -5.651  1.00 22.12 ? 221 ILE A CA  1 
ATOM   60  C  C   . ILE A 1 11 ? -3.648  -3.139  -4.318  1.00 22.30 ? 221 ILE A C   1 
ATOM   61  O  O   . ILE A 1 11 ? -3.050  -3.571  -3.334  1.00 23.08 ? 221 ILE A O   1 
ATOM   62  C  CB  . ILE A 1 11 ? -2.641  -1.446  -5.854  1.00 21.73 ? 221 ILE A CB  1 
ATOM   63  C  CG1 . ILE A 1 11 ? -1.699  -1.203  -7.031  1.00 22.88 ? 221 ILE A CG1 1 
ATOM   64  C  CG2 . ILE A 1 11 ? -2.113  -0.815  -4.574  1.00 21.53 ? 221 ILE A CG2 1 
ATOM   65  C  CD1 . ILE A 1 11 ? -1.631  0.238   -7.456  1.00 24.39 ? 221 ILE A CD1 1 
ATOM   66  N  N   . VAL A 1 12 ? -4.943  -2.860  -4.306  1.00 22.00 ? 222 VAL A N   1 
ATOM   67  C  CA  . VAL A 1 12 ? -5.707  -3.020  -3.073  1.00 22.92 ? 222 VAL A CA  1 
ATOM   68  C  C   . VAL A 1 12 ? -5.723  -4.490  -2.626  1.00 24.44 ? 222 VAL A C   1 
ATOM   69  O  O   . VAL A 1 12 ? -5.463  -4.791  -1.439  1.00 25.09 ? 222 VAL A O   1 
ATOM   70  C  CB  . VAL A 1 12 ? -7.130  -2.480  -3.280  1.00 25.14 ? 222 VAL A CB  1 
ATOM   71  C  CG1 . VAL A 1 12 ? -7.990  -2.844  -2.072  1.00 25.31 ? 222 VAL A CG1 1 
ATOM   72  C  CG2 . VAL A 1 12 ? -7.091  -0.992  -3.416  1.00 25.30 ? 222 VAL A CG2 1 
ATOM   73  N  N   . GLU A 1 13 ? -5.964  -5.401  -3.559  1.00 24.18 ? 223 GLU A N   1 
ATOM   74  C  CA  . GLU A 1 13 ? -6.030  -6.831  -3.176  1.00 27.62 ? 223 GLU A CA  1 
ATOM   75  C  C   . GLU A 1 13 ? -4.706  -7.296  -2.622  1.00 27.32 ? 223 GLU A C   1 
ATOM   76  O  O   . GLU A 1 13 ? -4.683  -8.006  -1.617  1.00 28.62 ? 223 GLU A O   1 
ATOM   77  C  CB  . GLU A 1 13 ? -6.390  -7.685  -4.364  1.00 30.07 ? 223 GLU A CB  1 
ATOM   78  C  CG  . GLU A 1 13 ? -6.324  -9.198  -4.142  0.50 29.32 ? 223 GLU A CG  1 
ATOM   79  C  CD  . GLU A 1 13 ? -7.300  -9.710  -3.103  0.50 33.82 ? 223 GLU A CD  1 
ATOM   80  O  OE1 . GLU A 1 13 ? -8.319  -9.037  -2.827  0.50 36.63 ? 223 GLU A OE1 1 
ATOM   81  O  OE2 . GLU A 1 13 ? -7.063  -10.806 -2.565  0.50 33.48 ? 223 GLU A OE2 1 
ATOM   82  N  N   . ALA A 1 14 ? -3.599  -6.883  -3.254  1.00 23.25 ? 224 ALA A N   1 
ATOM   83  C  CA  . ALA A 1 14 ? -2.289  -7.317  -2.799  1.00 25.53 ? 224 ALA A CA  1 
ATOM   84  C  C   . ALA A 1 14 ? -2.019  -6.784  -1.409  1.00 24.62 ? 224 ALA A C   1 
ATOM   85  O  O   . ALA A 1 14 ? -1.519  -7.494  -0.538  1.00 28.42 ? 224 ALA A O   1 
ATOM   86  C  CB  . ALA A 1 14 ? -1.207  -6.870  -3.786  1.00 27.18 ? 224 ALA A CB  1 
ATOM   87  N  N   . ALA A 1 15 ? -2.353  -5.529  -1.191  1.00 23.61 ? 225 ALA A N   1 
ATOM   88  C  CA  . ALA A 1 15 ? -2.153  -4.943  0.137   1.00 22.17 ? 225 ALA A CA  1 
ATOM   89  C  C   . ALA A 1 15 ? -2.970  -5.598  1.229   1.00 21.17 ? 225 ALA A C   1 
ATOM   90  O  O   . ALA A 1 15 ? -2.437  -5.856  2.332   1.00 21.94 ? 225 ALA A O   1 
ATOM   91  C  CB  . ALA A 1 15 ? -2.415  -3.458  0.099   1.00 21.47 ? 225 ALA A CB  1 
ATOM   92  N  N   . GLU A 1 16 ? -4.241  -5.895  0.935   1.00 21.68 ? 226 GLU A N   1 
ATOM   93  C  CA  . GLU A 1 16 ? -5.138  -6.471  1.926   1.00 22.19 ? 226 GLU A CA  1 
ATOM   94  C  C   . GLU A 1 16 ? -4.712  -7.862  2.380   1.00 24.11 ? 226 GLU A C   1 
ATOM   95  O  O   . GLU A 1 16 ? -5.045  -8.284  3.472   1.00 26.70 ? 226 GLU A O   1 
ATOM   96  C  CB  . GLU A 1 16 ? -6.555  -6.533  1.389   1.00 25.09 ? 226 GLU A CB  1 
ATOM   97  C  CG  . GLU A 1 16 ? -7.299  -5.234  1.260   1.00 27.27 ? 226 GLU A CG  1 
ATOM   98  C  CD  . GLU A 1 16 ? -8.666  -5.456  0.577   0.88 30.73 ? 226 GLU A CD  1 
ATOM   99  O  OE1 . GLU A 1 16 ? -8.900  -6.524  -0.094  1.00 39.93 ? 226 GLU A OE1 1 
ATOM   100 O  OE2 . GLU A 1 16 ? -9.531  -4.593  0.701   0.76 33.55 ? 226 GLU A OE2 1 
ATOM   101 N  N   . ARG A 1 17 ? -3.954  -8.552  1.565   1.00 23.47 ? 227 ARG A N   1 
ATOM   102 C  CA  . ARG A 1 17 ? -3.491  -9.913  1.916   1.00 25.79 ? 227 ARG A CA  1 
ATOM   103 C  C   . ARG A 1 17 ? -2.261  -9.920  2.757   1.00 24.46 ? 227 ARG A C   1 
ATOM   104 O  O   . ARG A 1 17 ? -1.802  -11.011 3.081   1.00 27.77 ? 227 ARG A O   1 
ATOM   105 C  CB  . ARG A 1 17 ? -3.239  -10.728 0.630   1.00 29.24 ? 227 ARG A CB  1 
ATOM   106 C  CG  . ARG A 1 17 ? -4.418  -10.748 -0.322  1.00 36.20 ? 227 ARG A CG  1 
ATOM   107 C  CD  . ARG A 1 17 ? -5.475  -11.660 0.159   1.00 40.79 ? 227 ARG A CD  1 
ATOM   108 N  NE  . ARG A 1 17 ? -6.093  -11.243 1.412   0.50 32.02 ? 227 ARG A NE  1 
ATOM   109 C  CZ  . ARG A 1 17 ? -7.144  -10.437 1.514   0.50 28.44 ? 227 ARG A CZ  1 
ATOM   110 N  NH1 . ARG A 1 17 ? -7.781  -9.915  0.426   0.50 32.99 ? 227 ARG A NH1 1 
ATOM   111 N  NH2 . ARG A 1 17 ? -7.559  -10.150 2.717   0.50 24.12 ? 227 ARG A NH2 1 
ATOM   112 N  N   . VAL A 1 18 ? -1.717  -8.749  3.116   1.00 22.48 ? 228 VAL A N   1 
ATOM   113 C  CA  . VAL A 1 18 ? -0.548  -8.695  3.981   1.00 22.43 ? 228 VAL A CA  1 
ATOM   114 C  C   . VAL A 1 18 ? -0.982  -8.734  5.420   1.00 23.20 ? 228 VAL A C   1 
ATOM   115 O  O   . VAL A 1 18 ? -1.829  -7.936  5.799   1.00 22.01 ? 228 VAL A O   1 
ATOM   116 C  CB  . VAL A 1 18 ? 0.290   -7.407  3.691   1.00 22.91 ? 228 VAL A CB  1 
ATOM   117 C  CG1 . VAL A 1 18 ? 1.433   -7.239  4.698   1.00 24.36 ? 228 VAL A CG1 1 
ATOM   118 C  CG2 . VAL A 1 18 ? 0.861   -7.493  2.276   1.00 26.75 ? 228 VAL A CG2 1 
ATOM   119 N  N   . PRO A 1 19 ? -0.374  -9.623  6.230   1.00 21.65 ? 229 PRO A N   1 
ATOM   120 C  CA  . PRO A 1 19 ? -0.742  -9.655  7.649   1.00 22.76 ? 229 PRO A CA  1 
ATOM   121 C  C   . PRO A 1 19 ? -0.734  -8.273  8.308   1.00 22.26 ? 229 PRO A C   1 
ATOM   122 O  O   . PRO A 1 19 ? 0.237   -7.518  8.228   1.00 22.45 ? 229 PRO A O   1 
ATOM   123 C  CB  . PRO A 1 19 ? 0.315   -10.595 8.239   1.00 23.96 ? 229 PRO A CB  1 
ATOM   124 C  CG  . PRO A 1 19 ? 0.584   -11.563 7.132   1.00 23.27 ? 229 PRO A CG  1 
ATOM   125 C  CD  . PRO A 1 19 ? 0.636   -10.669 5.912   1.00 23.94 ? 229 PRO A CD  1 
ATOM   126 N  N   . GLY A 1 20 ? -1.837  -7.941  8.980   1.00 22.88 ? 230 GLY A N   1 
ATOM   127 C  CA  . GLY A 1 20 ? -1.912  -6.694  9.746   1.00 22.04 ? 230 GLY A CA  1 
ATOM   128 C  C   . GLY A 1 20 ? -2.588  -5.527  9.025   1.00 21.07 ? 230 GLY A C   1 
ATOM   129 O  O   . GLY A 1 20 ? -2.806  -4.494  9.621   1.00 21.11 ? 230 GLY A O   1 
ATOM   130 N  N   . VAL A 1 21 ? -2.856  -5.678  7.741   1.00 20.22 ? 231 VAL A N   1 
ATOM   131 C  CA  . VAL A 1 21 ? -3.566  -4.611  7.038   1.00 19.83 ? 231 VAL A CA  1 
ATOM   132 C  C   . VAL A 1 21 ? -5.072  -4.704  7.364   1.00 20.70 ? 231 VAL A C   1 
ATOM   133 O  O   . VAL A 1 21 ? -5.706  -5.727  7.118   1.00 24.31 ? 231 VAL A O   1 
ATOM   134 C  CB  . VAL A 1 21 ? -3.302  -4.697  5.542   1.00 19.98 ? 231 VAL A CB  1 
ATOM   135 C  CG1 . VAL A 1 21 ? -4.176  -3.693  4.756   1.00 21.20 ? 231 VAL A CG1 1 
ATOM   136 C  CG2 . VAL A 1 21 ? -1.814  -4.442  5.255   1.00 20.13 ? 231 VAL A CG2 1 
ATOM   137 N  N   . ARG A 1 22 ? -5.608  -3.596  7.862   1.00 21.07 ? 232 ARG A N   1 
ATOM   138 C  CA  . ARG A 1 22 ? -7.051  -3.408  8.105   1.00 23.79 ? 232 ARG A CA  1 
ATOM   139 C  C   . ARG A 1 22 ? -7.586  -2.380  7.080   1.00 25.62 ? 232 ARG A C   1 
ATOM   140 O  O   . ARG A 1 22 ? -7.885  -1.187  7.368   1.00 27.55 ? 232 ARG A O   1 
ATOM   141 C  CB  . ARG A 1 22 ? -7.301  -2.879  9.519   1.00 24.49 ? 232 ARG A CB  1 
ATOM   142 C  CG  . ARG A 1 22 ? -6.956  -3.853  10.602  1.00 25.04 ? 232 ARG A CG  1 
ATOM   143 C  CD  . ARG A 1 22 ? -7.389  -3.309  11.940  1.00 28.80 ? 232 ARG A CD  1 
ATOM   144 N  NE  . ARG A 1 22 ? -7.223  -4.291  13.010  1.00 30.80 ? 232 ARG A NE  1 
ATOM   145 C  CZ  . ARG A 1 22 ? -7.627  -4.077  14.257  1.00 32.72 ? 232 ARG A CZ  1 
ATOM   146 N  NH1 . ARG A 1 22 ? -8.217  -2.948  14.603  1.00 30.40 ? 232 ARG A NH1 1 
ATOM   147 N  NH2 . ARG A 1 22 ? -7.469  -5.041  15.142  1.00 35.49 ? 232 ARG A NH2 1 
ATOM   148 N  N   . GLY A 1 23 ? -7.604  -2.828  5.856   1.00 22.94 ? 233 GLY A N   1 
ATOM   149 C  CA  . GLY A 1 23 ? -8.091  -2.061  4.751   1.00 23.37 ? 233 GLY A CA  1 
ATOM   150 C  C   . GLY A 1 23 ? -7.120  -1.070  4.174   1.00 20.67 ? 233 GLY A C   1 
ATOM   151 O  O   . GLY A 1 23 ? -6.164  -0.660  4.822   1.00 20.75 ? 233 GLY A O   1 
ATOM   152 N  N   . VAL A 1 24 ? -7.395  -0.739  2.929   1.00 21.51 ? 234 VAL A N   1 
ATOM   153 C  CA  . VAL A 1 24 ? -6.738  0.376   2.276   1.00 20.45 ? 234 VAL A CA  1 
ATOM   154 C  C   . VAL A 1 24 ? -7.647  1.583   2.425   1.00 20.25 ? 234 VAL A C   1 
ATOM   155 O  O   . VAL A 1 24 ? -8.788  1.628   1.932   1.00 23.85 ? 234 VAL A O   1 
ATOM   156 C  CB  . VAL A 1 24 ? -6.423  0.070   0.805   1.00 21.56 ? 234 VAL A CB  1 
ATOM   157 C  CG1 . VAL A 1 24 ? -5.836  1.302   0.100   1.00 21.19 ? 234 VAL A CG1 1 
ATOM   158 C  CG2 . VAL A 1 24 ? -5.462  -1.091  0.687   1.00 23.67 ? 234 VAL A CG2 1 
ATOM   159 N  N   . ILE A 1 25 ? -7.161  2.562   3.171   1.00 19.58 ? 235 ILE A N   1 
ATOM   160 C  CA  . ILE A 1 25 ? -7.880  3.797   3.422   1.00 19.76 ? 235 ILE A CA  1 
ATOM   161 C  C   . ILE A 1 25 ? -7.840  4.753   2.225   1.00 19.22 ? 235 ILE A C   1 
ATOM   162 O  O   . ILE A 1 25 ? -8.816  5.427   1.911   1.00 20.98 ? 235 ILE A O   1 
ATOM   163 C  CB  . ILE A 1 25 ? -7.307  4.472   4.685   1.00 20.99 ? 235 ILE A CB  1 
ATOM   164 C  CG1 . ILE A 1 25 ? -7.591  3.614   5.916   1.00 23.54 ? 235 ILE A CG1 1 
ATOM   165 C  CG2 . ILE A 1 25 ? -7.819  5.884   4.878   1.00 23.18 ? 235 ILE A CG2 1 
ATOM   166 C  CD1 . ILE A 1 25 ? -6.800  3.999   7.147   1.00 23.47 ? 235 ILE A CD1 1 
ATOM   167 N  N   . HIS A 1 26 ? -6.705  4.827   1.553   1.00 18.84 ? 236 HIS A N   1 
ATOM   168 C  CA  . HIS A 1 26 ? -6.488  5.733   0.441   1.00 19.15 ? 236 HIS A CA  1 
ATOM   169 C  C   . HIS A 1 26 ? -5.488  5.162   -0.510  1.00 18.82 ? 236 HIS A C   1 
ATOM   170 O  O   . HIS A 1 26 ? -4.495  4.587   -0.085  1.00 18.79 ? 236 HIS A O   1 
ATOM   171 C  CB  . HIS A 1 26 ? -6.002  7.079   0.975   1.00 20.19 ? 236 HIS A CB  1 
ATOM   172 C  CG  . HIS A 1 26 ? -5.501  8.047   -0.086  1.00 21.59 ? 236 HIS A CG  1 
ATOM   173 N  ND1 . HIS A 1 26 ? -6.293  8.578   -1.071  1.00 23.52 ? 236 HIS A ND1 1 
ATOM   174 C  CD2 . HIS A 1 26 ? -4.252  8.511   -0.332  1.00 23.47 ? 236 HIS A CD2 1 
ATOM   175 C  CE1 . HIS A 1 26 ? -5.581  9.374   -1.843  1.00 23.88 ? 236 HIS A CE1 1 
ATOM   176 N  NE2 . HIS A 1 26 ? -4.327  9.357   -1.421  1.00 24.95 ? 236 HIS A NE2 1 
ATOM   177 N  N   . LEU A 1 27 ? -5.721  5.406   -1.801  1.00 18.88 ? 237 LEU A N   1 
ATOM   178 C  CA  . LEU A 1 27 ? -4.768  4.999   -2.837  1.00 17.81 ? 237 LEU A CA  1 
ATOM   179 C  C   . LEU A 1 27 ? -4.844  6.013   -3.960  1.00 19.37 ? 237 LEU A C   1 
ATOM   180 O  O   . LEU A 1 27 ? -5.911  6.217   -4.540  1.00 20.72 ? 237 LEU A O   1 
ATOM   181 C  CB  . LEU A 1 27 ? -5.052  3.606   -3.359  1.00 19.02 ? 237 LEU A CB  1 
ATOM   182 C  CG  . LEU A 1 27 ? -4.264  3.152   -4.595  1.00 19.23 ? 237 LEU A CG  1 
ATOM   183 C  CD1 . LEU A 1 27 ? -2.770  3.116   -4.328  1.00 19.60 ? 237 LEU A CD1 1 
ATOM   184 C  CD2 . LEU A 1 27 ? -4.766  1.822   -5.112  1.00 21.22 ? 237 LEU A CD2 1 
ATOM   185 N  N   . ARG A 1 28 ? -3.720  6.650   -4.239  1.00 18.71 ? 238 ARG A N   1 
ATOM   186 C  CA  . ARG A 1 28 ? -3.587  7.488   -5.418  1.00 20.25 ? 238 ARG A CA  1 
ATOM   187 C  C   . ARG A 1 28 ? -2.501  6.907   -6.290  1.00 19.41 ? 238 ARG A C   1 
ATOM   188 O  O   . ARG A 1 28 ? -1.368  6.815   -5.880  1.00 23.98 ? 238 ARG A O   1 
ATOM   189 C  CB  . ARG A 1 28 ? -3.261  8.912   -5.054  1.00 24.38 ? 238 ARG A CB  1 
ATOM   190 C  CG  . ARG A 1 28 ? -3.136  9.797   -6.288  1.00 29.02 ? 238 ARG A CG  1 
ATOM   191 C  CD  . ARG A 1 28 ? -3.189  11.244  -5.892  1.00 34.61 ? 238 ARG A CD  1 
ATOM   192 N  NE  . ARG A 1 28 ? -4.555  11.745  -5.929  0.50 38.49 ? 238 ARG A NE  1 
ATOM   193 C  CZ  . ARG A 1 28 ? -5.136  12.547  -5.043  1.00 51.08 ? 238 ARG A CZ  1 
ATOM   194 N  NH1 . ARG A 1 28 ? -4.531  12.915  -3.914  1.00 57.77 ? 238 ARG A NH1 1 
ATOM   195 N  NH2 . ARG A 1 28 ? -6.399  12.929  -5.267  1.00 55.26 ? 238 ARG A NH2 1 
ATOM   196 N  N   . ALA A 1 29 ? -2.847  6.585   -7.514  1.00 21.14 ? 239 ALA A N   1 
ATOM   197 C  CA  . ALA A 1 29 ? -1.928  6.072   -8.500  1.00 20.91 ? 239 ALA A CA  1 
ATOM   198 C  C   . ALA A 1 29 ? -1.970  6.883   -9.736  1.00 24.84 ? 239 ALA A C   1 
ATOM   199 O  O   . ALA A 1 29 ? -3.051  7.262   -10.195 1.00 27.25 ? 239 ALA A O   1 
ATOM   200 C  CB  . ALA A 1 29 ? -2.310  4.607   -8.828  1.00 22.54 ? 239 ALA A CB  1 
ATOM   201 N  N   . ARG A 1 30 ? -0.790  7.071   -10.293 1.00 22.88 ? 240 ARG A N   1 
ATOM   202 C  CA  A ARG A 1 30 ? -0.730  7.792   -11.554 0.50 23.33 ? 240 ARG A CA  1 
ATOM   203 C  CA  B ARG A 1 30 ? -0.656  7.865   -11.506 0.50 24.27 ? 240 ARG A CA  1 
ATOM   204 C  C   . ARG A 1 30 ? 0.367   7.210   -12.432 1.00 22.72 ? 240 ARG A C   1 
ATOM   205 O  O   . ARG A 1 30 ? 1.332   6.618   -11.960 1.00 23.59 ? 240 ARG A O   1 
ATOM   206 C  CB  A ARG A 1 30 ? -0.462  9.284   -11.315 0.50 28.43 ? 240 ARG A CB  1 
ATOM   207 C  CB  B ARG A 1 30 ? -0.200  9.286   -11.114 0.50 29.49 ? 240 ARG A CB  1 
ATOM   208 C  CG  A ARG A 1 30 ? -1.378  10.000  -10.317 0.50 29.67 ? 240 ARG A CG  1 
ATOM   209 C  CG  B ARG A 1 30 ? 1.218   9.380   -10.574 0.50 30.96 ? 240 ARG A CG  1 
ATOM   210 C  CD  A ARG A 1 30 ? -2.746  10.219  -10.910 0.50 35.13 ? 240 ARG A CD  1 
ATOM   211 C  CD  B ARG A 1 30 ? 1.351   10.370  -9.428  0.50 36.70 ? 240 ARG A CD  1 
ATOM   212 N  NE  A ARG A 1 30 ? -3.652  10.887  -10.002 0.50 32.98 ? 240 ARG A NE  1 
ATOM   213 N  NE  B ARG A 1 30 ? 1.783   11.674  -9.898  0.50 42.51 ? 240 ARG A NE  1 
ATOM   214 C  CZ  A ARG A 1 30 ? -4.723  10.320  -9.450  0.50 36.24 ? 240 ARG A CZ  1 
ATOM   215 C  CZ  B ARG A 1 30 ? 3.046   12.067  -9.919  0.50 43.97 ? 240 ARG A CZ  1 
ATOM   216 N  NH1 A ARG A 1 30 ? -4.973  9.052   -9.714  0.50 43.72 ? 240 ARG A NH1 1 
ATOM   217 N  NH1 B ARG A 1 30 ? 3.354   13.274  -10.349 0.50 50.14 ? 240 ARG A NH1 1 
ATOM   218 N  NH2 A ARG A 1 30 ? -5.549  11.013  -8.630  0.50 30.03 ? 240 ARG A NH2 1 
ATOM   219 N  NH2 B ARG A 1 30 ? 3.996   11.251  -9.514  0.50 45.26 ? 240 ARG A NH2 1 
ATOM   220 N  N   . TYR A 1 31 ? 0.186   7.375   -13.735 1.00 24.86 ? 241 TYR A N   1 
ATOM   221 C  CA  . TYR A 1 31 ? 1.182   6.965   -14.705 1.00 24.71 ? 241 TYR A CA  1 
ATOM   222 C  C   . TYR A 1 31 ? 2.229   8.044   -14.817 1.00 26.84 ? 241 TYR A C   1 
ATOM   223 O  O   . TYR A 1 31 ? 1.917   9.226   -14.909 1.00 30.99 ? 241 TYR A O   1 
ATOM   224 C  CB  . TYR A 1 31 ? 0.583   6.640   -16.096 1.00 26.49 ? 241 TYR A CB  1 
ATOM   225 C  CG  . TYR A 1 31 ? 0.039   5.209   -16.173 1.00 27.43 ? 241 TYR A CG  1 
ATOM   226 C  CD1 . TYR A 1 31 ? 0.889   4.154   -16.250 1.00 29.67 ? 241 TYR A CD1 1 
ATOM   227 C  CD2 . TYR A 1 31 ? -1.338  4.931   -16.139 1.00 32.50 ? 241 TYR A CD2 1 
ATOM   228 C  CE1 . TYR A 1 31 ? 0.440   2.839   -16.290 1.00 30.80 ? 241 TYR A CE1 1 
ATOM   229 C  CE2 . TYR A 1 31 ? -1.822  3.624   -16.199 1.00 32.57 ? 241 TYR A CE2 1 
ATOM   230 C  CZ  . TYR A 1 31 ? -0.922  2.566   -16.255 1.00 31.91 ? 241 TYR A CZ  1 
ATOM   231 O  OH  . TYR A 1 31 ? -1.336  1.250   -16.320 1.00 33.71 ? 241 TYR A OH  1 
ATOM   232 N  N   . VAL A 1 32 ? 3.491   7.611   -14.824 1.00 25.63 ? 242 VAL A N   1 
ATOM   233 C  CA  . VAL A 1 32 ? 4.663   8.452   -15.086 1.00 30.27 ? 242 VAL A CA  1 
ATOM   234 C  C   . VAL A 1 32 ? 5.287   7.673   -16.280 1.00 27.89 ? 242 VAL A C   1 
ATOM   235 O  O   . VAL A 1 32 ? 5.894   6.629   -16.123 1.00 26.53 ? 242 VAL A O   1 
ATOM   236 C  CB  . VAL A 1 32 ? 5.538   8.619   -13.798 1.00 32.65 ? 242 VAL A CB  1 
ATOM   237 C  CG1 . VAL A 1 32 ? 6.788   9.470   -14.057 1.00 35.86 ? 242 VAL A CG1 1 
ATOM   238 C  CG2 . VAL A 1 32 ? 4.685   9.193   -12.649 1.00 35.59 ? 242 VAL A CG2 1 
ATOM   239 N  N   . GLY A 1 33 ? 5.046   8.140   -17.501 1.00 29.20 ? 243 GLY A N   1 
ATOM   240 C  CA  . GLY A 1 33 ? 5.291   7.304   -18.660 1.00 28.05 ? 243 GLY A CA  1 
ATOM   241 C  C   . GLY A 1 33 ? 4.436   6.042   -18.586 1.00 27.22 ? 243 GLY A C   1 
ATOM   242 O  O   . GLY A 1 33 ? 3.204   6.133   -18.363 1.00 31.08 ? 243 GLY A O   1 
ATOM   243 N  N   A GLN A 1 34 ? 5.018   4.878   -18.766 0.50 24.53 ? 244 GLN A N   1 
ATOM   244 N  N   B GLN A 1 34 ? 5.073   4.897   -18.809 0.50 26.54 ? 244 GLN A N   1 
ATOM   245 C  CA  A GLN A 1 34 ? 4.303   3.615   -18.633 0.50 26.78 ? 244 GLN A CA  1 
ATOM   246 C  CA  B GLN A 1 34 ? 4.494   3.556   -18.715 0.50 28.44 ? 244 GLN A CA  1 
ATOM   247 C  C   A GLN A 1 34 ? 4.444   3.027   -17.229 0.50 24.40 ? 244 GLN A C   1 
ATOM   248 C  C   B GLN A 1 34 ? 4.523   3.004   -17.281 0.50 25.07 ? 244 GLN A C   1 
ATOM   249 O  O   A GLN A 1 34 ? 3.914   1.953   -16.935 0.50 26.72 ? 244 GLN A O   1 
ATOM   250 O  O   B GLN A 1 34 ? 4.010   1.911   -17.032 0.50 29.39 ? 244 GLN A O   1 
ATOM   251 C  CB  A GLN A 1 34 ? 4.823   2.600   -19.656 0.50 28.34 ? 244 GLN A CB  1 
ATOM   252 C  CB  B GLN A 1 34 ? 5.276   2.556   -19.613 0.50 31.95 ? 244 GLN A CB  1 
ATOM   253 C  CG  A GLN A 1 34 ? 4.662   3.017   -21.114 0.50 30.45 ? 244 GLN A CG  1 
ATOM   254 C  CG  B GLN A 1 34 ? 6.442   1.867   -18.889 0.50 33.58 ? 244 GLN A CG  1 
ATOM   255 C  CD  A GLN A 1 34 ? 5.323   2.063   -22.097 0.50 32.86 ? 244 GLN A CD  1 
ATOM   256 C  CD  B GLN A 1 34 ? 7.229   0.817   -19.687 0.50 33.00 ? 244 GLN A CD  1 
ATOM   257 O  OE1 A GLN A 1 34 ? 5.035   2.110   -23.273 0.50 42.53 ? 244 GLN A OE1 1 
ATOM   258 O  OE1 B GLN A 1 34 ? 7.808   -0.112  -19.106 0.50 32.15 ? 244 GLN A OE1 1 
ATOM   259 N  NE2 A GLN A 1 34 ? 6.208   1.204   -21.615 0.50 37.45 ? 244 GLN A NE2 1 
ATOM   260 N  NE2 B GLN A 1 34 ? 7.269   0.962   -20.993 0.50 31.53 ? 244 GLN A NE2 1 
ATOM   261 N  N   . ASP A 1 35 ? 5.134   3.735   -16.358 1.00 21.70 ? 245 ASP A N   1 
ATOM   262 C  CA  . ASP A 1 35 ? 5.284   3.267   -14.992 1.00 22.30 ? 245 ASP A CA  1 
ATOM   263 C  C   . ASP A 1 35 ? 4.169   3.808   -14.119 1.00 22.50 ? 245 ASP A C   1 
ATOM   264 O  O   . ASP A 1 35 ? 3.637   4.867   -14.399 1.00 25.33 ? 245 ASP A O   1 
ATOM   265 C  CB  . ASP A 1 35 ? 6.625   3.724   -14.402 1.00 20.63 ? 245 ASP A CB  1 
ATOM   266 C  CG  . ASP A 1 35 ? 7.811   3.267   -15.155 1.00 21.20 ? 245 ASP A CG  1 
ATOM   267 O  OD1 . ASP A 1 35 ? 7.751   2.175   -15.773 1.00 23.49 ? 245 ASP A OD1 1 
ATOM   268 O  OD2 . ASP A 1 35 ? 8.856   3.977   -15.076 1.00 23.20 ? 245 ASP A OD2 1 
ATOM   269 N  N   . ILE A 1 36 ? 3.883   3.133   -13.014 1.00 20.60 ? 246 ILE A N   1 
ATOM   270 C  CA  . ILE A 1 36 ? 2.961   3.619   -12.017 1.00 20.14 ? 246 ILE A CA  1 
ATOM   271 C  C   . ILE A 1 36 ? 3.751   4.094   -10.816 1.00 19.77 ? 246 ILE A C   1 
ATOM   272 O  O   . ILE A 1 36 ? 4.650   3.400   -10.286 1.00 20.45 ? 246 ILE A O   1 
ATOM   273 C  CB  . ILE A 1 36 ? 1.971   2.505   -11.572 1.00 22.55 ? 246 ILE A CB  1 
ATOM   274 C  CG1 . ILE A 1 36 ? 1.032   2.198   -12.728 1.00 26.54 ? 246 ILE A CG1 1 
ATOM   275 C  CG2 . ILE A 1 36 ? 1.193   2.886   -10.288 1.00 23.74 ? 246 ILE A CG2 1 
ATOM   276 C  CD1 . ILE A 1 36 ? -0.055  3.201   -12.857 1.00 29.27 ? 246 ILE A CD1 1 
ATOM   277 N  N   . TRP A 1 37 ? 3.365   5.270   -10.327 1.00 19.33 ? 247 TRP A N   1 
ATOM   278 C  CA  . TRP A 1 37 ? 3.798   5.816   -9.019  1.00 19.11 ? 247 TRP A CA  1 
ATOM   279 C  C   . TRP A 1 37 ? 2.558   5.930   -8.171  1.00 20.03 ? 247 TRP A C   1 
ATOM   280 O  O   . TRP A 1 37 ? 1.501   6.400   -8.626  1.00 22.13 ? 247 TRP A O   1 
ATOM   281 C  CB  . TRP A 1 37 ? 4.449   7.155   -9.155  1.00 21.14 ? 247 TRP A CB  1 
ATOM   282 C  CG  . TRP A 1 37 ? 5.824   7.132   -9.774  1.00 23.67 ? 247 TRP A CG  1 
ATOM   283 C  CD1 . TRP A 1 37 ? 6.315   6.288   -10.753 1.00 25.16 ? 247 TRP A CD1 1 
ATOM   284 C  CD2 . TRP A 1 37 ? 6.875   8.058   -9.514  1.00 25.38 ? 247 TRP A CD2 1 
ATOM   285 N  NE1 . TRP A 1 37 ? 7.575   6.628   -11.088 1.00 28.01 ? 247 TRP A NE1 1 
ATOM   286 C  CE2 . TRP A 1 37 ? 7.951   7.722   -10.362 1.00 24.82 ? 247 TRP A CE2 1 
ATOM   287 C  CE3 . TRP A 1 37 ? 7.019   9.121   -8.645  1.00 30.55 ? 247 TRP A CE3 1 
ATOM   288 C  CZ2 . TRP A 1 37 ? 9.166   8.418   -10.342 1.00 30.37 ? 247 TRP A CZ2 1 
ATOM   289 C  CZ3 . TRP A 1 37 ? 8.206   9.818   -8.645  1.00 33.92 ? 247 TRP A CZ3 1 
ATOM   290 C  CH2 . TRP A 1 37 ? 9.261   9.451   -9.461  1.00 34.03 ? 247 TRP A CH2 1 
ATOM   291 N  N   . ALA A 1 38 ? 2.657   5.486   -6.917  1.00 19.05 ? 248 ALA A N   1 
ATOM   292 C  CA  . ALA A 1 38 ? 1.485   5.434   -6.072  1.00 19.92 ? 248 ALA A CA  1 
ATOM   293 C  C   . ALA A 1 38 ? 1.794   5.788   -4.638  1.00 19.33 ? 248 ALA A C   1 
ATOM   294 O  O   . ALA A 1 38 ? 2.909   5.605   -4.171  1.00 19.78 ? 248 ALA A O   1 
ATOM   295 C  CB  . ALA A 1 38 ? 0.875   4.054   -6.145  1.00 21.14 ? 248 ALA A CB  1 
ATOM   296 N  N   . ASP A 1 39 ? 0.767   6.297   -3.967  1.00 19.11 ? 249 ASP A N   1 
ATOM   297 C  CA  A ASP A 1 39 ? 0.790   6.674   -2.557  0.50 19.13 ? 249 ASP A CA  1 
ATOM   298 C  CA  B ASP A 1 39 ? 0.819   6.609   -2.532  0.50 18.97 ? 249 ASP A CA  1 
ATOM   299 C  C   . ASP A 1 39 ? -0.417  6.000   -1.913  1.00 18.89 ? 249 ASP A C   1 
ATOM   300 O  O   . ASP A 1 39 ? -1.520  6.131   -2.438  1.00 19.59 ? 249 ASP A O   1 
ATOM   301 C  CB  A ASP A 1 39 ? 0.629   8.204   -2.533  0.50 22.09 ? 249 ASP A CB  1 
ATOM   302 C  CB  B ASP A 1 39 ? 0.775   8.129   -2.271  0.50 22.00 ? 249 ASP A CB  1 
ATOM   303 C  CG  A ASP A 1 39 ? 0.742   8.808   -1.147  0.50 26.92 ? 249 ASP A CG  1 
ATOM   304 C  CG  B ASP A 1 39 ? 2.021   8.875   -2.760  0.50 27.69 ? 249 ASP A CG  1 
ATOM   305 O  OD1 A ASP A 1 39 ? 1.616   8.372   -0.393  0.50 28.94 ? 249 ASP A OD1 1 
ATOM   306 O  OD1 B ASP A 1 39 ? 3.059   8.908   -2.063  0.50 32.83 ? 249 ASP A OD1 1 
ATOM   307 O  OD2 A ASP A 1 39 ? -0.034  9.750   -0.851  0.50 31.79 ? 249 ASP A OD2 1 
ATOM   308 O  OD2 B ASP A 1 39 ? 1.963   9.451   -3.874  0.50 34.93 ? 249 ASP A OD2 1 
ATOM   309 N  N   . MET A 1 40 ? -0.237  5.323   -0.777  1.00 18.11 ? 250 MET A N   1 
ATOM   310 C  CA  A MET A 1 40 ? -1.289  4.507   -0.143  0.50 18.48 ? 250 MET A CA  1 
ATOM   311 C  CA  B MET A 1 40 ? -1.392  4.726   -0.151  0.50 18.38 ? 250 MET A CA  1 
ATOM   312 C  C   . MET A 1 40 ? -1.304  4.770   1.357   1.00 16.99 ? 250 MET A C   1 
ATOM   313 O  O   . MET A 1 40 ? -0.239  4.913   1.948   1.00 18.88 ? 250 MET A O   1 
ATOM   314 C  CB  A MET A 1 40 ? -0.946  3.021   -0.327  0.50 19.01 ? 250 MET A CB  1 
ATOM   315 C  CB  B MET A 1 40 ? -1.559  3.306   -0.647  0.50 18.69 ? 250 MET A CB  1 
ATOM   316 C  CG  A MET A 1 40 ? -1.930  2.054   0.326   0.50 20.65 ? 250 MET A CG  1 
ATOM   317 C  CG  B MET A 1 40 ? -0.406  2.381   -0.336  0.50 19.20 ? 250 MET A CG  1 
ATOM   318 S  SD  A MET A 1 40 ? -1.542  0.315   0.088   0.50 22.58 ? 250 MET A SD  1 
ATOM   319 S  SD  B MET A 1 40 ? -0.602  0.768   -1.150  0.50 20.80 ? 250 MET A SD  1 
ATOM   320 C  CE  A MET A 1 40 ? -2.061  0.084   -1.570  0.50 23.66 ? 250 MET A CE  1 
ATOM   321 C  CE  B MET A 1 40 ? -2.313  0.359   -0.836  0.50 17.87 ? 250 MET A CE  1 
ATOM   322 N  N   . ILE A 1 41 ? -2.456  4.737   1.965   1.00 17.19 ? 251 ILE A N   1 
ATOM   323 C  CA  . ILE A 1 41 ? -2.616  4.693   3.414   1.00 17.45 ? 251 ILE A CA  1 
ATOM   324 C  C   . ILE A 1 41 ? -3.349  3.405   3.727   1.00 17.00 ? 251 ILE A C   1 
ATOM   325 O  O   . ILE A 1 41 ? -4.425  3.137   3.162   1.00 18.19 ? 251 ILE A O   1 
ATOM   326 C  CB  . ILE A 1 41 ? -3.412  5.878   3.958   1.00 19.34 ? 251 ILE A CB  1 
ATOM   327 C  CG1 . ILE A 1 41 ? -2.762  7.187   3.469   1.00 21.23 ? 251 ILE A CG1 1 
ATOM   328 C  CG2 . ILE A 1 41 ? -3.488  5.834   5.472   1.00 20.37 ? 251 ILE A CG2 1 
ATOM   329 C  CD1 . ILE A 1 41 ? -3.485  8.429   3.886   1.00 24.14 ? 251 ILE A CD1 1 
ATOM   330 N  N   . ILE A 1 42 ? -2.789  2.620   4.658   1.00 17.86 ? 252 ILE A N   1 
ATOM   331 C  CA  . ILE A 1 42 ? -3.413  1.385   5.210   1.00 18.47 ? 252 ILE A CA  1 
ATOM   332 C  C   . ILE A 1 42 ? -3.928  1.646   6.606   1.00 18.16 ? 252 ILE A C   1 
ATOM   333 O  O   . ILE A 1 42 ? -3.396  2.480   7.344   1.00 19.36 ? 252 ILE A O   1 
ATOM   334 C  CB  . ILE A 1 42 ? -2.452  0.192   5.183   1.00 19.29 ? 252 ILE A CB  1 
ATOM   335 C  CG1 . ILE A 1 42 ? -1.194  0.482   5.960   1.00 18.79 ? 252 ILE A CG1 1 
ATOM   336 C  CG2 . ILE A 1 42 ? -2.144  -0.210  3.728   1.00 20.49 ? 252 ILE A CG2 1 
ATOM   337 C  CD1 . ILE A 1 42 ? -0.416  -0.754  6.328   1.00 19.89 ? 252 ILE A CD1 1 
ATOM   338 N  N   . GLY A 1 43 ? -4.984  0.923   6.970   1.00 18.33 ? 253 GLY A N   1 
ATOM   339 C  CA  . GLY A 1 43 ? -5.366  0.847   8.359   1.00 17.90 ? 253 GLY A CA  1 
ATOM   340 C  C   . GLY A 1 43 ? -4.590  -0.255  9.074   1.00 19.32 ? 253 GLY A C   1 
ATOM   341 O  O   . GLY A 1 43 ? -4.224  -1.274  8.454   1.00 22.00 ? 253 GLY A O   1 
ATOM   342 N  N   . VAL A 1 44 ? -4.342  -0.035  10.357  1.00 18.88 ? 254 VAL A N   1 
ATOM   343 C  CA  . VAL A 1 44 ? -3.686  -1.027  11.228  1.00 19.55 ? 254 VAL A CA  1 
ATOM   344 C  C   . VAL A 1 44 ? -4.351  -1.024  12.600  1.00 21.20 ? 254 VAL A C   1 
ATOM   345 O  O   . VAL A 1 44 ? -5.006  -0.058  12.952  1.00 21.02 ? 254 VAL A O   1 
ATOM   346 C  CB  . VAL A 1 44 ? -2.160  -0.800  11.364  1.00 19.75 ? 254 VAL A CB  1 
ATOM   347 C  CG1 . VAL A 1 44 ? -1.438  -0.867  10.023  1.00 20.09 ? 254 VAL A CG1 1 
ATOM   348 C  CG2 . VAL A 1 44 ? -1.883  0.546   12.044  1.00 20.20 ? 254 VAL A CG2 1 
ATOM   349 N  N   . ASP A 1 45 ? -4.126  -2.095  13.374  1.00 20.76 ? 255 ASP A N   1 
ATOM   350 C  CA  . ASP A 1 45 ? -4.595  -2.195  14.766  1.00 21.63 ? 255 ASP A CA  1 
ATOM   351 C  C   . ASP A 1 45 ? -4.061  -0.986  15.506  1.00 20.68 ? 255 ASP A C   1 
ATOM   352 O  O   . ASP A 1 45 ? -2.873  -0.760  15.532  1.00 21.05 ? 255 ASP A O   1 
ATOM   353 C  CB  . ASP A 1 45 ? -4.102  -3.540  15.330  1.00 21.81 ? 255 ASP A CB  1 
ATOM   354 C  CG  . ASP A 1 45 ? -4.501  -3.811  16.730  1.00 23.16 ? 255 ASP A CG  1 
ATOM   355 O  OD1 . ASP A 1 45 ? -4.988  -2.915  17.431  1.00 24.24 ? 255 ASP A OD1 1 
ATOM   356 O  OD2 . ASP A 1 45 ? -4.298  -4.986  17.086  1.00 26.37 ? 255 ASP A OD2 1 
ATOM   357 N  N   . PRO A 1 46 ? -4.922  -0.199  16.192  1.00 21.47 ? 256 PRO A N   1 
ATOM   358 C  CA  . PRO A 1 46 ? -4.450  0.929   16.989  1.00 21.46 ? 256 PRO A CA  1 
ATOM   359 C  C   . PRO A 1 46 ? -3.436  0.572   18.098  1.00 21.42 ? 256 PRO A C   1 
ATOM   360 O  O   . PRO A 1 46 ? -2.678  1.448   18.554  1.00 23.25 ? 256 PRO A O   1 
ATOM   361 C  CB  . PRO A 1 46 ? -5.729  1.483   17.610  1.00 24.06 ? 256 PRO A CB  1 
ATOM   362 C  CG  . PRO A 1 46 ? -6.818  0.977   16.721  1.00 26.06 ? 256 PRO A CG  1 
ATOM   363 C  CD  . PRO A 1 46 ? -6.380  -0.334  16.194  1.00 23.01 ? 256 PRO A CD  1 
ATOM   364 N  N   . GLU A 1 47 ? -3.439  -0.699  18.516  1.00 22.87 ? 257 GLU A N   1 
ATOM   365 C  CA  A GLU A 1 47 ? -2.590  -1.188  19.590  0.50 23.20 ? 257 GLU A CA  1 
ATOM   366 C  CA  B GLU A 1 47 ? -2.594  -1.187  19.604  0.50 23.36 ? 257 GLU A CA  1 
ATOM   367 C  C   . GLU A 1 47 ? -1.314  -1.827  19.082  1.00 24.21 ? 257 GLU A C   1 
ATOM   368 O  O   . GLU A 1 47 ? -0.500  -2.244  19.872  1.00 26.42 ? 257 GLU A O   1 
ATOM   369 C  CB  A GLU A 1 47 ? -3.399  -2.144  20.447  0.50 26.30 ? 257 GLU A CB  1 
ATOM   370 C  CB  B GLU A 1 47 ? -3.367  -2.179  20.477  0.50 26.77 ? 257 GLU A CB  1 
ATOM   371 C  CG  A GLU A 1 47 ? -4.441  -1.399  21.241  0.50 30.34 ? 257 GLU A CG  1 
ATOM   372 C  CG  B GLU A 1 47 ? -4.616  -1.638  21.156  0.50 31.60 ? 257 GLU A CG  1 
ATOM   373 C  CD  A GLU A 1 47 ? -3.777  -0.647  22.357  0.50 33.15 ? 257 GLU A CD  1 
ATOM   374 C  CD  B GLU A 1 47 ? -5.129  -2.574  22.254  0.50 34.97 ? 257 GLU A CD  1 
ATOM   375 O  OE1 A GLU A 1 47 ? -3.158  -1.316  23.208  0.50 39.18 ? 257 GLU A OE1 1 
ATOM   376 O  OE1 B GLU A 1 47 ? -5.802  -3.580  21.965  0.50 40.03 ? 257 GLU A OE1 1 
ATOM   377 O  OE2 A GLU A 1 47 ? -3.870  0.592   22.412  0.50 38.38 ? 257 GLU A OE2 1 
ATOM   378 O  OE2 B GLU A 1 47 ? -4.834  -2.325  23.421  0.50 40.86 ? 257 GLU A OE2 1 
ATOM   379 N  N   . ASN A 1 48 ? -1.125  -1.886  17.750  1.00 22.66 ? 258 ASN A N   1 
ATOM   380 C  CA  . ASN A 1 48 ? 0.193   -2.239  17.228  1.00 21.89 ? 258 ASN A CA  1 
ATOM   381 C  C   . ASN A 1 48 ? 1.122   -1.108  17.682  1.00 22.75 ? 258 ASN A C   1 
ATOM   382 O  O   . ASN A 1 48 ? 0.723   0.059   17.861  1.00 22.99 ? 258 ASN A O   1 
ATOM   383 C  CB  . ASN A 1 48 ? 0.262   -2.309  15.691  1.00 21.86 ? 258 ASN A CB  1 
ATOM   384 C  CG  . ASN A 1 48 ? -0.362  -3.561  15.082  1.00 21.17 ? 258 ASN A CG  1 
ATOM   385 O  OD1 . ASN A 1 48 ? -0.682  -3.516  13.887  1.00 23.19 ? 258 ASN A OD1 1 
ATOM   386 N  ND2 . ASN A 1 48 ? -0.534  -4.668  15.832  1.00 24.65 ? 258 ASN A ND2 1 
ATOM   387 N  N   . THR A 1 49 ? 2.411   -1.426  17.825  1.00 21.44 ? 259 THR A N   1 
ATOM   388 C  CA  . THR A 1 49 ? 3.382   -0.366  18.078  1.00 22.75 ? 259 THR A CA  1 
ATOM   389 C  C   . THR A 1 49 ? 3.683   0.363   16.766  1.00 21.01 ? 259 THR A C   1 
ATOM   390 O  O   . THR A 1 49 ? 3.399   -0.126  15.660  1.00 20.30 ? 259 THR A O   1 
ATOM   391 C  CB  . THR A 1 49 ? 4.699   -0.917  18.611  1.00 23.43 ? 259 THR A CB  1 
ATOM   392 O  OG1 . THR A 1 49 ? 5.263   -1.822  17.656  1.00 24.14 ? 259 THR A OG1 1 
ATOM   393 C  CG2 . THR A 1 49 ? 4.477   -1.642  19.944  1.00 22.20 ? 259 THR A CG2 1 
ATOM   394 N  N   . VAL A 1 50 ? 4.290   1.532   16.904  1.00 20.23 ? 260 VAL A N   1 
ATOM   395 C  CA  . VAL A 1 50 ? 4.737   2.270   15.742  1.00 21.96 ? 260 VAL A CA  1 
ATOM   396 C  C   . VAL A 1 50 ? 5.702   1.409   14.936  1.00 21.07 ? 260 VAL A C   1 
ATOM   397 O  O   . VAL A 1 50 ? 5.658   1.382   13.715  1.00 21.09 ? 260 VAL A O   1 
ATOM   398 C  CB  . VAL A 1 50 ? 5.382   3.597   16.167  1.00 21.65 ? 260 VAL A CB  1 
ATOM   399 C  CG1 . VAL A 1 50 ? 5.993   4.341   14.973  1.00 23.60 ? 260 VAL A CG1 1 
ATOM   400 C  CG2 . VAL A 1 50 ? 4.358   4.504   16.823  1.00 22.02 ? 260 VAL A CG2 1 
ATOM   401 N  N   . GLU A 1 51 ? 6.618   0.744   15.629  1.00 21.52 ? 261 GLU A N   1 
ATOM   402 C  CA  . GLU A 1 51 ? 7.523   -0.128  14.914  1.00 22.12 ? 261 GLU A CA  1 
ATOM   403 C  C   . GLU A 1 51 ? 6.825   -1.222  14.124  1.00 22.01 ? 261 GLU A C   1 
ATOM   404 O  O   . GLU A 1 51 ? 7.167   -1.472  12.964  1.00 22.38 ? 261 GLU A O   1 
ATOM   405 C  CB  . GLU A 1 51 ? 8.520   -0.755  15.919  1.00 26.38 ? 261 GLU A CB  1 
ATOM   406 C  CG  . GLU A 1 51 ? 9.564   -1.675  15.314  1.00 31.16 ? 261 GLU A CG  1 
ATOM   407 C  CD  . GLU A 1 51 ? 10.552  -2.094  16.390  0.50 36.07 ? 261 GLU A CD  1 
ATOM   408 O  OE1 . GLU A 1 51 ? 11.487  -1.322  16.690  0.50 39.96 ? 261 GLU A OE1 1 
ATOM   409 O  OE2 . GLU A 1 51 ? 10.351  -3.163  16.990  0.50 40.96 ? 261 GLU A OE2 1 
ATOM   410 N  N   . GLN A 1 52 ? 5.833   -1.861  14.725  1.00 21.18 ? 262 GLN A N   1 
ATOM   411 C  CA  . GLN A 1 52 ? 5.052   -2.853  13.988  1.00 21.63 ? 262 GLN A CA  1 
ATOM   412 C  C   . GLN A 1 52 ? 4.337   -2.246  12.777  1.00 20.36 ? 262 GLN A C   1 
ATOM   413 O  O   . GLN A 1 52 ? 4.273   -2.874  11.717  1.00 20.81 ? 262 GLN A O   1 
ATOM   414 C  CB  . GLN A 1 52 ? 4.009   -3.522  14.925  1.00 21.19 ? 262 GLN A CB  1 
ATOM   415 C  CG  . GLN A 1 52 ? 4.620   -4.550  15.861  1.00 24.35 ? 262 GLN A CG  1 
ATOM   416 C  CD  . GLN A 1 52 ? 3.686   -4.991  16.938  1.00 23.36 ? 262 GLN A CD  1 
ATOM   417 O  OE1 . GLN A 1 52 ? 2.842   -4.216  17.457  1.00 24.57 ? 262 GLN A OE1 1 
ATOM   418 N  NE2 . GLN A 1 52 ? 3.840   -6.285  17.299  1.00 27.27 ? 262 GLN A NE2 1 
ATOM   419 N  N   . ALA A 1 53 ? 3.762   -1.060  12.969  1.00 19.04 ? 263 ALA A N   1 
ATOM   420 C  CA  . ALA A 1 53 ? 3.048   -0.428  11.852  1.00 20.36 ? 263 ALA A CA  1 
ATOM   421 C  C   . ALA A 1 53 ? 3.990   -0.163  10.688  1.00 19.23 ? 263 ALA A C   1 
ATOM   422 O  O   . ALA A 1 53 ? 3.634   -0.351  9.521   1.00 20.97 ? 263 ALA A O   1 
ATOM   423 C  CB  . ALA A 1 53 ? 2.374   0.845   12.316  1.00 20.64 ? 263 ALA A CB  1 
ATOM   424 N  N   . GLU A 1 54 ? 5.214   0.270   11.002  1.00 19.05 ? 264 GLU A N   1 
ATOM   425 C  CA  . GLU A 1 54 ? 6.180   0.543   9.952   1.00 19.28 ? 264 GLU A CA  1 
ATOM   426 C  C   . GLU A 1 54 ? 6.618   -0.773  9.249   1.00 20.67 ? 264 GLU A C   1 
ATOM   427 O  O   . GLU A 1 54 ? 6.755   -0.805  8.016   1.00 21.27 ? 264 GLU A O   1 
ATOM   428 C  CB  . GLU A 1 54 ? 7.369   1.263   10.577  1.00 22.82 ? 264 GLU A CB  1 
ATOM   429 C  CG  . GLU A 1 54 ? 7.006   2.682   11.026  1.00 24.28 ? 264 GLU A CG  1 
ATOM   430 C  CD  . GLU A 1 54 ? 8.198   3.540   11.450  1.00 27.84 ? 264 GLU A CD  1 
ATOM   431 O  OE1 . GLU A 1 54 ? 9.358   3.028   11.473  1.00 31.13 ? 264 GLU A OE1 1 
ATOM   432 O  OE2 . GLU A 1 54 ? 7.952   4.716   11.765  1.00 25.37 ? 264 GLU A OE2 1 
ATOM   433 N  N   . GLU A 1 55 ? 6.703   -1.846  10.009  1.00 19.63 ? 265 GLU A N   1 
ATOM   434 C  CA  . GLU A 1 55 ? 6.902   -3.180  9.414   1.00 20.73 ? 265 GLU A CA  1 
ATOM   435 C  C   . GLU A 1 55 ? 5.799   -3.609  8.466   1.00 20.12 ? 265 GLU A C   1 
ATOM   436 O  O   . GLU A 1 55 ? 6.052   -4.150  7.365   1.00 21.55 ? 265 GLU A O   1 
ATOM   437 C  CB  . GLU A 1 55 ? 7.125   -4.235  10.488  1.00 22.89 ? 265 GLU A CB  1 
ATOM   438 C  CG  . GLU A 1 55 ? 8.426   -4.053  11.278  1.00 26.00 ? 265 GLU A CG  1 
ATOM   439 C  CD  . GLU A 1 55 ? 8.552   -4.969  12.470  1.00 28.81 ? 265 GLU A CD  1 
ATOM   440 O  OE1 . GLU A 1 55 ? 7.577   -5.619  12.854  1.00 29.19 ? 265 GLU A OE1 1 
ATOM   441 O  OE2 . GLU A 1 55 ? 9.640   -4.977  13.092  1.00 35.81 ? 265 GLU A OE2 1 
ATOM   442 N  N   . ILE A 1 56 ? 4.559   -3.365  8.867   1.00 18.95 ? 266 ILE A N   1 
ATOM   443 C  CA  . ILE A 1 56 ? 3.435   -3.715  7.987   1.00 19.17 ? 266 ILE A CA  1 
ATOM   444 C  C   . ILE A 1 56 ? 3.544   -2.862  6.697   1.00 19.63 ? 266 ILE A C   1 
ATOM   445 O  O   . ILE A 1 56 ? 3.347   -3.382  5.606   1.00 19.90 ? 266 ILE A O   1 
ATOM   446 C  CB  . ILE A 1 56 ? 2.074   -3.471  8.672   1.00 19.35 ? 266 ILE A CB  1 
ATOM   447 C  CG1 . ILE A 1 56 ? 1.903   -4.344  9.928   1.00 19.56 ? 266 ILE A CG1 1 
ATOM   448 C  CG2 . ILE A 1 56 ? 0.942   -3.778  7.714   1.00 19.94 ? 266 ILE A CG2 1 
ATOM   449 C  CD1 . ILE A 1 56 ? 0.780   -3.921  10.844  1.00 20.22 ? 266 ILE A CD1 1 
ATOM   450 N  N   . CYS A 1 57 ? 3.804   -1.563  6.856   1.00 18.80 ? 267 CYS A N   1 
ATOM   451 C  CA  . CYS A 1 57 ? 3.916   -0.704  5.677   1.00 19.47 ? 267 CYS A CA  1 
ATOM   452 C  C   . CYS A 1 57 ? 5.002   -1.237  4.737   1.00 18.97 ? 267 CYS A C   1 
ATOM   453 O  O   . CYS A 1 57 ? 4.800   -1.266  3.496   1.00 19.93 ? 267 CYS A O   1 
ATOM   454 C  CB  . CYS A 1 57 ? 4.236   0.740   6.062   1.00 19.77 ? 267 CYS A CB  1 
ATOM   455 S  SG  . CYS A 1 57 ? 2.877   1.603   6.857   1.00 20.44 ? 267 CYS A SG  1 
ATOM   456 N  N   . GLU A 1 58 ? 6.153   -1.631  5.289   1.00 19.84 ? 268 GLU A N   1 
ATOM   457 C  CA  . GLU A 1 58 ? 7.248   -2.154  4.468   1.00 20.35 ? 268 GLU A CA  1 
ATOM   458 C  C   . GLU A 1 58 ? 6.837   -3.465  3.781   1.00 21.20 ? 268 GLU A C   1 
ATOM   459 O  O   . GLU A 1 58 ? 7.169   -3.709  2.615   1.00 22.65 ? 268 GLU A O   1 
ATOM   460 C  CB  . GLU A 1 58 ? 8.486   -2.302  5.331   1.00 24.14 ? 268 GLU A CB  1 
ATOM   461 C  CG  . GLU A 1 58 ? 9.120   -1.004  5.779   1.00 29.40 ? 268 GLU A CG  1 
ATOM   462 C  CD  . GLU A 1 58 ? 10.377  -1.243  6.611   1.00 44.79 ? 268 GLU A CD  1 
ATOM   463 O  OE1 . GLU A 1 58 ? 11.416  -1.567  5.997   1.00 57.24 ? 268 GLU A OE1 1 
ATOM   464 O  OE2 . GLU A 1 58 ? 10.341  -1.134  7.865   1.00 55.81 ? 268 GLU A OE2 1 
ATOM   465 N  N   . ALA A 1 59 ? 6.127   -4.316  4.501   1.00 21.23 ? 269 ALA A N   1 
ATOM   466 C  CA  . ALA A 1 59 ? 5.632   -5.563  3.941   1.00 21.22 ? 269 ALA A CA  1 
ATOM   467 C  C   . ALA A 1 59 ? 4.603   -5.348  2.797   1.00 21.85 ? 269 ALA A C   1 
ATOM   468 O  O   . ALA A 1 59 ? 4.607   -6.095  1.800   1.00 22.53 ? 269 ALA A O   1 
ATOM   469 C  CB  . ALA A 1 59 ? 5.016   -6.472  5.029   1.00 23.84 ? 269 ALA A CB  1 
ATOM   470 N  N   . VAL A 1 60 ? 3.760   -4.308  2.937   1.00 20.07 ? 270 VAL A N   1 
ATOM   471 C  CA  . VAL A 1 60 ? 2.853   -3.937  1.863   1.00 20.64 ? 270 VAL A CA  1 
ATOM   472 C  C   . VAL A 1 60 ? 3.630   -3.464  0.641   1.00 20.70 ? 270 VAL A C   1 
ATOM   473 O  O   . VAL A 1 60 ? 3.345   -3.897  -0.462  1.00 21.31 ? 270 VAL A O   1 
ATOM   474 C  CB  . VAL A 1 60 ? 1.849   -2.883  2.321   1.00 20.04 ? 270 VAL A CB  1 
ATOM   475 C  CG1 . VAL A 1 60 ? 1.114   -2.250  1.136   1.00 20.18 ? 270 VAL A CG1 1 
ATOM   476 C  CG2 . VAL A 1 60 ? 0.889   -3.454  3.375   1.00 21.51 ? 270 VAL A CG2 1 
ATOM   477 N  N   A GLN A 1 61 ? 4.612   -2.593  0.867   0.50 20.12 ? 271 GLN A N   1 
ATOM   478 N  N   B GLN A 1 61 ? 4.615   -2.589  0.846   0.50 20.09 ? 271 GLN A N   1 
ATOM   479 C  CA  A GLN A 1 61 ? 5.437   -2.110  -0.233  0.50 21.34 ? 271 GLN A CA  1 
ATOM   480 C  CA  B GLN A 1 61 ? 5.452   -2.150  -0.275  0.50 21.06 ? 271 GLN A CA  1 
ATOM   481 C  C   A GLN A 1 61 ? 6.098   -3.274  -0.978  0.50 22.64 ? 271 GLN A C   1 
ATOM   482 C  C   B GLN A 1 61 ? 6.023   -3.354  -1.000  0.50 21.90 ? 271 GLN A C   1 
ATOM   483 O  O   A GLN A 1 61 ? 6.073   -3.311  -2.207  0.50 25.32 ? 271 GLN A O   1 
ATOM   484 O  O   B GLN A 1 61 ? 5.856   -3.523  -2.211  0.50 21.76 ? 271 GLN A O   1 
ATOM   485 C  CB  A GLN A 1 61 ? 6.468   -1.118  0.267   0.50 22.66 ? 271 GLN A CB  1 
ATOM   486 C  CB  B GLN A 1 61 ? 6.591   -1.282  0.200   0.50 22.39 ? 271 GLN A CB  1 
ATOM   487 C  CG  A GLN A 1 61 ? 7.264   -0.443  -0.838  0.50 23.61 ? 271 GLN A CG  1 
ATOM   488 C  CG  B GLN A 1 61 ? 6.176   0.097   0.654   0.50 21.89 ? 271 GLN A CG  1 
ATOM   489 C  CD  A GLN A 1 61 ? 8.436   0.345   -0.311  0.50 25.89 ? 271 GLN A CD  1 
ATOM   490 C  CD  B GLN A 1 61 ? 7.326   0.882   1.189   0.50 25.81 ? 271 GLN A CD  1 
ATOM   491 O  OE1 A GLN A 1 61 ? 9.342   -0.181  0.351   0.50 33.34 ? 271 GLN A OE1 1 
ATOM   492 O  OE1 B GLN A 1 61 ? 8.058   0.404   2.051   0.50 28.28 ? 271 GLN A OE1 1 
ATOM   493 N  NE2 A GLN A 1 61 ? 8.441   1.607   -0.620  0.50 31.58 ? 271 GLN A NE2 1 
ATOM   494 N  NE2 B GLN A 1 61 ? 7.464   2.114   0.726   0.50 30.71 ? 271 GLN A NE2 1 
ATOM   495 N  N   . ALA A 1 62 ? 6.648   -4.243  -0.240  1.00 22.42 ? 272 ALA A N   1 
ATOM   496 C  CA  . ALA A 1 62 ? 7.242   -5.429  -0.882  1.00 24.28 ? 272 ALA A CA  1 
ATOM   497 C  C   . ALA A 1 62 ? 6.223   -6.285  -1.661  1.00 25.02 ? 272 ALA A C   1 
ATOM   498 O  O   . ALA A 1 62 ? 6.481   -6.719  -2.797  1.00 26.40 ? 272 ALA A O   1 
ATOM   499 C  CB  . ALA A 1 62 ? 7.998   -6.233  0.145   1.00 25.53 ? 272 ALA A CB  1 
ATOM   500 N  N   . ALA A 1 63 ? 5.078   -6.531  -1.039  1.00 24.38 ? 273 ALA A N   1 
ATOM   501 C  CA  . ALA A 1 63 ? 4.062   -7.412  -1.629  1.00 23.63 ? 273 ALA A CA  1 
ATOM   502 C  C   . ALA A 1 63 ? 3.489   -6.811  -2.890  1.00 24.86 ? 273 ALA A C   1 
ATOM   503 O  O   . ALA A 1 63 ? 3.399   -7.490  -3.899  1.00 26.84 ? 273 ALA A O   1 
ATOM   504 C  CB  . ALA A 1 63 ? 2.946   -7.667  -0.658  1.00 26.68 ? 273 ALA A CB  1 
ATOM   505 N  N   . VAL A 1 64 ? 3.126   -5.525  -2.811  1.00 21.78 ? 274 VAL A N   1 
ATOM   506 C  CA  . VAL A 1 64 ? 2.490   -4.801  -3.934  1.00 23.21 ? 274 VAL A CA  1 
ATOM   507 C  C   . VAL A 1 64 ? 3.495   -4.630  -5.094  1.00 24.18 ? 274 VAL A C   1 
ATOM   508 O  O   . VAL A 1 64 ? 3.181   -4.963  -6.234  1.00 24.76 ? 274 VAL A O   1 
ATOM   509 C  CB  . VAL A 1 64 ? 1.928   -3.456  -3.489  1.00 22.47 ? 274 VAL A CB  1 
ATOM   510 C  CG1 . VAL A 1 64 ? 1.470   -2.655  -4.693  1.00 25.37 ? 274 VAL A CG1 1 
ATOM   511 C  CG2 . VAL A 1 64 ? 0.794   -3.656  -2.482  1.00 25.13 ? 274 VAL A CG2 1 
ATOM   512 N  N   . CYS A 1 65 ? 4.716   -4.191  -4.788  1.00 24.63 ? 275 CYS A N   1 
ATOM   513 C  CA  . CYS A 1 65 ? 5.732   -4.028  -5.831  1.00 25.24 ? 275 CYS A CA  1 
ATOM   514 C  C   . CYS A 1 65 ? 6.109   -5.383  -6.450  1.00 25.11 ? 275 CYS A C   1 
ATOM   515 O  O   . CYS A 1 65 ? 6.394   -5.453  -7.647  1.00 29.46 ? 275 CYS A O   1 
ATOM   516 C  CB  . CYS A 1 65 ? 6.974   -3.390  -5.248  1.00 27.83 ? 275 CYS A CB  1 
ATOM   517 S  SG  . CYS A 1 65 ? 6.665   -1.662  -4.826  1.00 37.10 ? 275 CYS A SG  1 
ATOM   518 N  N   . GLY A 1 66 ? 6.118   -6.446  -5.626  1.00 26.01 ? 276 GLY A N   1 
ATOM   519 C  CA  . GLY A 1 66 ? 6.377   -7.782  -6.138  1.00 28.21 ? 276 GLY A CA  1 
ATOM   520 C  C   . GLY A 1 66 ? 5.350   -8.333  -7.093  1.00 29.85 ? 276 GLY A C   1 
ATOM   521 O  O   . GLY A 1 66 ? 5.693   -9.038  -8.040  1.00 36.67 ? 276 GLY A O   1 
ATOM   522 N  N   . LYS A 1 67 ? 4.103   -7.948  -6.886  1.00 27.07 ? 277 LYS A N   1 
ATOM   523 C  CA  . LYS A 1 67 ? 2.974   -8.445  -7.658  1.00 26.71 ? 277 LYS A CA  1 
ATOM   524 C  C   . LYS A 1 67 ? 2.635   -7.614  -8.894  1.00 26.31 ? 277 LYS A C   1 
ATOM   525 O  O   . LYS A 1 67 ? 2.044   -8.137  -9.869  1.00 28.75 ? 277 LYS A O   1 
ATOM   526 C  CB  . LYS A 1 67 ? 1.724   -8.595  -6.759  1.00 29.94 ? 277 LYS A CB  1 
ATOM   527 C  CG  . LYS A 1 67 ? 1.809   -9.840  -5.876  1.00 32.90 ? 277 LYS A CG  1 
ATOM   528 C  CD  . LYS A 1 67 ? 0.551   -9.970  -5.023  1.00 35.17 ? 277 LYS A CD  1 
ATOM   529 C  CE  . LYS A 1 67 ? 0.544   -11.217 -4.140  1.00 35.91 ? 277 LYS A CE  1 
ATOM   530 N  NZ  . LYS A 1 67 ? -0.693  -11.231 -3.322  1.00 37.44 ? 277 LYS A NZ  1 
ATOM   531 N  N   . ILE A 1 68 ? 2.962   -6.328  -8.845  1.00 25.40 ? 278 ILE A N   1 
ATOM   532 C  CA  . ILE A 1 68 ? 2.555   -5.404  -9.905  1.00 25.62 ? 278 ILE A CA  1 
ATOM   533 C  C   . ILE A 1 68 ? 3.818   -4.753  -10.457 1.00 23.62 ? 278 ILE A C   1 
ATOM   534 O  O   . ILE A 1 68 ? 4.351   -3.810  -9.903  1.00 24.72 ? 278 ILE A O   1 
ATOM   535 C  CB  . ILE A 1 68 ? 1.504   -4.400  -9.438  1.00 24.99 ? 278 ILE A CB  1 
ATOM   536 C  CG1 . ILE A 1 68 ? 0.311   -5.160  -8.835  1.00 30.34 ? 278 ILE A CG1 1 
ATOM   537 C  CG2 . ILE A 1 68 ? 1.035   -3.545  -10.646 1.00 24.59 ? 278 ILE A CG2 1 
ATOM   538 C  CD1 . ILE A 1 68 ? -0.479  -4.405  -7.870  1.00 32.62 ? 278 ILE A CD1 1 
ATOM   539 N  N   . ARG A 1 69 ? 4.292   -5.334  -11.539 1.00 24.77 ? 279 ARG A N   1 
ATOM   540 C  CA  . ARG A 1 69 ? 5.627   -5.083  -12.018 1.00 27.16 ? 279 ARG A CA  1 
ATOM   541 C  C   . ARG A 1 69 ? 5.802   -3.644  -12.538 1.00 23.77 ? 279 ARG A C   1 
ATOM   542 O  O   . ARG A 1 69 ? 6.886   -3.098  -12.473 1.00 25.84 ? 279 ARG A O   1 
ATOM   543 C  CB  . ARG A 1 69 ? 6.017   -6.150  -13.088 1.00 32.77 ? 279 ARG A CB  1 
ATOM   544 C  CG  . ARG A 1 69 ? 6.798   -7.374  -12.602 1.00 43.55 ? 279 ARG A CG  1 
ATOM   545 C  CD  . ARG A 1 69 ? 6.520   -7.863  -11.182 1.00 51.86 ? 279 ARG A CD  1 
ATOM   546 N  NE  . ARG A 1 69 ? 7.229   -7.076  -10.150 1.00 57.71 ? 279 ARG A NE  1 
ATOM   547 C  CZ  . ARG A 1 69 ? 8.551   -7.043  -9.957  0.50 64.10 ? 279 ARG A CZ  1 
ATOM   548 N  NH1 . ARG A 1 69 ? 9.395   -7.763  -10.707 1.00 70.18 ? 279 ARG A NH1 1 
ATOM   549 N  NH2 . ARG A 1 69 ? 9.043   -6.270  -8.992  1.00 65.21 ? 279 ARG A NH2 1 
ATOM   550 N  N   . ARG A 1 70 ? 4.714   -3.024  -13.006 1.00 23.44 ? 280 ARG A N   1 
ATOM   551 C  CA  . ARG A 1 70 ? 4.781   -1.678  -13.541 1.00 23.46 ? 280 ARG A CA  1 
ATOM   552 C  C   . ARG A 1 70 ? 4.939   -0.586  -12.478 1.00 21.76 ? 280 ARG A C   1 
ATOM   553 O  O   . ARG A 1 70 ? 5.212   0.581   -12.813 1.00 22.15 ? 280 ARG A O   1 
ATOM   554 C  CB  . ARG A 1 70 ? 3.571   -1.365  -14.435 1.00 25.59 ? 280 ARG A CB  1 
ATOM   555 C  CG  . ARG A 1 70 ? 2.305   -1.082  -13.661 1.00 26.30 ? 280 ARG A CG  1 
ATOM   556 C  CD  . ARG A 1 70 ? 1.104   -1.035  -14.574 1.00 28.86 ? 280 ARG A CD  1 
ATOM   557 N  NE  . ARG A 1 70 ? 0.787   -2.346  -15.120 1.00 29.76 ? 280 ARG A NE  1 
ATOM   558 C  CZ  . ARG A 1 70 ? -0.095  -2.559  -16.067 1.00 31.12 ? 280 ARG A CZ  1 
ATOM   559 N  NH1 . ARG A 1 70 ? -0.712  -1.536  -16.670 1.00 32.83 ? 280 ARG A NH1 1 
ATOM   560 N  NH2 . ARG A 1 70 ? -0.282  -3.802  -16.469 1.00 35.08 ? 280 ARG A NH2 1 
ATOM   561 N  N   . ILE A 1 71 ? 4.761   -0.934  -11.204 1.00 20.14 ? 281 ILE A N   1 
ATOM   562 C  CA  . ILE A 1 71 ? 4.929   0.068   -10.146 1.00 20.98 ? 281 ILE A CA  1 
ATOM   563 C  C   . ILE A 1 71 ? 6.410   0.332   -9.930  1.00 20.88 ? 281 ILE A C   1 
ATOM   564 O  O   . ILE A 1 71 ? 7.180   -0.585  -9.624  1.00 22.63 ? 281 ILE A O   1 
ATOM   565 C  CB  . ILE A 1 71 ? 4.237   -0.349  -8.847  1.00 21.49 ? 281 ILE A CB  1 
ATOM   566 C  CG1 . ILE A 1 71 ? 2.740   -0.560  -9.078  1.00 22.31 ? 281 ILE A CG1 1 
ATOM   567 C  CG2 . ILE A 1 71 ? 4.468   0.691   -7.773  1.00 21.46 ? 281 ILE A CG2 1 
ATOM   568 C  CD1 . ILE A 1 71 ? 1.994   -1.124  -7.888  1.00 25.04 ? 281 ILE A CD1 1 
ATOM   569 N  N   . GLU A 1 72 ? 6.787   1.607   -10.031 1.00 19.44 ? 282 GLU A N   1 
ATOM   570 C  CA  . GLU A 1 72 ? 8.178   1.993   -9.814  1.00 20.25 ? 282 GLU A CA  1 
ATOM   571 C  C   . GLU A 1 72 ? 8.385   2.908   -8.619  1.00 20.85 ? 282 GLU A C   1 
ATOM   572 O  O   . GLU A 1 72 ? 9.504   3.190   -8.267  1.00 23.88 ? 282 GLU A O   1 
ATOM   573 C  CB  . GLU A 1 72 ? 8.809   2.593   -11.063 1.00 21.90 ? 282 GLU A CB  1 
ATOM   574 C  CG  . GLU A 1 72 ? 8.909   1.601   -12.210 1.00 23.26 ? 282 GLU A CG  1 
ATOM   575 C  CD  . GLU A 1 72 ? 9.884   0.459   -11.941 1.00 24.59 ? 282 GLU A CD  1 
ATOM   576 O  OE1 . GLU A 1 72 ? 10.670  0.523   -10.970 1.00 24.73 ? 282 GLU A OE1 1 
ATOM   577 O  OE2 . GLU A 1 72 ? 9.897   -0.483  -12.768 1.00 28.83 ? 282 GLU A OE2 1 
ATOM   578 N  N   . SER A 1 73 ? 7.307   3.296   -7.952  1.00 20.18 ? 283 SER A N   1 
ATOM   579 C  CA  . SER A 1 73 ? 7.368   4.021   -6.713  1.00 21.61 ? 283 SER A CA  1 
ATOM   580 C  C   . SER A 1 73 ? 6.090   3.765   -5.934  1.00 20.34 ? 283 SER A C   1 
ATOM   581 O  O   . SER A 1 73 ? 5.016   3.929   -6.480  1.00 20.62 ? 283 SER A O   1 
ATOM   582 C  CB  . SER A 1 73 ? 7.561   5.500   -6.925  1.00 22.99 ? 283 SER A CB  1 
ATOM   583 O  OG  . SER A 1 73 ? 7.629   6.176   -5.680  1.00 27.52 ? 283 SER A OG  1 
ATOM   584 N  N   . LEU A 1 74 ? 6.220   3.347   -4.672  1.00 22.26 ? 284 LEU A N   1 
ATOM   585 C  CA  . LEU A 1 74 ? 5.081   3.135   -3.808  1.00 20.70 ? 284 LEU A CA  1 
ATOM   586 C  C   . LEU A 1 74 ? 5.390   3.609   -2.393  1.00 22.16 ? 284 LEU A C   1 
ATOM   587 O  O   . LEU A 1 74 ? 6.281   3.058   -1.741  1.00 27.76 ? 284 LEU A O   1 
ATOM   588 C  CB  . LEU A 1 74 ? 4.715   1.674   -3.790  1.00 23.27 ? 284 LEU A CB  1 
ATOM   589 C  CG  . LEU A 1 74 ? 3.545   1.287   -2.896  1.00 24.44 ? 284 LEU A CG  1 
ATOM   590 C  CD1 . LEU A 1 74 ? 2.255   2.008   -3.233  1.00 24.07 ? 284 LEU A CD1 1 
ATOM   591 C  CD2 . LEU A 1 74 ? 3.306   -0.220  -2.925  1.00 27.00 ? 284 LEU A CD2 1 
ATOM   592 N  N   A HIS A 1 75 ? 4.719   4.637   -1.925  0.50 19.23 ? 285 HIS A N   1 
ATOM   593 N  N   B HIS A 1 75 ? 4.672   4.624   -1.937  0.50 20.31 ? 285 HIS A N   1 
ATOM   594 C  CA  A HIS A 1 75 ? 4.880   5.083   -0.561  0.50 19.15 ? 285 HIS A CA  1 
ATOM   595 C  CA  B HIS A 1 75 ? 4.746   5.135   -0.579  0.50 20.97 ? 285 HIS A CA  1 
ATOM   596 C  C   A HIS A 1 75 ? 3.646   4.623   0.225   0.50 18.57 ? 285 HIS A C   1 
ATOM   597 C  C   B HIS A 1 75 ? 3.591   4.584   0.222   0.50 19.76 ? 285 HIS A C   1 
ATOM   598 O  O   A HIS A 1 75 ? 2.544   4.785   -0.237  0.50 20.08 ? 285 HIS A O   1 
ATOM   599 O  O   B HIS A 1 75 ? 2.468   4.697   -0.201  0.50 20.38 ? 285 HIS A O   1 
ATOM   600 C  CB  A HIS A 1 75 ? 4.991   6.611   -0.546  0.50 23.51 ? 285 HIS A CB  1 
ATOM   601 C  CB  B HIS A 1 75 ? 4.550   6.655   -0.607  0.50 25.71 ? 285 HIS A CB  1 
ATOM   602 C  CG  A HIS A 1 75 ? 5.199   7.178   0.818   0.50 27.65 ? 285 HIS A CG  1 
ATOM   603 C  CG  B HIS A 1 75 ? 5.624   7.383   -1.342  0.50 30.11 ? 285 HIS A CG  1 
ATOM   604 N  ND1 A HIS A 1 75 ? 6.339   7.849   1.174   0.50 30.25 ? 285 HIS A ND1 1 
ATOM   605 N  ND1 B HIS A 1 75 ? 6.951   7.265   -1.015  0.50 32.47 ? 285 HIS A ND1 1 
ATOM   606 C  CD2 A HIS A 1 75 ? 4.397   7.188   1.910   0.50 32.37 ? 285 HIS A CD2 1 
ATOM   607 C  CD2 B HIS A 1 75 ? 5.573   8.258   -2.374  0.50 29.24 ? 285 HIS A CD2 1 
ATOM   608 C  CE1 A HIS A 1 75 ? 6.247   8.234   2.435   0.50 29.72 ? 285 HIS A CE1 1 
ATOM   609 C  CE1 B HIS A 1 75 ? 7.679   8.029   -1.822  0.50 27.86 ? 285 HIS A CE1 1 
ATOM   610 N  NE2 A HIS A 1 75 ? 5.082   7.834   2.910   0.50 34.84 ? 285 HIS A NE2 1 
ATOM   611 N  NE2 B HIS A 1 75 ? 6.861   8.655   -2.638  0.50 34.68 ? 285 HIS A NE2 1 
ATOM   612 N  N   . VAL A 1 76 ? 3.857   4.006   1.388   1.00 18.85 ? 286 VAL A N   1 
ATOM   613 C  CA  . VAL A 1 76 ? 2.816   3.461   2.238   1.00 18.91 ? 286 VAL A CA  1 
ATOM   614 C  C   . VAL A 1 76 ? 2.928   4.075   3.636   1.00 19.93 ? 286 VAL A C   1 
ATOM   615 O  O   . VAL A 1 76 ? 3.995   4.042   4.221   1.00 23.44 ? 286 VAL A O   1 
ATOM   616 C  CB  . VAL A 1 76 ? 2.924   1.928   2.339   1.00 20.43 ? 286 VAL A CB  1 
ATOM   617 C  CG1 . VAL A 1 76 ? 1.744   1.362   3.130   1.00 20.12 ? 286 VAL A CG1 1 
ATOM   618 C  CG2 . VAL A 1 76 ? 3.020   1.295   0.957   1.00 21.97 ? 286 VAL A CG2 1 
ATOM   619 N  N   . SER A 1 77 ? 1.813   4.602   4.119   1.00 19.21 ? 287 SER A N   1 
ATOM   620 C  CA  A SER A 1 77 ? 1.717   5.053   5.458   0.50 19.19 ? 287 SER A CA  1 
ATOM   621 C  CA  B SER A 1 77 ? 1.634   5.165   5.420   0.50 18.64 ? 287 SER A CA  1 
ATOM   622 C  C   . SER A 1 77 ? 0.528   4.374   6.127   1.00 17.98 ? 287 SER A C   1 
ATOM   623 O  O   . SER A 1 77 ? -0.293  3.753   5.478   1.00 18.68 ? 287 SER A O   1 
ATOM   624 C  CB  A SER A 1 77 ? 1.636   6.570   5.515   0.50 20.84 ? 287 SER A CB  1 
ATOM   625 C  CB  B SER A 1 77 ? 1.225   6.644   5.335   0.50 19.38 ? 287 SER A CB  1 
ATOM   626 O  OG  A SER A 1 77 ? 0.402   7.012   4.987   0.50 24.28 ? 287 SER A OG  1 
ATOM   627 O  OG  B SER A 1 77 ? 2.185   7.439   4.656   0.50 23.30 ? 287 SER A OG  1 
ATOM   628 N  N   . ALA A 1 78 ? 0.413   4.538   7.433   1.00 18.45 ? 288 ALA A N   1 
ATOM   629 C  CA  . ALA A 1 78 ? -0.550  3.818   8.259   1.00 18.79 ? 288 ALA A CA  1 
ATOM   630 C  C   . ALA A 1 78 ? -1.337  4.756   9.147   1.00 19.64 ? 288 ALA A C   1 
ATOM   631 O  O   . ALA A 1 78 ? -0.806  5.701   9.691   1.00 20.91 ? 288 ALA A O   1 
ATOM   632 C  CB  . ALA A 1 78 ? 0.109   2.736   9.097   1.00 19.14 ? 288 ALA A CB  1 
ATOM   633 N  N   . GLU A 1 79 ? -2.600  4.387   9.418   1.00 19.49 ? 289 GLU A N   1 
ATOM   634 C  CA  . GLU A 1 79 ? -3.460  5.026   10.423  1.00 21.02 ? 289 GLU A CA  1 
ATOM   635 C  C   . GLU A 1 79 ? -4.148  3.946   11.219  1.00 20.03 ? 289 GLU A C   1 
ATOM   636 O  O   . GLU A 1 79 ? -4.445  2.851   10.709  1.00 21.04 ? 289 GLU A O   1 
ATOM   637 C  CB  . GLU A 1 79 ? -4.552  5.924   9.767   1.00 25.90 ? 289 GLU A CB  1 
ATOM   638 C  CG  . GLU A 1 79 ? -4.035  7.126   9.001   1.00 27.51 ? 289 GLU A CG  1 
ATOM   639 C  CD  . GLU A 1 79 ? -5.130  7.878   8.288   1.00 31.29 ? 289 GLU A CD  1 
ATOM   640 O  OE1 . GLU A 1 79 ? -6.298  7.547   8.446   1.00 36.89 ? 289 GLU A OE1 1 
ATOM   641 O  OE2 . GLU A 1 79 ? -4.776  8.772   7.542   1.00 35.31 ? 289 GLU A OE2 1 
ATOM   642 N  N   . ALA A 1 80 ? -4.420  4.264   12.493  1.00 20.77 ? 290 ALA A N   1 
ATOM   643 C  CA  . ALA A 1 80 ? -5.215  3.355   13.347  1.00 22.03 ? 290 ALA A CA  1 
ATOM   644 C  C   . ALA A 1 80 ? -6.605  3.182   12.739  1.00 23.91 ? 290 ALA A C   1 
ATOM   645 O  O   . ALA A 1 80 ? -7.256  4.177   12.325  1.00 26.58 ? 290 ALA A O   1 
ATOM   646 C  CB  . ALA A 1 80 ? -5.317  3.913   14.736  1.00 24.25 ? 290 ALA A CB  1 
ATOM   647 N  N   . ARG A 1 81 ? -7.064  1.937   12.711  1.00 23.19 ? 291 ARG A N   1 
ATOM   648 C  CA  . ARG A 1 81 ? -8.434  1.636   12.278  1.00 27.60 ? 291 ARG A CA  1 
ATOM   649 C  C   . ARG A 1 81 ? -9.027  0.502   13.075  1.00 30.92 ? 291 ARG A C   1 
ATOM   650 O  O   . ARG A 1 81 ? -8.376  -0.485  13.311  1.00 29.33 ? 291 ARG A O   1 
ATOM   651 C  CB  . ARG A 1 81 ? -8.399  1.246   10.808  1.00 32.26 ? 291 ARG A CB  1 
ATOM   652 C  CG  . ARG A 1 81 ? -9.632  1.725   10.083  1.00 42.98 ? 291 ARG A CG  1 
ATOM   653 C  CD  . ARG A 1 81 ? -9.754  1.053   8.739   1.00 46.55 ? 291 ARG A CD  1 
ATOM   654 N  NE  . ARG A 1 81 ? -10.675 1.759   7.840   1.00 53.45 ? 291 ARG A NE  1 
ATOM   655 C  CZ  . ARG A 1 81 ? -10.801 1.481   6.546   1.00 54.78 ? 291 ARG A CZ  1 
ATOM   656 N  NH1 . ARG A 1 81 ? -10.069 0.511   6.015   1.00 52.52 ? 291 ARG A NH1 1 
ATOM   657 N  NH2 . ARG A 1 81 ? -11.652 2.176   5.771   1.00 61.48 ? 291 ARG A NH2 1 
ATOM   658 N  N   . GLU A 1 82 ? -10.299 0.639   13.461  1.00 38.60 ? 292 GLU A N   1 
ATOM   659 C  CA  . GLU A 1 82 ? -11.050 -0.486  14.026  1.00 43.54 ? 292 GLU A CA  1 
ATOM   660 C  C   . GLU A 1 82 ? -11.558 -1.358  12.893  1.00 46.37 ? 292 GLU A C   1 
ATOM   661 O  O   . GLU A 1 82 ? -11.941 -2.519  13.136  1.00 57.34 ? 292 GLU A O   1 
ATOM   662 C  CB  . GLU A 1 82 ? -12.241 -0.004  14.863  1.00 49.28 ? 292 GLU A CB  1 
ATOM   663 C  CG  . GLU A 1 82 ? -11.890 0.902   16.021  1.00 55.30 ? 292 GLU A CG  1 
ATOM   664 C  CD  . GLU A 1 82 ? -10.892 0.289   16.990  1.00 61.97 ? 292 GLU A CD  1 
ATOM   665 O  OE1 . GLU A 1 82 ? -10.721 -0.958  17.040  1.00 65.32 ? 292 GLU A OE1 1 
ATOM   666 O  OE2 . GLU A 1 82 ? -10.280 1.083   17.719  1.00 59.66 ? 292 GLU A OE2 1 
HETATM 667 S  S   . SO4 B 2 .  ? 2.252   -5.813  -14.371 1.00 30.17 ? 401 SO4 A S   1 
HETATM 668 O  O1  . SO4 B 2 .  ? 2.369   -6.775  -13.236 1.00 30.60 ? 401 SO4 A O1  1 
HETATM 669 O  O2  . SO4 B 2 .  ? 2.391   -4.415  -13.941 1.00 29.21 ? 401 SO4 A O2  1 
HETATM 670 O  O3  . SO4 B 2 .  ? 0.900   -5.920  -14.943 1.00 31.68 ? 401 SO4 A O3  1 
HETATM 671 O  O4  . SO4 B 2 .  ? 3.281   -5.975  -15.404 1.00 37.29 ? 401 SO4 A O4  1 
HETATM 672 S  S   . SO4 C 2 .  ? -1.677  -3.110  -19.765 0.50 42.90 ? 402 SO4 A S   1 
HETATM 673 O  O1  . SO4 C 2 .  ? -2.432  -2.044  -19.030 0.50 43.95 ? 402 SO4 A O1  1 
HETATM 674 O  O2  . SO4 C 2 .  ? -0.259  -2.696  -19.975 0.50 48.00 ? 402 SO4 A O2  1 
HETATM 675 O  O3  . SO4 C 2 .  ? -1.651  -4.308  -18.874 0.50 40.80 ? 402 SO4 A O3  1 
HETATM 676 O  O4  . SO4 C 2 .  ? -2.407  -3.404  -21.050 0.50 47.26 ? 402 SO4 A O4  1 
HETATM 677 CD CD  . CD  D 3 .  ? -9.099  -10.994 -1.259  0.50 43.40 ? 403 CD  A CD  1 
HETATM 678 CD CD  . CD  E 3 .  ? 8.262   7.806   -0.181  0.50 37.54 ? 404 CD  A CD  1 
HETATM 679 CD CD  . CD  F 3 .  ? 4.757   9.908   -2.186  0.50 52.27 ? 405 CD  A CD  1 
HETATM 680 C  C1  . BME G 4 .  ? 9.983   -0.243  -6.887  1.00 55.43 ? 406 BME A C1  1 
HETATM 681 C  C2  . BME G 4 .  ? 8.893   0.266   -5.955  1.00 48.18 ? 406 BME A C2  1 
HETATM 682 O  O1  . BME G 4 .  ? 9.992   -1.683  -6.966  1.00 64.78 ? 406 BME A O1  1 
HETATM 683 S  S2  . BME G 4 .  ? 7.330   -0.614  -6.246  1.00 38.61 ? 406 BME A S2  1 
HETATM 684 O  O   . HOH H 5 .  ? -7.404  4.157   -5.706  1.00 38.42 ? 501 HOH A O   1 
HETATM 685 O  O   . HOH H 5 .  ? -9.312  -2.444  1.542   1.00 38.03 ? 502 HOH A O   1 
HETATM 686 O  O   . HOH H 5 .  ? -10.838 0.756   3.802   1.00 46.35 ? 503 HOH A O   1 
HETATM 687 O  O   . HOH H 5 .  ? 8.410   5.390   -0.948  1.00 44.38 ? 504 HOH A O   1 
HETATM 688 O  O   . HOH H 5 .  ? -6.654  -7.384  5.227   1.00 37.87 ? 505 HOH A O   1 
HETATM 689 O  O   . HOH H 5 .  ? 8.121   -1.192  -14.499 1.00 47.42 ? 506 HOH A O   1 
HETATM 690 O  O   . HOH H 5 .  ? 1.247   7.355   2.018   1.00 31.47 ? 507 HOH A O   1 
HETATM 691 O  O   . HOH H 5 .  ? 7.803   -6.867  15.215  1.00 31.36 ? 508 HOH A O   1 
HETATM 692 O  O   . HOH H 5 .  ? -2.706  -4.406  12.307  1.00 21.53 ? 509 HOH A O   1 
HETATM 693 O  O   . HOH H 5 .  ? -2.960  -10.384 -4.496  1.00 36.69 ? 510 HOH A O   1 
HETATM 694 O  O   . HOH H 5 .  ? 2.251   0.088   -17.951 1.00 42.50 ? 511 HOH A O   1 
HETATM 695 O  O   . HOH H 5 .  ? -6.979  -3.068  19.250  1.00 33.06 ? 512 HOH A O   1 
HETATM 696 O  O   . HOH H 5 .  ? 0.035   -9.566  -1.318  1.00 30.53 ? 513 HOH A O   1 
HETATM 697 O  O   . HOH H 5 .  ? 5.169   7.150   -5.091  1.00 30.15 ? 514 HOH A O   1 
HETATM 698 O  O   . HOH H 5 .  ? 11.564  -3.144  12.497  1.00 49.07 ? 515 HOH A O   1 
HETATM 699 O  O   . HOH H 5 .  ? -2.195  10.846  -2.236  1.00 35.34 ? 516 HOH A O   1 
HETATM 700 O  O   . HOH H 5 .  ? 7.035   -3.612  18.698  1.00 36.14 ? 517 HOH A O   1 
HETATM 701 O  O   . HOH H 5 .  ? 6.826   -0.337  -16.350 1.00 39.92 ? 518 HOH A O   1 
HETATM 702 O  O   . HOH H 5 .  ? 8.329   -5.647  7.089   1.00 29.06 ? 519 HOH A O   1 
HETATM 703 O  O   . HOH H 5 .  ? -5.645  6.924   -8.117  1.00 29.46 ? 520 HOH A O   1 
HETATM 704 O  O   . HOH H 5 .  ? 3.297   10.141  -18.212 1.00 76.89 ? 521 HOH A O   1 
HETATM 705 O  O   . HOH H 5 .  ? 7.427   -3.296  -9.201  1.00 30.52 ? 522 HOH A O   1 
HETATM 706 O  O   . HOH H 5 .  ? 9.604   -2.928  1.556   1.00 44.78 ? 523 HOH A O   1 
HETATM 707 O  O   . HOH H 5 .  ? 5.475   -8.714  2.049   1.00 27.85 ? 524 HOH A O   1 
HETATM 708 O  O   . HOH H 5 .  ? -3.143  -8.211  -6.720  1.00 34.68 ? 525 HOH A O   1 
HETATM 709 O  O   . HOH H 5 .  ? 5.053   -6.612  12.181  1.00 29.11 ? 526 HOH A O   1 
HETATM 710 O  O   . HOH H 5 .  ? -6.899  6.848   13.108  1.00 36.54 ? 527 HOH A O   1 
HETATM 711 O  O   . HOH H 5 .  ? -5.956  -0.394  -15.255 1.00 42.76 ? 528 HOH A O   1 
HETATM 712 O  O   . HOH H 5 .  ? -8.063  -5.374  4.736   1.00 37.14 ? 529 HOH A O   1 
HETATM 713 O  O   . HOH H 5 .  ? 3.032   -7.603  7.746   1.00 29.41 ? 530 HOH A O   1 
HETATM 714 O  O   . HOH H 5 .  ? 9.135   -6.759  -3.804  1.00 41.98 ? 531 HOH A O   1 
HETATM 715 O  O   . HOH H 5 .  ? -7.518  -6.063  -12.320 1.00 38.07 ? 532 HOH A O   1 
HETATM 716 O  O   . HOH H 5 .  ? -2.244  8.733   -14.589 1.00 40.22 ? 533 HOH A O   1 
HETATM 717 O  O   . HOH H 5 .  ? 3.416   -9.746  -11.930 1.00 54.75 ? 534 HOH A O   1 
HETATM 718 O  O   . HOH H 5 .  ? -4.143  -9.785  8.571   1.00 26.27 ? 535 HOH A O   1 
HETATM 719 O  O   . HOH H 5 .  ? -3.838  -4.611  -14.472 1.00 31.03 ? 536 HOH A O   1 
HETATM 720 O  O   . HOH H 5 .  ? 9.969   -1.100  11.938  1.00 41.00 ? 537 HOH A O   1 
HETATM 721 O  O   . HOH H 5 .  ? -1.755  -8.774  -9.179  1.00 32.63 ? 538 HOH A O   1 
HETATM 722 O  O   . HOH H 5 .  ? -4.124  -10.067 5.819   1.00 25.80 ? 539 HOH A O   1 
HETATM 723 O  O   . HOH H 5 .  ? 10.529  -4.225  7.844   1.00 45.69 ? 540 HOH A O   1 
HETATM 724 O  O   . HOH H 5 .  ? -10.002 -5.536  -11.884 1.00 44.79 ? 541 HOH A O   1 
HETATM 725 O  O   . HOH H 5 .  ? -4.453  -2.698  -16.548 1.00 41.51 ? 542 HOH A O   1 
HETATM 726 O  O   . HOH H 5 .  ? -8.631  4.348   -4.424  1.00 41.45 ? 543 HOH A O   1 
HETATM 727 O  O   . HOH H 5 .  ? 5.994   -0.606  -25.212 1.00 54.06 ? 544 HOH A O   1 
HETATM 728 O  O   . HOH H 5 .  ? 8.908   -6.589  4.568   1.00 35.98 ? 545 HOH A O   1 
HETATM 729 O  O   . HOH H 5 .  ? 9.163   10.082  0.066   1.00 55.67 ? 546 HOH A O   1 
HETATM 730 O  O   . HOH H 5 .  ? 7.265   -7.792  8.563   1.00 34.90 ? 547 HOH A O   1 
HETATM 731 O  O   . HOH H 5 .  ? 12.039  -5.815  9.931   1.00 54.14 ? 548 HOH A O   1 
HETATM 732 O  O   . HOH H 5 .  ? 4.109   -9.821  6.448   1.00 28.41 ? 549 HOH A O   1 
HETATM 733 O  O   . HOH H 5 .  ? 7.707   -8.755  3.761   1.00 45.40 ? 550 HOH A O   1 
HETATM 734 O  O   . HOH H 5 .  ? -1.461  5.004   -19.615 1.00 59.95 ? 551 HOH A O   1 
HETATM 735 O  O   . HOH H 5 .  ? 4.204   -10.684 3.855   1.00 30.78 ? 552 HOH A O   1 
HETATM 736 O  O   . HOH H 5 .  ? 6.873   -9.627  6.610   1.00 34.61 ? 553 HOH A O   1 
# 
loop_
_atom_site_anisotrop.id 
_atom_site_anisotrop.type_symbol 
_atom_site_anisotrop.pdbx_label_atom_id 
_atom_site_anisotrop.pdbx_label_alt_id 
_atom_site_anisotrop.pdbx_label_comp_id 
_atom_site_anisotrop.pdbx_label_asym_id 
_atom_site_anisotrop.pdbx_label_seq_id 
_atom_site_anisotrop.pdbx_PDB_ins_code 
_atom_site_anisotrop.U[1][1] 
_atom_site_anisotrop.U[2][2] 
_atom_site_anisotrop.U[3][3] 
_atom_site_anisotrop.U[1][2] 
_atom_site_anisotrop.U[1][3] 
_atom_site_anisotrop.U[2][3] 
_atom_site_anisotrop.pdbx_auth_seq_id 
_atom_site_anisotrop.pdbx_auth_comp_id 
_atom_site_anisotrop.pdbx_auth_asym_id 
_atom_site_anisotrop.pdbx_auth_atom_id 
1   N  N   . MET A 4  ? 0.7398 0.7102 0.4862 -0.1439 -0.0136 0.1244  214 MET A N   
2   C  CA  . MET A 4  ? 0.6645 0.6059 0.4600 -0.0661 -0.0291 0.0400  214 MET A CA  
3   C  C   . MET A 4  ? 0.6149 0.5388 0.4072 -0.0898 -0.1265 0.0433  214 MET A C   
4   O  O   . MET A 4  ? 0.7736 0.4742 0.4232 -0.1606 -0.1965 0.0999  214 MET A O   
5   C  CB  . MET A 4  ? 0.4575 0.5992 0.5539 -0.1120 0.0156  0.0577  214 MET A CB  
6   C  CG  . MET A 4  ? 0.3186 0.5634 0.4483 0.0219  0.0160  -0.0743 214 MET A CG  
7   S  SD  . MET A 4  ? 0.6143 0.6732 0.4990 0.0072  -0.0395 -0.0131 214 MET A SD  
8   C  CE  . MET A 4  ? 0.6134 0.6914 0.4719 -0.0268 0.0400  -0.0547 214 MET A CE  
9   N  N   . GLU A 5  ? 0.6123 0.4365 0.3786 0.0288  -0.1354 0.0362  215 GLU A N   
10  C  CA  . GLU A 5  ? 0.5037 0.4356 0.4087 0.0324  -0.0983 -0.0062 215 GLU A CA  
11  C  C   . GLU A 5  ? 0.3863 0.4282 0.3252 0.0365  -0.0898 -0.0485 215 GLU A C   
12  O  O   . GLU A 5  ? 0.3903 0.4297 0.3195 0.0321  -0.1170 -0.0183 215 GLU A O   
13  C  CB  . GLU A 5  ? 0.5285 0.5978 0.4883 0.1374  -0.0909 -0.0165 215 GLU A CB  
14  C  CG  . GLU A 5  ? 0.6083 0.7005 0.6604 0.0797  -0.0291 0.0269  215 GLU A CG  
15  C  CD  . GLU A 5  ? 0.6330 0.7772 0.6572 0.1587  -0.1035 -0.0273 215 GLU A CD  
16  O  OE1 . GLU A 5  ? 0.8819 0.7845 0.8466 0.0552  -0.1398 0.0609  215 GLU A OE1 
17  O  OE2 . GLU A 5  ? 0.7700 0.8081 0.6109 0.0960  0.0013  -0.0586 215 GLU A OE2 
18  N  N   . ALA A 6  ? 0.4638 0.4458 0.3065 0.0167  -0.0836 -0.0318 216 ALA A N   
19  C  CA  . ALA A 6  ? 0.3857 0.4159 0.3511 0.0111  -0.0512 -0.0667 216 ALA A CA  
20  C  C   . ALA A 6  ? 0.3348 0.3995 0.3268 0.0085  -0.0069 -0.0589 216 ALA A C   
21  O  O   . ALA A 6  ? 0.3695 0.3718 0.3981 0.0380  -0.0457 -0.0320 216 ALA A O   
22  C  CB  . ALA A 6  ? 0.4636 0.4539 0.3542 0.0277  -0.0806 -0.0571 216 ALA A CB  
23  N  N   . VAL A 7  ? 0.3537 0.3734 0.3085 0.0306  0.0217  -0.0209 217 VAL A N   
24  C  CA  . VAL A 7  ? 0.3091 0.3908 0.3052 0.0256  0.0509  -0.0277 217 VAL A CA  
25  C  C   . VAL A 7  ? 0.2776 0.3734 0.2907 0.0107  0.0164  -0.0187 217 VAL A C   
26  O  O   . VAL A 7  ? 0.2463 0.3492 0.3031 0.0100  0.0204  -0.0317 217 VAL A O   
27  C  CB  . VAL A 7  ? 0.3507 0.4492 0.3045 -0.0326 0.0661  0.0014  217 VAL A CB  
28  C  CG1 . VAL A 7  ? 0.3331 0.5259 0.4058 -0.0031 0.0713  0.0319  217 VAL A CG1 
29  C  CG2 . VAL A 7  ? 0.4654 0.5081 0.3460 0.0036  0.0802  0.0085  217 VAL A CG2 
30  N  N   . GLN A 8  ? 0.2923 0.3432 0.2630 0.0265  -0.0114 -0.0177 218 GLN A N   
31  C  CA  . GLN A 8  ? 0.2523 0.3198 0.2838 0.0036  -0.0109 -0.0405 218 GLN A CA  
32  C  C   . GLN A 8  ? 0.2486 0.3404 0.2851 0.0089  -0.0108 -0.0287 218 GLN A C   
33  O  O   . GLN A 8  ? 0.2293 0.3606 0.2694 -0.0080 0.0095  -0.0015 218 GLN A O   
34  C  CB  . GLN A 8  ? 0.2214 0.3649 0.3199 0.0325  -0.0100 -0.0390 218 GLN A CB  
35  C  CG  . GLN A 8  ? 0.2694 0.4024 0.3108 0.0315  -0.0179 -0.0138 218 GLN A CG  
36  C  CD  . GLN A 8  ? 0.4167 0.4359 0.5364 0.0459  -0.0510 -0.0462 218 GLN A CD  
37  O  OE1 . GLN A 8  ? 0.4795 0.5669 0.4559 0.0489  -0.1005 -0.0021 218 GLN A OE1 
38  N  NE2 . GLN A 8  ? 0.3105 0.3929 0.5696 -0.0213 -0.0767 0.0754  218 GLN A NE2 
39  N  N   . ASN A 9  ? 0.2330 0.3555 0.2722 -0.0148 0.0114  -0.0217 219 ASN A N   
40  C  CA  . ASN A 9  ? 0.2770 0.3475 0.3334 -0.0170 -0.0159 -0.0151 219 ASN A CA  
41  C  C   . ASN A 9  ? 0.2587 0.3588 0.2920 -0.0211 -0.0152 -0.0191 219 ASN A C   
42  O  O   . ASN A 9  ? 0.2771 0.3754 0.3149 -0.0373 -0.0108 -0.0177 219 ASN A O   
43  C  CB  . ASN A 9  ? 0.3362 0.3558 0.3620 -0.0230 -0.0778 0.0035  219 ASN A CB  
44  C  CG  . ASN A 9  ? 0.3989 0.4305 0.4167 0.0096  -0.0340 0.0229  219 ASN A CG  
45  O  OD1 . ASN A 9  ? 0.3183 0.4761 0.5597 0.0993  -0.0493 -0.0474 219 ASN A OD1 
46  N  ND2 . ASN A 9  ? 0.3879 0.6039 0.5441 -0.0865 -0.1177 0.0059  219 ASN A ND2 
47  N  N   . ARG A 10 ? 0.2941 0.3469 0.2745 -0.0208 -0.0034 -0.0350 220 ARG A N   
48  C  CA  . ARG A 10 ? 0.2964 0.3244 0.3021 -0.0147 -0.0154 -0.0256 220 ARG A CA  
49  C  C   . ARG A 10 ? 0.2900 0.3096 0.2966 -0.0318 0.0123  -0.0245 220 ARG A C   
50  O  O   . ARG A 10 ? 0.3049 0.3240 0.3170 -0.0161 -0.0047 -0.0258 220 ARG A O   
51  C  CB  . ARG A 10 ? 0.3057 0.3186 0.2907 -0.0162 -0.0159 -0.0047 220 ARG A CB  
52  C  CG  . ARG A 10 ? 0.3157 0.3339 0.3221 -0.0070 -0.0374 -0.0323 220 ARG A CG  
53  C  CD  . ARG A 10 ? 0.4123 0.3289 0.3025 0.0282  -0.0076 -0.0548 220 ARG A CD  
54  N  NE  . ARG A 10 ? 0.3682 0.3078 0.3388 0.0069  -0.0033 -0.0631 220 ARG A NE  
55  C  CZ  . ARG A 10 ? 0.3582 0.3611 0.2878 0.0086  0.0194  -0.0936 220 ARG A CZ  
56  N  NH1 . ARG A 10 ? 0.3579 0.3905 0.3340 -0.0233 -0.0163 -0.0844 220 ARG A NH1 
57  N  NH2 . ARG A 10 ? 0.3759 0.3783 0.3688 -0.0012 -0.0254 -0.0735 220 ARG A NH2 
58  N  N   . ILE A 11 ? 0.2582 0.2840 0.2856 0.0046  0.0165  -0.0190 221 ILE A N   
59  C  CA  . ILE A 11 ? 0.2539 0.2934 0.2928 -0.0201 0.0123  -0.0137 221 ILE A CA  
60  C  C   . ILE A 11 ? 0.2339 0.3104 0.3028 -0.0478 -0.0023 -0.0048 221 ILE A C   
61  O  O   . ILE A 11 ? 0.2602 0.3139 0.3026 -0.0132 0.0157  0.0051  221 ILE A O   
62  C  CB  . ILE A 11 ? 0.2610 0.2796 0.2847 0.0067  0.0109  -0.0016 221 ILE A CB  
63  C  CG1 . ILE A 11 ? 0.2526 0.2993 0.3174 0.0206  0.0100  0.0184  221 ILE A CG1 
64  C  CG2 . ILE A 11 ? 0.2352 0.2773 0.3054 0.0235  -0.0041 -0.0059 221 ILE A CG2 
65  C  CD1 . ILE A 11 ? 0.2233 0.3284 0.3747 0.0114  0.0163  0.0335  221 ILE A CD1 
66  N  N   . VAL A 12 ? 0.2516 0.2999 0.2841 -0.0385 -0.0038 0.0076  222 VAL A N   
67  C  CA  . VAL A 12 ? 0.2708 0.3137 0.2863 -0.0554 -0.0058 -0.0165 222 VAL A CA  
68  C  C   . VAL A 12 ? 0.2956 0.3245 0.3085 -0.0255 0.0046  -0.0282 222 VAL A C   
69  O  O   . VAL A 12 ? 0.3194 0.3489 0.2848 -0.0319 -0.0014 -0.0142 222 VAL A O   
70  C  CB  . VAL A 12 ? 0.2571 0.3754 0.3226 -0.0515 0.0037  0.0077  222 VAL A CB  
71  C  CG1 . VAL A 12 ? 0.2650 0.3738 0.3228 -0.0222 0.0326  0.0142  222 VAL A CG1 
72  C  CG2 . VAL A 12 ? 0.2546 0.3674 0.3391 -0.0212 0.0202  -0.0329 222 VAL A CG2 
73  N  N   . GLU A 13 ? 0.2923 0.3322 0.2942 -0.0393 -0.0240 -0.0133 223 GLU A N   
74  C  CA  . GLU A 13 ? 0.3345 0.3352 0.3795 -0.0331 0.0245  -0.0015 223 GLU A CA  
75  C  C   . GLU A 13 ? 0.3503 0.3264 0.3610 -0.0203 0.0390  0.0220  223 GLU A C   
76  O  O   . GLU A 13 ? 0.3709 0.3707 0.3456 -0.0284 0.0255  0.0574  223 GLU A O   
77  C  CB  . GLU A 13 ? 0.3650 0.3822 0.3953 -0.0449 -0.0158 -0.0217 223 GLU A CB  
78  C  CG  . GLU A 13 ? 0.3915 0.3569 0.3655 -0.0704 -0.0577 -0.0117 223 GLU A CG  
79  C  CD  . GLU A 13 ? 0.4716 0.4257 0.3875 -0.0380 -0.0080 -0.0125 223 GLU A CD  
80  O  OE1 . GLU A 13 ? 0.3932 0.5400 0.4582 -0.0644 -0.0159 -0.0301 223 GLU A OE1 
81  O  OE2 . GLU A 13 ? 0.4810 0.4637 0.3273 -0.0695 0.0043  0.0730  223 GLU A OE2 
82  N  N   . ALA A 14 ? 0.3085 0.2958 0.2790 -0.0178 0.0124  0.0057  224 ALA A N   
83  C  CA  . ALA A 14 ? 0.3596 0.2990 0.3115 0.0191  0.0101  -0.0032 224 ALA A CA  
84  C  C   . ALA A 14 ? 0.3117 0.2980 0.3256 -0.0238 0.0027  -0.0026 224 ALA A C   
85  O  O   . ALA A 14 ? 0.4326 0.3100 0.3369 -0.0006 -0.0196 0.0269  224 ALA A O   
86  C  CB  . ALA A 14 ? 0.3998 0.3517 0.2811 0.0284  0.0204  0.0119  224 ALA A CB  
87  N  N   . ALA A 15 ? 0.3294 0.2723 0.2953 -0.0273 0.0080  0.0040  225 ALA A N   
88  C  CA  . ALA A 15 ? 0.2740 0.2689 0.2993 -0.0264 0.0106  0.0136  225 ALA A CA  
89  C  C   . ALA A 15 ? 0.2741 0.2451 0.2851 -0.0323 -0.0129 0.0321  225 ALA A C   
90  O  O   . ALA A 15 ? 0.3028 0.2435 0.2872 -0.0347 -0.0203 0.0340  225 ALA A O   
91  C  CB  . ALA A 15 ? 0.2615 0.2647 0.2895 -0.0141 -0.0026 0.0018  225 ALA A CB  
92  N  N   . GLU A 16 ? 0.2844 0.2687 0.2704 -0.0436 -0.0042 0.0140  226 GLU A N   
93  C  CA  . GLU A 16 ? 0.3113 0.2745 0.2569 -0.0445 0.0236  0.0008  226 GLU A CA  
94  C  C   . GLU A 16 ? 0.3291 0.2797 0.3070 -0.0503 0.0040  -0.0044 226 GLU A C   
95  O  O   . GLU A 16 ? 0.4225 0.2871 0.3047 -0.0814 0.0033  0.0258  226 GLU A O   
96  C  CB  . GLU A 16 ? 0.3194 0.3290 0.3049 -0.0671 0.0223  0.0168  226 GLU A CB  
97  C  CG  . GLU A 16 ? 0.3508 0.3784 0.3068 -0.0402 0.0628  0.0312  226 GLU A CG  
98  C  CD  . GLU A 16 ? 0.3612 0.3761 0.4304 -0.1053 0.0203  0.0604  226 GLU A CD  
99  O  OE1 . GLU A 16 ? 0.4005 0.5359 0.5809 -0.0508 0.0122  -0.0135 226 GLU A OE1 
100 O  OE2 . GLU A 16 ? 0.3649 0.4123 0.4974 -0.1034 0.0290  -0.0126 226 GLU A OE2 
101 N  N   . ARG A 17 ? 0.3183 0.2792 0.2939 -0.0480 0.0047  0.0001  227 ARG A N   
102 C  CA  . ARG A 17 ? 0.3641 0.2801 0.3356 -0.0538 -0.0244 0.0050  227 ARG A CA  
103 C  C   . ARG A 17 ? 0.3876 0.2283 0.3133 -0.0086 -0.0363 -0.0141 227 ARG A C   
104 O  O   . ARG A 17 ? 0.4665 0.2254 0.3632 0.0230  0.0101  0.0035  227 ARG A O   
105 C  CB  . ARG A 17 ? 0.4446 0.2836 0.3825 0.0047  -0.0133 -0.0195 227 ARG A CB  
106 C  CG  . ARG A 17 ? 0.5149 0.4540 0.4065 -0.0195 -0.0401 -0.0144 227 ARG A CG  
107 C  CD  . ARG A 17 ? 0.5406 0.5043 0.5050 -0.0026 -0.0320 -0.0133 227 ARG A CD  
108 N  NE  . ARG A 17 ? 0.4390 0.3459 0.4315 -0.0561 -0.0829 0.0184  227 ARG A NE  
109 C  CZ  . ARG A 17 ? 0.3318 0.3673 0.3815 -0.0775 -0.1007 0.0317  227 ARG A CZ  
110 N  NH1 . ARG A 17 ? 0.4677 0.4243 0.3612 -0.0624 -0.1105 0.0420  227 ARG A NH1 
111 N  NH2 . ARG A 17 ? 0.2837 0.2680 0.3649 -0.0661 -0.0860 0.1045  227 ARG A NH2 
112 N  N   . VAL A 18 ? 0.3506 0.2461 0.2573 -0.0423 -0.0040 0.0117  228 VAL A N   
113 C  CA  . VAL A 18 ? 0.3054 0.2519 0.2946 -0.0162 0.0066  0.0255  228 VAL A CA  
114 C  C   . VAL A 18 ? 0.3276 0.2524 0.3014 -0.0393 -0.0148 0.0212  228 VAL A C   
115 O  O   . VAL A 18 ? 0.3063 0.2485 0.2815 -0.0263 -0.0048 0.0571  228 VAL A O   
116 C  CB  . VAL A 18 ? 0.3175 0.2633 0.2894 -0.0216 0.0031  0.0406  228 VAL A CB  
117 C  CG1 . VAL A 18 ? 0.3021 0.2860 0.3376 -0.0290 0.0010  0.0390  228 VAL A CG1 
118 C  CG2 . VAL A 18 ? 0.3841 0.3275 0.3045 0.0093  0.0194  0.0489  228 VAL A CG2 
119 N  N   . PRO A 19 ? 0.3045 0.2414 0.2767 -0.0160 0.0292  0.0384  229 PRO A N   
120 C  CA  . PRO A 19 ? 0.3225 0.2434 0.2988 -0.0058 0.0246  0.0236  229 PRO A CA  
121 C  C   . PRO A 19 ? 0.3493 0.2200 0.2765 -0.0214 0.0050  0.0509  229 PRO A C   
122 O  O   . PRO A 19 ? 0.3341 0.2440 0.2747 -0.0221 0.0047  0.0302  229 PRO A O   
123 C  CB  . PRO A 19 ? 0.3597 0.2423 0.3081 -0.0101 0.0075  0.0507  229 PRO A CB  
124 C  CG  . PRO A 19 ? 0.3487 0.2298 0.3057 -0.0273 -0.0134 0.0398  229 PRO A CG  
125 C  CD  . PRO A 19 ? 0.3546 0.2466 0.3084 -0.0147 0.0101  0.0373  229 PRO A CD  
126 N  N   . GLY A 20 ? 0.3365 0.2323 0.3005 -0.0381 0.0155  0.0497  230 GLY A N   
127 C  CA  . GLY A 20 ? 0.3190 0.2490 0.2695 -0.0290 -0.0024 0.0525  230 GLY A CA  
128 C  C   . GLY A 20 ? 0.2665 0.2690 0.2652 -0.0299 -0.0088 0.0419  230 GLY A C   
129 O  O   . GLY A 20 ? 0.2700 0.2825 0.2493 -0.0222 0.0018  0.0316  230 GLY A O   
130 N  N   . VAL A 21 ? 0.2827 0.2387 0.2468 -0.0394 0.0205  0.0399  231 VAL A N   
131 C  CA  . VAL A 21 ? 0.2446 0.2356 0.2729 -0.0485 -0.0035 0.0299  231 VAL A CA  
132 C  C   . VAL A 21 ? 0.2601 0.2642 0.2623 -0.0497 0.0056  0.0288  231 VAL A C   
133 O  O   . VAL A 21 ? 0.2828 0.2720 0.3686 -0.0449 0.0325  -0.0001 231 VAL A O   
134 C  CB  . VAL A 21 ? 0.2486 0.2526 0.2580 -0.0279 -0.0036 0.0261  231 VAL A CB  
135 C  CG1 . VAL A 21 ? 0.2254 0.2887 0.2914 -0.0318 -0.0059 0.0426  231 VAL A CG1 
136 C  CG2 . VAL A 21 ? 0.2553 0.2541 0.2553 0.0034  -0.0209 0.0323  231 VAL A CG2 
137 N  N   . ARG A 22 ? 0.2442 0.2805 0.2758 -0.0393 0.0021  0.0110  232 ARG A N   
138 C  CA  . ARG A 22 ? 0.2505 0.3612 0.2921 -0.0352 -0.0103 0.0146  232 ARG A CA  
139 C  C   . ARG A 22 ? 0.2851 0.3393 0.3490 -0.0376 0.0098  0.0288  232 ARG A C   
140 O  O   . ARG A 22 ? 0.2948 0.3585 0.3933 -0.0562 0.0306  0.0366  232 ARG A O   
141 C  CB  . ARG A 22 ? 0.2385 0.4019 0.2899 -0.0453 0.0144  0.0340  232 ARG A CB  
142 C  CG  . ARG A 22 ? 0.2833 0.3642 0.3036 -0.0825 0.0100  0.0405  232 ARG A CG  
143 C  CD  . ARG A 22 ? 0.3496 0.4334 0.3110 -0.0488 0.0078  0.0391  232 ARG A CD  
144 N  NE  . ARG A 22 ? 0.3301 0.4735 0.3665 -0.0827 0.0271  0.0999  232 ARG A NE  
145 C  CZ  . ARG A 22 ? 0.3671 0.4847 0.3914 -0.1200 0.0335  0.0974  232 ARG A CZ  
146 N  NH1 . ARG A 22 ? 0.3420 0.5134 0.2995 -0.1479 0.0293  0.0566  232 ARG A NH1 
147 N  NH2 . ARG A 22 ? 0.3792 0.5504 0.4189 -0.1161 0.0376  0.1704  232 ARG A NH2 
148 N  N   . GLY A 23 ? 0.2369 0.3265 0.3079 -0.0480 0.0253  0.0675  233 GLY A N   
149 C  CA  . GLY A 23 ? 0.2408 0.3261 0.3208 -0.0530 -0.0271 0.0372  233 GLY A CA  
150 C  C   . GLY A 23 ? 0.2172 0.3060 0.2622 -0.0449 -0.0074 0.0095  233 GLY A C   
151 O  O   . GLY A 23 ? 0.2338 0.2936 0.2610 -0.0501 -0.0146 0.0113  233 GLY A O   
152 N  N   . VAL A 24 ? 0.2332 0.3159 0.2681 -0.0348 -0.0286 -0.0033 234 VAL A N   
153 C  CA  . VAL A 24 ? 0.2124 0.2910 0.2737 -0.0372 -0.0197 -0.0133 234 VAL A CA  
154 C  C   . VAL A 24 ? 0.2158 0.3205 0.2329 -0.0132 -0.0179 0.0216  234 VAL A C   
155 O  O   . VAL A 24 ? 0.2181 0.3712 0.3167 -0.0209 -0.0406 0.0064  234 VAL A O   
156 C  CB  . VAL A 24 ? 0.2379 0.3156 0.2654 -0.0146 -0.0059 -0.0034 234 VAL A CB  
157 C  CG1 . VAL A 24 ? 0.2561 0.3135 0.2354 -0.0018 -0.0156 0.0130  234 VAL A CG1 
158 C  CG2 . VAL A 24 ? 0.2884 0.3230 0.2879 -0.0090 -0.0055 -0.0306 234 VAL A CG2 
159 N  N   . ILE A 25 ? 0.1887 0.3176 0.2374 -0.0014 -0.0054 0.0079  235 ILE A N   
160 C  CA  . ILE A 25 ? 0.1945 0.3282 0.2278 0.0042  -0.0009 0.0144  235 ILE A CA  
161 C  C   . ILE A 25 ? 0.1861 0.3171 0.2270 0.0078  -0.0135 0.0030  235 ILE A C   
162 O  O   . ILE A 25 ? 0.1953 0.3732 0.2285 0.0333  0.0047  0.0296  235 ILE A O   
163 C  CB  . ILE A 25 ? 0.2245 0.3377 0.2353 -0.0081 -0.0143 0.0197  235 ILE A CB  
164 C  CG1 . ILE A 25 ? 0.2798 0.3735 0.2409 0.0029  -0.0009 0.0293  235 ILE A CG1 
165 C  CG2 . ILE A 25 ? 0.3035 0.3422 0.2347 0.0157  -0.0055 0.0058  235 ILE A CG2 
166 C  CD1 . ILE A 25 ? 0.3128 0.3331 0.2456 -0.0081 -0.0068 0.0161  235 ILE A CD1 
167 N  N   . HIS A 26 ? 0.1848 0.3223 0.2084 0.0006  -0.0130 0.0276  236 HIS A N   
168 C  CA  . HIS A 26 ? 0.2146 0.3168 0.1962 0.0098  -0.0111 0.0263  236 HIS A CA  
169 C  C   . HIS A 26 ? 0.1849 0.2967 0.2331 0.0002  -0.0060 0.0441  236 HIS A C   
170 O  O   . HIS A 26 ? 0.2098 0.2948 0.2091 0.0149  -0.0279 0.0389  236 HIS A O   
171 C  CB  . HIS A 26 ? 0.2465 0.3020 0.2183 0.0249  -0.0137 0.0254  236 HIS A CB  
172 C  CG  . HIS A 26 ? 0.2592 0.3005 0.2604 -0.0125 -0.0173 0.0176  236 HIS A CG  
173 N  ND1 . HIS A 26 ? 0.3004 0.3343 0.2588 0.0007  -0.0373 0.0467  236 HIS A ND1 
174 C  CD2 . HIS A 26 ? 0.2594 0.3513 0.2807 -0.0192 -0.0779 0.0221  236 HIS A CD2 
175 C  CE1 . HIS A 26 ? 0.2550 0.3635 0.2886 0.0104  -0.0320 0.0354  236 HIS A CE1 
176 N  NE2 . HIS A 26 ? 0.2981 0.3621 0.2876 0.0005  -0.0229 0.0534  236 HIS A NE2 
177 N  N   . LEU A 27 ? 0.1836 0.3197 0.2138 0.0041  -0.0125 0.0216  237 LEU A N   
178 C  CA  . LEU A 27 ? 0.1905 0.2839 0.2023 0.0165  -0.0109 0.0327  237 LEU A CA  
179 C  C   . LEU A 27 ? 0.2181 0.3063 0.2116 0.0236  -0.0071 0.0346  237 LEU A C   
180 O  O   . LEU A 27 ? 0.2060 0.3392 0.2421 0.0229  -0.0242 0.0409  237 LEU A O   
181 C  CB  . LEU A 27 ? 0.2197 0.2925 0.2102 0.0102  -0.0145 0.0187  237 LEU A CB  
182 C  CG  . LEU A 27 ? 0.2262 0.2940 0.2101 0.0276  -0.0219 0.0168  237 LEU A CG  
183 C  CD1 . LEU A 27 ? 0.2027 0.2726 0.2692 0.0106  -0.0026 0.0120  237 LEU A CD1 
184 C  CD2 . LEU A 27 ? 0.2235 0.3172 0.2652 0.0212  -0.0406 -0.0089 237 LEU A CD2 
185 N  N   . ARG A 28 ? 0.1916 0.3125 0.2067 0.0143  -0.0104 0.0350  238 ARG A N   
186 C  CA  . ARG A 28 ? 0.2086 0.3481 0.2125 0.0159  0.0059  0.0355  238 ARG A CA  
187 C  C   . ARG A 28 ? 0.1860 0.3447 0.2067 0.0046  0.0061  0.0357  238 ARG A C   
188 O  O   . ARG A 28 ? 0.2119 0.4763 0.2228 0.0581  -0.0099 0.0518  238 ARG A O   
189 C  CB  . ARG A 28 ? 0.2933 0.3530 0.2800 0.0008  0.0326  0.0423  238 ARG A CB  
190 C  CG  . ARG A 28 ? 0.3977 0.3732 0.3315 -0.0609 0.0026  0.0708  238 ARG A CG  
191 C  CD  . ARG A 28 ? 0.4466 0.3864 0.4818 -0.0428 0.0045  0.0834  238 ARG A CD  
192 N  NE  . ARG A 28 ? 0.3463 0.5391 0.5768 -0.1102 0.0519  0.0791  238 ARG A NE  
193 C  CZ  . ARG A 28 ? 0.5717 0.7240 0.6449 -0.0873 0.0215  -0.0352 238 ARG A CZ  
194 N  NH1 . ARG A 28 ? 0.6893 0.7931 0.7124 -0.0059 -0.1021 0.0419  238 ARG A NH1 
195 N  NH2 . ARG A 28 ? 0.5610 0.7608 0.7777 -0.0254 0.1119  0.0077  238 ARG A NH2 
196 N  N   . ALA A 29 ? 0.1962 0.3718 0.2351 0.0368  -0.0073 0.0098  239 ALA A N   
197 C  CA  . ALA A 29 ? 0.2084 0.2774 0.3084 0.0217  0.0199  0.0285  239 ALA A CA  
198 C  C   . ALA A 29 ? 0.2400 0.4470 0.2565 0.0756  0.0091  0.0703  239 ALA A C   
199 O  O   . ALA A 29 ? 0.2409 0.5340 0.2604 0.0729  -0.0050 0.0550  239 ALA A O   
200 C  CB  . ALA A 29 ? 0.2485 0.2898 0.3178 0.0496  -0.0156 -0.0492 239 ALA A CB  
201 N  N   . ARG A 30 ? 0.2734 0.3759 0.2199 0.0525  0.0174  0.0576  240 ARG A N   
202 C  CA  A ARG A 30 ? 0.2717 0.4092 0.2053 0.0715  0.0151  0.0519  240 ARG A CA  
203 C  CA  B ARG A 30 ? 0.2974 0.4073 0.2174 0.0606  0.0326  0.0545  240 ARG A CA  
204 C  C   . ARG A 30 ? 0.2485 0.3935 0.2209 0.0566  0.0388  0.0732  240 ARG A C   
205 O  O   . ARG A 30 ? 0.2682 0.3913 0.2366 0.0636  0.0210  0.0859  240 ARG A O   
206 C  CB  A ARG A 30 ? 0.3555 0.3950 0.3296 0.0709  0.0686  0.0576  240 ARG A CB  
207 C  CB  B ARG A 30 ? 0.3666 0.3911 0.3626 0.0454  0.0618  0.0680  240 ARG A CB  
208 C  CG  A ARG A 30 ? 0.3692 0.4033 0.3546 0.0657  0.0578  0.0105  240 ARG A CG  
209 C  CG  B ARG A 30 ? 0.3822 0.3844 0.4095 0.0043  0.0351  0.0711  240 ARG A CG  
210 C  CD  A ARG A 30 ? 0.4395 0.4831 0.4121 0.1052  0.0043  0.0026  240 ARG A CD  
211 C  CD  B ARG A 30 ? 0.4587 0.5020 0.4336 0.0212  0.0158  0.0285  240 ARG A CD  
212 N  NE  A ARG A 30 ? 0.3900 0.4629 0.3999 0.1298  0.0247  0.0256  240 ARG A NE  
213 N  NE  B ARG A 30 ? 0.5168 0.5113 0.5870 0.0162  0.0161  0.0367  240 ARG A NE  
214 C  CZ  A ARG A 30 ? 0.4378 0.4725 0.4666 0.0585  0.0060  0.0118  240 ARG A CZ  
215 C  CZ  B ARG A 30 ? 0.5103 0.6002 0.5603 0.0124  -0.0180 0.0486  240 ARG A CZ  
216 N  NH1 A ARG A 30 ? 0.5320 0.5067 0.6222 0.0667  0.0372  -0.0277 240 ARG A NH1 
217 N  NH1 B ARG A 30 ? 0.6199 0.6217 0.6633 -0.0101 0.0055  0.0551  240 ARG A NH1 
218 N  NH2 A ARG A 30 ? 0.3457 0.4128 0.3825 0.1051  -0.0422 0.0926  240 ARG A NH2 
219 N  NH2 B ARG A 30 ? 0.6131 0.5188 0.5875 0.0812  0.0120  0.0174  240 ARG A NH2 
220 N  N   . TYR A 31 ? 0.2613 0.4611 0.2219 0.0706  0.0280  0.0796  241 TYR A N   
221 C  CA  . TYR A 31 ? 0.3029 0.4127 0.2232 0.0786  0.0297  0.0615  241 TYR A CA  
222 C  C   . TYR A 31 ? 0.3308 0.3693 0.3194 0.0696  0.0151  0.0628  241 TYR A C   
223 O  O   . TYR A 31 ? 0.4042 0.3933 0.3800 0.0871  0.0576  0.1118  241 TYR A O   
224 C  CB  . TYR A 31 ? 0.3158 0.4782 0.2124 0.0861  0.0288  0.0753  241 TYR A CB  
225 C  CG  . TYR A 31 ? 0.3080 0.4749 0.2592 0.0593  0.0055  0.0581  241 TYR A CG  
226 C  CD1 . TYR A 31 ? 0.3289 0.4842 0.3140 0.0723  0.0347  0.0349  241 TYR A CD1 
227 C  CD2 . TYR A 31 ? 0.2980 0.5577 0.3791 0.0517  -0.0004 0.0391  241 TYR A CD2 
228 C  CE1 . TYR A 31 ? 0.3114 0.5271 0.3318 0.0246  -0.0160 0.0343  241 TYR A CE1 
229 C  CE2 . TYR A 31 ? 0.3379 0.5293 0.3701 0.0593  -0.0230 0.0478  241 TYR A CE2 
230 C  CZ  . TYR A 31 ? 0.3276 0.4932 0.3915 -0.0045 -0.0187 0.0054  241 TYR A CZ  
231 O  OH  . TYR A 31 ? 0.3625 0.5029 0.4152 -0.0216 0.0135  0.0506  241 TYR A OH  
232 N  N   . VAL A 32 ? 0.3052 0.4026 0.2659 0.0436  0.0316  0.0955  242 VAL A N   
233 C  CA  . VAL A 32 ? 0.3651 0.4331 0.3519 0.0243  0.0213  0.0956  242 VAL A CA  
234 C  C   . VAL A 32 ? 0.3281 0.4266 0.3051 0.0243  0.0420  0.1302  242 VAL A C   
235 O  O   . VAL A 32 ? 0.2879 0.4014 0.3186 -0.0001 0.0293  0.1063  242 VAL A O   
236 C  CB  . VAL A 32 ? 0.3974 0.4869 0.3558 0.0264  0.0264  0.0509  242 VAL A CB  
237 C  CG1 . VAL A 32 ? 0.4083 0.5207 0.4334 0.0081  0.0191  0.0217  242 VAL A CG1 
238 C  CG2 . VAL A 32 ? 0.4270 0.5015 0.4235 0.0541  -0.0047 -0.0023 242 VAL A CG2 
239 N  N   . GLY A 33 ? 0.3516 0.4301 0.3277 0.0856  0.0531  0.1520  243 GLY A N   
240 C  CA  . GLY A 33 ? 0.3167 0.4418 0.3070 0.0847  0.0339  0.1099  243 GLY A CA  
241 C  C   . GLY A 33 ? 0.2455 0.5312 0.2576 0.0468  0.0108  0.0775  243 GLY A C   
242 O  O   . GLY A 33 ? 0.2314 0.6567 0.2928 0.0562  0.0255  0.1127  243 GLY A O   
243 N  N   A GLN A 34 ? 0.2499 0.4876 0.1944 0.0173  0.0213  0.0657  244 GLN A N   
244 N  N   B GLN A 34 ? 0.2680 0.4959 0.2445 0.0274  0.0072  0.0817  244 GLN A N   
245 C  CA  A GLN A 34 ? 0.2775 0.4914 0.2484 -0.0175 0.0059  0.0169  244 GLN A CA  
246 C  CA  B GLN A 34 ? 0.2609 0.5093 0.3103 -0.0045 0.0005  0.0357  244 GLN A CA  
247 C  C   A GLN A 34 ? 0.2280 0.4560 0.2429 -0.0066 -0.0030 0.0038  244 GLN A C   
248 C  C   B GLN A 34 ? 0.2053 0.4693 0.2777 -0.0071 -0.0091 -0.0016 244 GLN A C   
249 O  O   A GLN A 34 ? 0.2492 0.4757 0.2902 -0.0263 -0.0106 -0.0083 244 GLN A O   
250 O  O   B GLN A 34 ? 0.2928 0.4856 0.3379 -0.0203 -0.0005 0.0043  244 GLN A O   
251 C  CB  A GLN A 34 ? 0.3020 0.4859 0.2888 -0.0630 0.0132  -0.0204 244 GLN A CB  
252 C  CB  B GLN A 34 ? 0.3676 0.5054 0.3408 -0.0224 -0.0041 -0.0181 244 GLN A CB  
253 C  CG  A GLN A 34 ? 0.3383 0.5125 0.3061 -0.0894 0.0238  0.0115  244 GLN A CG  
254 C  CG  B GLN A 34 ? 0.3530 0.5327 0.3902 -0.0094 0.0117  -0.0087 244 GLN A CG  
255 C  CD  A GLN A 34 ? 0.3953 0.5026 0.3503 -0.0505 0.0212  0.0171  244 GLN A CD  
256 C  CD  B GLN A 34 ? 0.4081 0.4665 0.3792 -0.0060 -0.0374 -0.0089 244 GLN A CD  
257 O  OE1 A GLN A 34 ? 0.5702 0.6603 0.3854 -0.1047 -0.0575 -0.0528 244 GLN A OE1 
258 O  OE1 B GLN A 34 ? 0.3521 0.5016 0.3678 0.0174  0.0097  0.0369  244 GLN A OE1 
259 N  NE2 A GLN A 34 ? 0.3549 0.5627 0.5051 -0.0141 0.0508  0.0289  244 GLN A NE2 
260 N  NE2 B GLN A 34 ? 0.3890 0.4360 0.3727 -0.0898 0.0483  -0.0455 244 GLN A NE2 
261 N  N   . ASP A 35 ? 0.1940 0.4150 0.2155 0.0057  0.0153  0.0321  245 ASP A N   
262 C  CA  . ASP A 35 ? 0.2358 0.3844 0.2269 0.0093  0.0034  0.0496  245 ASP A CA  
263 C  C   . ASP A 35 ? 0.2427 0.3754 0.2364 0.0127  0.0307  0.0450  245 ASP A C   
264 O  O   . ASP A 35 ? 0.2495 0.4215 0.2912 0.0350  0.0688  0.0563  245 ASP A O   
265 C  CB  . ASP A 35 ? 0.1986 0.3467 0.2385 0.0093  0.0195  0.0562  245 ASP A CB  
266 C  CG  . ASP A 35 ? 0.2376 0.3739 0.1941 0.0056  0.0154  0.0410  245 ASP A CG  
267 O  OD1 . ASP A 35 ? 0.2700 0.4019 0.2203 0.0134  0.0252  0.0340  245 ASP A OD1 
268 O  OD2 . ASP A 35 ? 0.1981 0.4065 0.2769 0.0058  0.0514  0.0157  245 ASP A OD2 
269 N  N   . ILE A 36 ? 0.2081 0.3410 0.2333 0.0368  0.0059  0.0357  246 ILE A N   
270 C  CA  . ILE A 36 ? 0.1818 0.3224 0.2608 0.0161  0.0120  0.0222  246 ILE A CA  
271 C  C   . ILE A 36 ? 0.1675 0.3523 0.2312 0.0104  0.0399  0.0343  246 ILE A C   
272 O  O   . ILE A 36 ? 0.1937 0.3310 0.2522 0.0274  0.0200  0.0269  246 ILE A O   
273 C  CB  . ILE A 36 ? 0.2038 0.3822 0.2708 -0.0221 0.0247  0.0194  246 ILE A CB  
274 C  CG1 . ILE A 36 ? 0.2594 0.4435 0.3052 -0.0080 0.0217  0.0003  246 ILE A CG1 
275 C  CG2 . ILE A 36 ? 0.2388 0.3785 0.2845 -0.0237 0.0324  0.0177  246 ILE A CG2 
276 C  CD1 . ILE A 36 ? 0.3489 0.4731 0.2901 0.0254  -0.0511 0.0133  246 ILE A CD1 
277 N  N   . TRP A 37 ? 0.1939 0.3187 0.2219 0.0130  0.0043  0.0268  247 TRP A N   
278 C  CA  . TRP A 37 ? 0.2146 0.2847 0.2265 0.0011  0.0152  0.0279  247 TRP A CA  
279 C  C   . TRP A 37 ? 0.1965 0.3524 0.2120 0.0142  0.0089  0.0226  247 TRP A C   
280 O  O   . TRP A 37 ? 0.2258 0.3742 0.2407 0.0272  -0.0028 0.0643  247 TRP A O   
281 C  CB  . TRP A 37 ? 0.2383 0.3150 0.2496 -0.0164 0.0046  0.0185  247 TRP A CB  
282 C  CG  . TRP A 37 ? 0.2451 0.3747 0.2794 -0.0218 0.0083  0.0143  247 TRP A CG  
283 C  CD1 . TRP A 37 ? 0.2309 0.3720 0.3530 -0.0715 0.0552  -0.0014 247 TRP A CD1 
284 C  CD2 . TRP A 37 ? 0.2424 0.3171 0.4047 0.0077  -0.0249 0.0237  247 TRP A CD2 
285 N  NE1 . TRP A 37 ? 0.2429 0.4365 0.3848 -0.0662 0.0665  -0.0452 247 TRP A NE1 
286 C  CE2 . TRP A 37 ? 0.2032 0.3169 0.4228 -0.0086 -0.0267 0.0200  247 TRP A CE2 
287 C  CE3 . TRP A 37 ? 0.3024 0.4045 0.4538 0.0148  -0.0221 -0.0420 247 TRP A CE3 
288 C  CZ2 . TRP A 37 ? 0.2181 0.3683 0.5673 -0.0160 0.0047  -0.0226 247 TRP A CZ2 
289 C  CZ3 . TRP A 37 ? 0.3663 0.4275 0.4949 -0.0519 0.0032  -0.0839 247 TRP A CZ3 
290 C  CH2 . TRP A 37 ? 0.2605 0.4523 0.5802 -0.0340 -0.0166 -0.0409 247 TRP A CH2 
291 N  N   . ALA A 38 ? 0.1900 0.3268 0.2067 0.0176  -0.0011 0.0296  248 ALA A N   
292 C  CA  . ALA A 38 ? 0.2084 0.3359 0.2125 0.0090  0.0127  0.0323  248 ALA A CA  
293 C  C   . ALA A 38 ? 0.2040 0.3187 0.2117 0.0000  0.0063  0.0514  248 ALA A C   
294 O  O   . ALA A 38 ? 0.1953 0.3306 0.2253 0.0052  -0.0046 0.0286  248 ALA A O   
295 C  CB  . ALA A 38 ? 0.2242 0.3674 0.2114 -0.0286 0.0085  0.0203  248 ALA A CB  
296 N  N   . ASP A 39 ? 0.2158 0.3066 0.2037 0.0007  0.0038  0.0445  249 ASP A N   
297 C  CA  A ASP A 39 ? 0.2163 0.3012 0.2092 -0.0009 0.0021  0.0338  249 ASP A CA  
298 C  CA  B ASP A 39 ? 0.2206 0.3008 0.1993 -0.0049 0.0007  0.0377  249 ASP A CA  
299 C  C   . ASP A 39 ? 0.2011 0.2976 0.2187 0.0087  -0.0095 0.0359  249 ASP A C   
300 O  O   . ASP A 39 ? 0.2085 0.3089 0.2269 -0.0041 -0.0230 0.0531  249 ASP A O   
301 C  CB  A ASP A 39 ? 0.2458 0.3006 0.2929 -0.0003 0.0068  0.0230  249 ASP A CB  
302 C  CB  B ASP A 39 ? 0.2871 0.3137 0.2350 -0.0187 -0.0055 0.0015  249 ASP A CB  
303 C  CG  A ASP A 39 ? 0.3439 0.3570 0.3219 0.0043  0.0036  0.0048  249 ASP A CG  
304 C  CG  B ASP A 39 ? 0.3691 0.3884 0.2945 -0.0881 0.0036  0.0206  249 ASP A CG  
305 O  OD1 A ASP A 39 ? 0.4340 0.3919 0.2734 -0.0253 -0.0427 -0.0023 249 ASP A OD1 
306 O  OD1 B ASP A 39 ? 0.3474 0.4698 0.4299 -0.1204 0.0009  0.0506  249 ASP A OD1 
307 O  OD2 A ASP A 39 ? 0.3817 0.4325 0.3936 0.0706  0.0124  0.0318  249 ASP A OD2 
308 O  OD2 B ASP A 39 ? 0.5043 0.4836 0.3391 -0.0052 0.0027  0.0849  249 ASP A OD2 
309 N  N   . MET A 40 ? 0.1877 0.2847 0.2158 -0.0119 -0.0226 0.0256  250 MET A N   
310 C  CA  A MET A 40 ? 0.2131 0.2750 0.2137 -0.0038 -0.0014 0.0241  250 MET A CA  
311 C  CA  B MET A 40 ? 0.2126 0.2788 0.2068 -0.0042 0.0007  0.0345  250 MET A CA  
312 C  C   . MET A 40 ? 0.1797 0.2612 0.2046 -0.0193 -0.0053 0.0347  250 MET A C   
313 O  O   . MET A 40 ? 0.1939 0.3053 0.2179 -0.0339 -0.0255 0.0392  250 MET A O   
314 C  CB  A MET A 40 ? 0.2363 0.2651 0.2205 -0.0111 -0.0124 0.0006  250 MET A CB  
315 C  CB  B MET A 40 ? 0.2034 0.2792 0.2276 -0.0146 -0.0046 0.0223  250 MET A CB  
316 C  CG  A MET A 40 ? 0.2693 0.2752 0.2400 -0.0096 -0.0055 0.0209  250 MET A CG  
317 C  CG  B MET A 40 ? 0.2197 0.2805 0.2291 -0.0004 -0.0140 0.0253  250 MET A CG  
318 S  SD  A MET A 40 ? 0.3174 0.2782 0.2620 0.0025  -0.0077 0.0257  250 MET A SD  
319 S  SD  B MET A 40 ? 0.2309 0.2845 0.2747 0.0160  0.0148  0.0107  250 MET A SD  
320 C  CE  A MET A 40 ? 0.3062 0.3182 0.2745 -0.0012 -0.0154 0.0027  250 MET A CE  
321 C  CE  B MET A 40 ? 0.2058 0.2769 0.1962 -0.0019 -0.0358 -0.0093 250 MET A CE  
322 N  N   . ILE A 41 ? 0.1929 0.2698 0.1903 -0.0096 -0.0015 0.0154  251 ILE A N   
323 C  CA  . ILE A 41 ? 0.2044 0.2725 0.1859 -0.0228 -0.0057 0.0159  251 ILE A CA  
324 C  C   . ILE A 41 ? 0.1985 0.2575 0.1896 -0.0115 -0.0210 0.0203  251 ILE A C   
325 O  O   . ILE A 41 ? 0.1956 0.2861 0.2092 -0.0166 -0.0174 0.0168  251 ILE A O   
326 C  CB  . ILE A 41 ? 0.2354 0.2828 0.2164 -0.0027 -0.0103 0.0039  251 ILE A CB  
327 C  CG1 . ILE A 41 ? 0.2865 0.2782 0.2416 -0.0094 -0.0056 0.0168  251 ILE A CG1 
328 C  CG2 . ILE A 41 ? 0.2577 0.2917 0.2242 0.0072  -0.0061 0.0117  251 ILE A CG2 
329 C  CD1 . ILE A 41 ? 0.3246 0.3065 0.2858 0.0282  -0.0001 0.0143  251 ILE A CD1 
330 N  N   . ILE A 42 ? 0.1979 0.2637 0.2167 -0.0285 -0.0390 0.0443  252 ILE A N   
331 C  CA  . ILE A 42 ? 0.2266 0.2641 0.2109 -0.0294 -0.0177 0.0116  252 ILE A CA  
332 C  C   . ILE A 42 ? 0.2029 0.2726 0.2145 -0.0320 -0.0073 0.0201  252 ILE A C   
333 O  O   . ILE A 42 ? 0.2105 0.3112 0.2137 -0.0432 0.0011  0.0130  252 ILE A O   
334 C  CB  . ILE A 42 ? 0.2333 0.2474 0.2522 -0.0186 -0.0090 0.0219  252 ILE A CB  
335 C  CG1 . ILE A 42 ? 0.2266 0.2560 0.2312 -0.0254 -0.0095 0.0308  252 ILE A CG1 
336 C  CG2 . ILE A 42 ? 0.2621 0.2683 0.2481 -0.0337 -0.0100 0.0271  252 ILE A CG2 
337 C  CD1 . ILE A 42 ? 0.2589 0.2646 0.2322 -0.0080 -0.0119 0.0409  252 ILE A CD1 
338 N  N   . GLY A 43 ? 0.1967 0.2691 0.2306 -0.0236 -0.0173 0.0268  253 GLY A N   
339 C  CA  . GLY A 43 ? 0.2011 0.2612 0.2179 -0.0328 0.0034  0.0211  253 GLY A CA  
340 C  C   . GLY A 43 ? 0.2397 0.2658 0.2285 -0.0457 -0.0150 0.0310  253 GLY A C   
341 O  O   . GLY A 43 ? 0.3014 0.2871 0.2472 -0.0238 -0.0127 0.0387  253 GLY A O   
342 N  N   . VAL A 44 ? 0.2180 0.2762 0.2229 -0.0326 0.0011  0.0251  254 VAL A N   
343 C  CA  . VAL A 44 ? 0.2369 0.2929 0.2130 -0.0319 -0.0219 0.0457  254 VAL A CA  
344 C  C   . VAL A 44 ? 0.2562 0.2915 0.2578 -0.0394 0.0128  0.0327  254 VAL A C   
345 O  O   . VAL A 44 ? 0.2532 0.3090 0.2361 -0.0284 0.0234  0.0303  254 VAL A O   
346 C  CB  . VAL A 44 ? 0.2296 0.2932 0.2277 -0.0041 -0.0107 0.0409  254 VAL A CB  
347 C  CG1 . VAL A 44 ? 0.2637 0.2716 0.2278 -0.0132 -0.0059 0.0346  254 VAL A CG1 
348 C  CG2 . VAL A 44 ? 0.2249 0.2943 0.2480 -0.0035 0.0030  0.0328  254 VAL A CG2 
349 N  N   . ASP A 45 ? 0.2855 0.2842 0.2188 -0.0211 0.0181  0.0303  255 ASP A N   
350 C  CA  . ASP A 45 ? 0.2691 0.3074 0.2450 -0.0447 0.0286  0.0380  255 ASP A CA  
351 C  C   . ASP A 45 ? 0.2826 0.2769 0.2262 -0.0406 0.0184  0.0550  255 ASP A C   
352 O  O   . ASP A 45 ? 0.2684 0.3054 0.2258 -0.0444 -0.0044 0.0599  255 ASP A O   
353 C  CB  . ASP A 45 ? 0.2673 0.2952 0.2662 -0.0387 0.0405  0.0437  255 ASP A CB  
354 C  CG  . ASP A 45 ? 0.3413 0.2645 0.2740 -0.0483 0.0391  0.0630  255 ASP A CG  
355 O  OD1 . ASP A 45 ? 0.3358 0.3124 0.2728 -0.0541 0.0303  0.0417  255 ASP A OD1 
356 O  OD2 . ASP A 45 ? 0.3782 0.2978 0.3256 -0.0064 0.0771  0.0708  255 ASP A OD2 
357 N  N   . PRO A 46 ? 0.2516 0.2967 0.2676 -0.0326 -0.0034 0.0340  256 PRO A N   
358 C  CA  . PRO A 46 ? 0.2965 0.2806 0.2378 -0.0416 0.0328  0.0648  256 PRO A CA  
359 C  C   . PRO A 46 ? 0.2934 0.2709 0.2493 -0.0452 -0.0042 0.0368  256 PRO A C   
360 O  O   . PRO A 46 ? 0.3210 0.3213 0.2409 -0.0905 -0.0162 0.0668  256 PRO A O   
361 C  CB  . PRO A 46 ? 0.2856 0.3543 0.2742 -0.0445 0.0370  0.0136  256 PRO A CB  
362 C  CG  . PRO A 46 ? 0.2746 0.3206 0.3949 -0.0676 0.0033  0.0195  256 PRO A CG  
363 C  CD  . PRO A 46 ? 0.2554 0.3200 0.2988 -0.0448 -0.0034 0.0308  256 PRO A CD  
364 N  N   . GLU A 47 ? 0.3093 0.3139 0.2456 -0.0805 -0.0127 0.0688  257 GLU A N   
365 C  CA  A GLU A 47 ? 0.3254 0.3154 0.2404 -0.0559 -0.0010 0.0815  257 GLU A CA  
366 C  CA  B GLU A 47 ? 0.3239 0.3193 0.2443 -0.0576 -0.0052 0.0812  257 GLU A CA  
367 C  C   . GLU A 47 ? 0.3351 0.3194 0.2652 -0.0548 -0.0039 0.0978  257 GLU A C   
368 O  O   . GLU A 47 ? 0.3494 0.3527 0.3018 -0.0515 -0.0260 0.0943  257 GLU A O   
369 C  CB  A GLU A 47 ? 0.3792 0.3671 0.2527 -0.0591 0.0160  0.1024  257 GLU A CB  
370 C  CB  B GLU A 47 ? 0.3919 0.3752 0.2499 -0.0620 0.0075  0.1080  257 GLU A CB  
371 C  CG  A GLU A 47 ? 0.3768 0.4299 0.3457 -0.0468 0.0571  0.0802  257 GLU A CG  
372 C  CG  B GLU A 47 ? 0.3976 0.4432 0.3597 -0.0519 0.0331  0.0601  257 GLU A CG  
373 C  CD  A GLU A 47 ? 0.4579 0.4991 0.3027 -0.0340 0.1123  0.0421  257 GLU A CD  
374 C  CD  B GLU A 47 ? 0.4882 0.4828 0.3578 -0.0604 0.0880  0.0451  257 GLU A CD  
375 O  OE1 A GLU A 47 ? 0.5279 0.4652 0.4954 0.0415  0.0663  0.0623  257 GLU A OE1 
376 O  OE1 B GLU A 47 ? 0.6603 0.4649 0.3957 -0.1030 0.0159  0.1211  257 GLU A OE1 
377 O  OE2 A GLU A 47 ? 0.5047 0.5046 0.4488 -0.1441 0.0973  0.0216  257 GLU A OE2 
378 O  OE2 B GLU A 47 ? 0.5069 0.6349 0.4107 -0.0537 0.0583  0.0087  257 GLU A OE2 
379 N  N   . ASN A 48 ? 0.2979 0.3104 0.2526 -0.0582 -0.0170 0.0619  258 ASN A N   
380 C  CA  . ASN A 48 ? 0.2965 0.2822 0.2530 -0.0399 -0.0465 0.0742  258 ASN A CA  
381 C  C   . ASN A 48 ? 0.3153 0.2896 0.2590 -0.0460 -0.0275 0.0671  258 ASN A C   
382 O  O   . ASN A 48 ? 0.3242 0.2949 0.2543 -0.0627 -0.0105 0.0508  258 ASN A O   
383 C  CB  . ASN A 48 ? 0.2947 0.2794 0.2562 -0.0422 -0.0028 0.0647  258 ASN A CB  
384 C  CG  . ASN A 48 ? 0.2863 0.2464 0.2714 0.0084  -0.0415 0.0500  258 ASN A CG  
385 O  OD1 . ASN A 48 ? 0.3157 0.2738 0.2916 -0.0377 -0.0413 0.0194  258 ASN A OD1 
386 N  ND2 . ASN A 48 ? 0.3439 0.2658 0.3268 -0.0027 0.0239  0.0577  258 ASN A ND2 
387 N  N   . THR A 49 ? 0.2876 0.2362 0.2909 -0.0230 -0.0172 0.0728  259 THR A N   
388 C  CA  . THR A 49 ? 0.3122 0.2784 0.2739 -0.0388 -0.0397 0.0658  259 THR A CA  
389 C  C   . THR A 49 ? 0.2377 0.2885 0.2722 -0.0388 -0.0243 0.0475  259 THR A C   
390 O  O   . THR A 49 ? 0.2586 0.2627 0.2499 -0.0176 -0.0260 0.0607  259 THR A O   
391 C  CB  . THR A 49 ? 0.3214 0.2765 0.2920 -0.0238 -0.0450 0.0798  259 THR A CB  
392 O  OG1 . THR A 49 ? 0.3021 0.3164 0.2987 -0.0158 -0.0466 0.0803  259 THR A OG1 
393 C  CG2 . THR A 49 ? 0.2679 0.2860 0.2894 -0.0527 -0.0377 0.0782  259 THR A CG2 
394 N  N   . VAL A 50 ? 0.2715 0.2652 0.2319 -0.0263 -0.0471 0.0438  260 VAL A N   
395 C  CA  . VAL A 50 ? 0.2843 0.2840 0.2661 -0.0307 -0.0358 0.0580  260 VAL A CA  
396 C  C   . VAL A 50 ? 0.2664 0.2717 0.2624 -0.0508 -0.0517 0.0622  260 VAL A C   
397 O  O   . VAL A 50 ? 0.2605 0.2811 0.2596 -0.0282 -0.0475 0.0443  260 VAL A O   
398 C  CB  . VAL A 50 ? 0.2594 0.2917 0.2716 -0.0323 -0.0162 0.0366  260 VAL A CB  
399 C  CG1 . VAL A 50 ? 0.2968 0.2810 0.3188 -0.0285 0.0202  0.0607  260 VAL A CG1 
400 C  CG2 . VAL A 50 ? 0.2730 0.2584 0.3051 -0.0237 -0.0088 0.0548  260 VAL A CG2 
401 N  N   . GLU A 51 ? 0.2760 0.2855 0.2561 -0.0124 -0.0522 0.0350  261 GLU A N   
402 C  CA  . GLU A 51 ? 0.2414 0.3036 0.2952 -0.0213 -0.0336 0.0329  261 GLU A CA  
403 C  C   . GLU A 51 ? 0.2518 0.3052 0.2791 -0.0109 -0.0662 0.0770  261 GLU A C   
404 O  O   . GLU A 51 ? 0.2871 0.2777 0.2852 -0.0229 -0.0541 0.0445  261 GLU A O   
405 C  CB  . GLU A 51 ? 0.3021 0.3181 0.3819 0.0220  -0.0757 0.0253  261 GLU A CB  
406 C  CG  . GLU A 51 ? 0.2993 0.4036 0.4808 0.0115  -0.0828 -0.0124 261 GLU A CG  
407 C  CD  . GLU A 51 ? 0.3886 0.4635 0.5182 0.0712  -0.1232 0.0154  261 GLU A CD  
408 O  OE1 . GLU A 51 ? 0.4589 0.4335 0.6257 0.0917  -0.1478 0.0048  261 GLU A OE1 
409 O  OE2 . GLU A 51 ? 0.4564 0.4866 0.6133 -0.0009 -0.2206 0.0437  261 GLU A OE2 
410 N  N   . GLN A 52 ? 0.2793 0.2760 0.2493 -0.0271 -0.0560 0.0635  262 GLN A N   
411 C  CA  . GLN A 52 ? 0.2909 0.2858 0.2451 -0.0166 -0.0551 0.0537  262 GLN A CA  
412 C  C   . GLN A 52 ? 0.2387 0.2724 0.2622 -0.0301 -0.0511 0.0461  262 GLN A C   
413 O  O   . GLN A 52 ? 0.2714 0.2773 0.2418 -0.0149 -0.0280 0.0323  262 GLN A O   
414 C  CB  . GLN A 52 ? 0.2955 0.2455 0.2641 -0.0161 -0.0358 0.0514  262 GLN A CB  
415 C  CG  . GLN A 52 ? 0.3497 0.3006 0.2746 -0.0206 -0.0552 0.0599  262 GLN A CG  
416 C  CD  . GLN A 52 ? 0.3786 0.2651 0.2439 -0.0223 -0.0552 0.0687  262 GLN A CD  
417 O  OE1 . GLN A 52 ? 0.3856 0.2553 0.2926 -0.0443 -0.0174 0.0569  262 GLN A OE1 
418 N  NE2 . GLN A 52 ? 0.4703 0.2449 0.3208 -0.0769 -0.0217 0.0434  262 GLN A NE2 
419 N  N   . ALA A 53 ? 0.2334 0.2538 0.2361 -0.0245 -0.0150 0.0453  263 ALA A N   
420 C  CA  . ALA A 53 ? 0.2514 0.2752 0.2469 -0.0121 -0.0355 0.0396  263 ALA A CA  
421 C  C   . ALA A 53 ? 0.2297 0.2446 0.2560 -0.0007 -0.0470 0.0591  263 ALA A C   
422 O  O   . ALA A 53 ? 0.2860 0.2708 0.2397 -0.0262 -0.0329 0.0480  263 ALA A O   
423 C  CB  . ALA A 53 ? 0.2493 0.2848 0.2500 0.0000  -0.0322 0.0455  263 ALA A CB  
424 N  N   . GLU A 54 ? 0.2404 0.2662 0.2172 -0.0208 -0.0428 0.0468  264 GLU A N   
425 C  CA  . GLU A 54 ? 0.2561 0.2466 0.2298 0.0144  -0.0245 0.0510  264 GLU A CA  
426 C  C   . GLU A 54 ? 0.2579 0.2442 0.2833 -0.0114 0.0075  0.0573  264 GLU A C   
427 O  O   . GLU A 54 ? 0.2492 0.2898 0.2688 -0.0017 -0.0161 0.0435  264 GLU A O   
428 C  CB  . GLU A 54 ? 0.3112 0.2891 0.2666 -0.0254 -0.0157 0.0355  264 GLU A CB  
429 C  CG  . GLU A 54 ? 0.3240 0.3013 0.2971 0.0114  -0.0029 0.0300  264 GLU A CG  
430 C  CD  . GLU A 54 ? 0.3469 0.3406 0.3702 -0.0056 -0.0183 0.0388  264 GLU A CD  
431 O  OE1 . GLU A 54 ? 0.3335 0.3679 0.4813 -0.0059 -0.0479 0.0230  264 GLU A OE1 
432 O  OE2 . GLU A 54 ? 0.3322 0.3130 0.3185 -0.0345 -0.0270 0.0119  264 GLU A OE2 
433 N  N   . GLU A 55 ? 0.2357 0.2554 0.2545 -0.0159 -0.0181 0.0588  265 GLU A N   
434 C  CA  . GLU A 55 ? 0.2419 0.2580 0.2877 -0.0159 -0.0155 0.0541  265 GLU A CA  
435 C  C   . GLU A 55 ? 0.2411 0.2489 0.2745 0.0013  -0.0078 0.0578  265 GLU A C   
436 O  O   . GLU A 55 ? 0.2639 0.2785 0.2763 0.0209  -0.0156 0.0495  265 GLU A O   
437 C  CB  . GLU A 55 ? 0.2945 0.2576 0.3175 0.0010  -0.0448 0.0554  265 GLU A CB  
438 C  CG  . GLU A 55 ? 0.3062 0.3316 0.3499 0.0100  -0.0485 0.0408  265 GLU A CG  
439 C  CD  . GLU A 55 ? 0.3137 0.3564 0.4243 0.0148  -0.0956 0.0976  265 GLU A CD  
440 O  OE1 . GLU A 55 ? 0.3659 0.3502 0.3928 -0.0096 -0.0785 0.1186  265 GLU A OE1 
441 O  OE2 . GLU A 55 ? 0.3428 0.5287 0.4890 0.0214  -0.1217 0.1511  265 GLU A OE2 
442 N  N   . ILE A 56 ? 0.2337 0.2545 0.2316 0.0002  -0.0035 0.0386  266 ILE A N   
443 C  CA  . ILE A 56 ? 0.2467 0.2148 0.2670 0.0076  -0.0268 0.0597  266 ILE A CA  
444 C  C   . ILE A 56 ? 0.2482 0.2423 0.2552 -0.0262 -0.0153 0.0446  266 ILE A C   
445 O  O   . ILE A 56 ? 0.2395 0.2623 0.2542 -0.0124 -0.0230 0.0397  266 ILE A O   
446 C  CB  . ILE A 56 ? 0.2513 0.2434 0.2403 -0.0086 -0.0041 0.0505  266 ILE A CB  
447 C  CG1 . ILE A 56 ? 0.2592 0.2215 0.2622 -0.0077 -0.0225 0.0391  266 ILE A CG1 
448 C  CG2 . ILE A 56 ? 0.2356 0.2608 0.2613 -0.0171 -0.0137 0.0474  266 ILE A CG2 
449 C  CD1 . ILE A 56 ? 0.2856 0.2242 0.2583 -0.0204 0.0111  0.0601  266 ILE A CD1 
450 N  N   . CYS A 57 ? 0.2463 0.2269 0.2410 -0.0081 -0.0090 0.0475  267 CYS A N   
451 C  CA  . CYS A 57 ? 0.2513 0.2485 0.2400 -0.0042 -0.0119 0.0505  267 CYS A CA  
452 C  C   . CYS A 57 ? 0.2183 0.2421 0.2601 -0.0312 -0.0174 0.0429  267 CYS A C   
453 O  O   . CYS A 57 ? 0.2389 0.2825 0.2357 -0.0040 -0.0060 0.0382  267 CYS A O   
454 C  CB  . CYS A 57 ? 0.2441 0.2576 0.2493 -0.0091 -0.0037 0.0477  267 CYS A CB  
455 S  SG  . CYS A 57 ? 0.2435 0.2752 0.2579 0.0081  -0.0071 0.0512  267 CYS A SG  
456 N  N   . GLU A 58 ? 0.2365 0.2644 0.2528 0.0108  -0.0112 0.0404  268 GLU A N   
457 C  CA  . GLU A 58 ? 0.2477 0.2750 0.2504 0.0281  -0.0061 0.0465  268 GLU A CA  
458 C  C   . GLU A 58 ? 0.2465 0.2875 0.2713 0.0470  -0.0138 0.0444  268 GLU A C   
459 O  O   . GLU A 58 ? 0.2571 0.3325 0.2708 0.0228  0.0068  0.0322  268 GLU A O   
460 C  CB  . GLU A 58 ? 0.2648 0.3800 0.2723 0.0176  -0.0115 0.0349  268 GLU A CB  
461 C  CG  . GLU A 58 ? 0.3300 0.4052 0.3817 0.0181  0.0099  0.0073  268 GLU A CG  
462 C  CD  . GLU A 58 ? 0.4277 0.6834 0.5908 0.0168  -0.0970 0.0328  268 GLU A CD  
463 O  OE1 . GLU A 58 ? 0.4624 0.9511 0.7611 0.0069  -0.0122 0.0297  268 GLU A OE1 
464 O  OE2 . GLU A 58 ? 0.4431 0.9637 0.7134 0.0873  -0.1007 -0.0165 268 GLU A OE2 
465 N  N   . ALA A 59 ? 0.2765 0.2699 0.2600 0.0190  -0.0041 0.0379  269 ALA A N   
466 C  CA  . ALA A 59 ? 0.2833 0.2555 0.2672 0.0374  -0.0145 0.0365  269 ALA A CA  
467 C  C   . ALA A 59 ? 0.2758 0.2645 0.2897 0.0057  -0.0106 0.0346  269 ALA A C   
468 O  O   . ALA A 59 ? 0.2648 0.3010 0.2902 0.0270  -0.0064 0.0242  269 ALA A O   
469 C  CB  . ALA A 59 ? 0.3411 0.2920 0.2726 0.0014  -0.0284 0.0510  269 ALA A CB  
470 N  N   . VAL A 60 ? 0.2555 0.2688 0.2383 0.0059  0.0051  0.0209  270 VAL A N   
471 C  CA  . VAL A 60 ? 0.2699 0.2541 0.2599 -0.0114 -0.0112 0.0356  270 VAL A CA  
472 C  C   . VAL A 60 ? 0.2480 0.2642 0.2741 0.0130  -0.0102 0.0191  270 VAL A C   
473 O  O   . VAL A 60 ? 0.2602 0.3009 0.2486 -0.0056 0.0008  0.0254  270 VAL A O   
474 C  CB  . VAL A 60 ? 0.2386 0.2589 0.2637 -0.0139 -0.0088 0.0275  270 VAL A CB  
475 C  CG1 . VAL A 60 ? 0.2458 0.2758 0.2450 -0.0040 -0.0187 0.0001  270 VAL A CG1 
476 C  CG2 . VAL A 60 ? 0.2630 0.2906 0.2636 -0.0367 -0.0029 0.0290  270 VAL A CG2 
477 N  N   A GLN A 61 ? 0.2371 0.2933 0.2337 0.0051  -0.0032 0.0162  271 GLN A N   
478 N  N   B GLN A 61 ? 0.2379 0.2934 0.2321 0.0027  -0.0025 0.0206  271 GLN A N   
479 C  CA  A GLN A 61 ? 0.2471 0.3158 0.2479 0.0097  -0.0057 0.0445  271 GLN A CA  
480 C  CA  B GLN A 61 ? 0.2485 0.3096 0.2421 0.0050  -0.0042 0.0457  271 GLN A CA  
481 C  C   A GLN A 61 ? 0.2685 0.3343 0.2573 0.0111  0.0171  0.0434  271 GLN A C   
482 C  C   B GLN A 61 ? 0.2590 0.3273 0.2458 0.0006  0.0205  0.0451  271 GLN A C   
483 O  O   A GLN A 61 ? 0.2703 0.4255 0.2662 0.0393  -0.0185 0.0283  271 GLN A O   
484 O  O   B GLN A 61 ? 0.2228 0.3510 0.2529 -0.0284 0.0254  0.0448  271 GLN A O   
485 C  CB  A GLN A 61 ? 0.2640 0.3258 0.2710 0.0045  -0.0154 0.0323  271 GLN A CB  
486 C  CB  B GLN A 61 ? 0.2809 0.3154 0.2544 -0.0077 -0.0163 0.0352  271 GLN A CB  
487 C  CG  A GLN A 61 ? 0.2829 0.3376 0.2763 -0.0254 -0.0308 0.0460  271 GLN A CG  
488 C  CG  B GLN A 61 ? 0.2626 0.3123 0.2569 -0.0031 -0.0448 0.0446  271 GLN A CG  
489 C  CD  A GLN A 61 ? 0.2281 0.4314 0.3239 -0.0145 -0.0485 0.0403  271 GLN A CD  
490 C  CD  B GLN A 61 ? 0.3394 0.3690 0.2722 -0.0584 -0.0410 0.0251  271 GLN A CD  
491 O  OE1 A GLN A 61 ? 0.3177 0.5038 0.4450 0.0056  -0.0902 0.1086  271 GLN A OE1 
492 O  OE1 B GLN A 61 ? 0.3294 0.3659 0.3792 -0.0214 -0.0748 0.0334  271 GLN A OE1 
493 N  NE2 A GLN A 61 ? 0.3121 0.4305 0.4574 -0.0397 -0.1020 -0.0088 271 GLN A NE2 
494 N  NE2 B GLN A 61 ? 0.4386 0.3910 0.3371 -0.0498 -0.0686 0.0750  271 GLN A NE2 
495 N  N   . ALA A 62 ? 0.2660 0.3275 0.2581 0.0284  0.0080  0.0184  272 ALA A N   
496 C  CA  . ALA A 62 ? 0.3078 0.3324 0.2821 0.0347  0.0231  0.0162  272 ALA A CA  
497 C  C   . ALA A 62 ? 0.3049 0.3363 0.3093 0.0680  -0.0059 0.0171  272 ALA A C   
498 O  O   . ALA A 62 ? 0.3546 0.3441 0.3043 0.0460  -0.0152 -0.0150 272 ALA A O   
499 C  CB  . ALA A 62 ? 0.2944 0.3548 0.3207 0.0845  0.0271  0.0325  272 ALA A CB  
500 N  N   . ALA A 63 ? 0.2920 0.3345 0.2996 0.0426  -0.0007 -0.0224 273 ALA A N   
501 C  CA  . ALA A 63 ? 0.3279 0.3130 0.2567 0.0302  0.0000  -0.0243 273 ALA A CA  
502 C  C   . ALA A 63 ? 0.3338 0.3237 0.2868 0.0389  0.0131  0.0002  273 ALA A C   
503 O  O   . ALA A 63 ? 0.3406 0.3953 0.2835 0.0195  -0.0119 -0.0200 273 ALA A O   
504 C  CB  . ALA A 63 ? 0.3486 0.3599 0.3052 -0.0419 -0.0004 -0.0084 273 ALA A CB  
505 N  N   . VAL A 64 ? 0.2966 0.3057 0.2252 0.0224  -0.0025 -0.0111 274 VAL A N   
506 C  CA  . VAL A 64 ? 0.2746 0.3466 0.2606 0.0115  -0.0053 0.0106  274 VAL A CA  
507 C  C   . VAL A 64 ? 0.3241 0.3509 0.2434 0.0202  0.0009  0.0464  274 VAL A C   
508 O  O   . VAL A 64 ? 0.2834 0.3906 0.2664 0.0397  0.0021  -0.0100 274 VAL A O   
509 C  CB  . VAL A 64 ? 0.2302 0.3640 0.2595 0.0239  -0.0066 -0.0035 274 VAL A CB  
510 C  CG1 . VAL A 64 ? 0.3163 0.4063 0.2410 0.0654  -0.0011 -0.0156 274 VAL A CG1 
511 C  CG2 . VAL A 64 ? 0.2379 0.4284 0.2885 -0.0162 -0.0082 -0.0121 274 VAL A CG2 
512 N  N   . CYS A 65 ? 0.2870 0.3859 0.2629 0.0432  0.0184  -0.0150 275 CYS A N   
513 C  CA  . CYS A 65 ? 0.3122 0.3494 0.2972 0.0528  0.0522  0.0159  275 CYS A CA  
514 C  C   . CYS A 65 ? 0.3071 0.3766 0.2702 0.0629  0.0180  -0.0139 275 CYS A C   
515 O  O   . CYS A 65 ? 0.3862 0.4575 0.2756 0.0603  0.0526  -0.0046 275 CYS A O   
516 C  CB  . CYS A 65 ? 0.2637 0.4560 0.3375 0.0425  0.0947  0.0232  275 CYS A CB  
517 S  SG  . CYS A 65 ? 0.5188 0.4457 0.4450 -0.0173 0.2132  0.0104  275 CYS A SG  
518 N  N   . GLY A 66 ? 0.3109 0.3853 0.2919 0.0925  0.0091  0.0045  276 GLY A N   
519 C  CA  . GLY A 66 ? 0.3806 0.3826 0.3083 0.0736  0.0208  -0.0043 276 GLY A CA  
520 C  C   . GLY A 66 ? 0.4150 0.4193 0.2996 0.0607  0.0092  -0.0036 276 GLY A C   
521 O  O   . GLY A 66 ? 0.5153 0.4764 0.4014 0.1354  0.0202  -0.0576 276 GLY A O   
522 N  N   . LYS A 67 ? 0.3822 0.3608 0.2852 0.0335  0.0027  -0.0351 277 LYS A N   
523 C  CA  . LYS A 67 ? 0.4021 0.3244 0.2885 0.0170  0.0107  -0.0498 277 LYS A CA  
524 C  C   . LYS A 67 ? 0.3623 0.3305 0.3066 -0.0116 0.0025  -0.0255 277 LYS A C   
525 O  O   . LYS A 67 ? 0.4600 0.3210 0.3112 -0.0103 -0.0034 -0.0305 277 LYS A O   
526 C  CB  . LYS A 67 ? 0.4131 0.3840 0.3404 0.0044  0.0227  -0.0130 277 LYS A CB  
527 C  CG  . LYS A 67 ? 0.4658 0.3920 0.3922 0.0049  0.0336  -0.0157 277 LYS A CG  
528 C  CD  . LYS A 67 ? 0.4806 0.4039 0.4516 -0.0594 0.0452  -0.0097 277 LYS A CD  
529 C  CE  . LYS A 67 ? 0.4985 0.4632 0.4024 -0.0468 0.0227  0.0038  277 LYS A CE  
530 N  NZ  . LYS A 67 ? 0.5341 0.4898 0.3984 -0.0294 0.0408  -0.0301 277 LYS A NZ  
531 N  N   . ILE A 68 ? 0.3447 0.3416 0.2787 -0.0183 -0.0232 -0.0173 278 ILE A N   
532 C  CA  . ILE A 68 ? 0.3295 0.3651 0.2788 -0.0551 -0.0154 -0.0117 278 ILE A CA  
533 C  C   . ILE A 68 ? 0.3136 0.3326 0.2511 -0.0145 0.0099  -0.0165 278 ILE A C   
534 O  O   . ILE A 68 ? 0.3275 0.3139 0.2976 -0.0062 -0.0145 -0.0068 278 ILE A O   
535 C  CB  . ILE A 68 ? 0.3125 0.3905 0.2463 -0.0364 0.0006  -0.0103 278 ILE A CB  
536 C  CG1 . ILE A 68 ? 0.4018 0.3963 0.3545 -0.0547 0.0346  -0.0217 278 ILE A CG1 
537 C  CG2 . ILE A 68 ? 0.2855 0.3543 0.2946 -0.0066 -0.0001 -0.0264 278 ILE A CG2 
538 C  CD1 . ILE A 68 ? 0.3738 0.4539 0.4116 -0.0531 0.0177  -0.0971 278 ILE A CD1 
539 N  N   . ARG A 69 ? 0.3258 0.3377 0.2774 0.0277  0.0089  -0.0239 279 ARG A N   
540 C  CA  . ARG A 69 ? 0.3440 0.3462 0.3415 0.0436  0.0266  0.0232  279 ARG A CA  
541 C  C   . ARG A 69 ? 0.2806 0.3319 0.2906 0.0213  0.0213  -0.0032 279 ARG A C   
542 O  O   . ARG A 69 ? 0.2963 0.3629 0.3225 0.0025  0.0421  0.0186  279 ARG A O   
543 C  CB  . ARG A 69 ? 0.3923 0.3927 0.4600 0.0299  0.1094  -0.0411 279 ARG A CB  
544 C  CG  . ARG A 69 ? 0.5296 0.5193 0.6056 0.0702  0.0601  -0.0248 279 ARG A CG  
545 C  CD  . ARG A 69 ? 0.7118 0.6760 0.5823 0.1084  0.0055  -0.0406 279 ARG A CD  
546 N  NE  . ARG A 69 ? 0.6785 0.7851 0.7290 0.0906  -0.0364 -0.0938 279 ARG A NE  
547 C  CZ  . ARG A 69 ? 0.7191 0.9207 0.7954 0.0225  -0.0429 -0.1031 279 ARG A CZ  
548 N  NH1 . ARG A 69 ? 0.8512 1.0257 0.7895 0.0126  0.0181  -0.1532 279 ARG A NH1 
549 N  NH2 . ARG A 69 ? 0.7901 0.9285 0.7590 0.0048  0.0306  -0.1451 279 ARG A NH2 
550 N  N   . ARG A 70 ? 0.2813 0.3561 0.2532 0.0326  0.0251  0.0004  280 ARG A N   
551 C  CA  . ARG A 70 ? 0.2659 0.3667 0.2584 0.0320  0.0467  -0.0097 280 ARG A CA  
552 C  C   . ARG A 70 ? 0.2192 0.3787 0.2287 0.0049  0.0196  0.0115  280 ARG A C   
553 O  O   . ARG A 70 ? 0.2158 0.3782 0.2474 0.0168  0.0123  0.0353  280 ARG A O   
554 C  CB  . ARG A 70 ? 0.3142 0.4016 0.2565 0.0123  0.0061  -0.0291 280 ARG A CB  
555 C  CG  . ARG A 70 ? 0.3057 0.4233 0.2701 -0.0009 -0.0091 -0.0344 280 ARG A CG  
556 C  CD  . ARG A 70 ? 0.3629 0.4296 0.3038 -0.0047 -0.0483 -0.0127 280 ARG A CD  
557 N  NE  . ARG A 70 ? 0.3574 0.4321 0.3409 -0.0114 -0.0666 -0.0212 280 ARG A NE  
558 C  CZ  . ARG A 70 ? 0.3937 0.4412 0.3473 -0.0463 -0.0809 0.0052  280 ARG A CZ  
559 N  NH1 . ARG A 70 ? 0.4586 0.4484 0.3401 -0.0608 -0.0996 0.0061  280 ARG A NH1 
560 N  NH2 . ARG A 70 ? 0.4874 0.4680 0.3772 -0.0677 -0.0693 -0.0106 280 ARG A NH2 
561 N  N   . ILE A 71 ? 0.2178 0.3272 0.2199 0.0154  0.0079  0.0151  281 ILE A N   
562 C  CA  . ILE A 71 ? 0.2388 0.3358 0.2223 -0.0055 0.0167  0.0123  281 ILE A CA  
563 C  C   . ILE A 71 ? 0.2331 0.3274 0.2330 0.0261  0.0196  0.0408  281 ILE A C   
564 O  O   . ILE A 71 ? 0.2319 0.3049 0.3230 0.0043  0.0084  0.0324  281 ILE A O   
565 C  CB  . ILE A 71 ? 0.2176 0.3597 0.2391 -0.0246 0.0168  0.0074  281 ILE A CB  
566 C  CG1 . ILE A 71 ? 0.2345 0.3638 0.2492 -0.0310 0.0185  -0.0171 281 ILE A CG1 
567 C  CG2 . ILE A 71 ? 0.2391 0.3382 0.2381 -0.0046 0.0404  0.0040  281 ILE A CG2 
568 C  CD1 . ILE A 71 ? 0.2876 0.3992 0.2644 -0.0340 0.0453  -0.0219 281 ILE A CD1 
569 N  N   . GLU A 72 ? 0.1815 0.3343 0.2228 0.0063  0.0064  0.0372  282 GLU A N   
570 C  CA  . GLU A 72 ? 0.1789 0.3594 0.2307 0.0106  -0.0038 0.0431  282 GLU A CA  
571 C  C   . GLU A 72 ? 0.1935 0.3683 0.2303 -0.0233 0.0113  0.0344  282 GLU A C   
572 O  O   . GLU A 72 ? 0.1919 0.3976 0.3176 -0.0049 -0.0098 0.0056  282 GLU A O   
573 C  CB  . GLU A 72 ? 0.2145 0.3354 0.2820 -0.0097 0.0145  0.0643  282 GLU A CB  
574 C  CG  . GLU A 72 ? 0.2536 0.3796 0.2502 0.0052  0.0430  0.0799  282 GLU A CG  
575 C  CD  . GLU A 72 ? 0.2914 0.3565 0.2861 -0.0042 0.0302  0.0529  282 GLU A CD  
576 O  OE1 . GLU A 72 ? 0.2293 0.4158 0.2945 0.0626  0.0529  0.0640  282 GLU A OE1 
577 O  OE2 . GLU A 72 ? 0.3272 0.4233 0.3449 0.0049  0.0713  0.0352  282 GLU A OE2 
578 N  N   . SER A 73 ? 0.1988 0.3280 0.2399 0.0027  0.0020  0.0276  283 SER A N   
579 C  CA  . SER A 73 ? 0.2311 0.3416 0.2481 0.0135  -0.0020 0.0284  283 SER A CA  
580 C  C   . SER A 73 ? 0.2131 0.3506 0.2089 0.0268  -0.0040 0.0296  283 SER A C   
581 O  O   . SER A 73 ? 0.2209 0.3316 0.2306 0.0253  -0.0176 0.0160  283 SER A O   
582 C  CB  . SER A 73 ? 0.2393 0.3432 0.2908 0.0058  -0.0171 0.0174  283 SER A CB  
583 O  OG  . SER A 73 ? 0.3342 0.3827 0.3284 -0.0083 -0.0032 -0.0188 283 SER A OG  
584 N  N   . LEU A 74 ? 0.2417 0.3811 0.2229 0.0091  -0.0086 0.0414  284 LEU A N   
585 C  CA  . LEU A 74 ? 0.2191 0.3461 0.2209 0.0176  -0.0125 0.0166  284 LEU A CA  
586 C  C   . LEU A 74 ? 0.2432 0.3676 0.2311 0.0091  -0.0245 0.0155  284 LEU A C   
587 O  O   . LEU A 74 ? 0.3490 0.4391 0.2665 0.0507  -0.0763 0.0258  284 LEU A O   
588 C  CB  . LEU A 74 ? 0.2724 0.3414 0.2702 0.0260  -0.0200 0.0205  284 LEU A CB  
589 C  CG  . LEU A 74 ? 0.3047 0.3618 0.2619 -0.0089 -0.0159 0.0249  284 LEU A CG  
590 C  CD1 . LEU A 74 ? 0.2744 0.3266 0.3134 -0.0232 0.0160  0.0308  284 LEU A CD1 
591 C  CD2 . LEU A 74 ? 0.3171 0.3676 0.3411 0.0116  -0.0208 0.0706  284 LEU A CD2 
592 N  N   A HIS A 75 ? 0.1807 0.3420 0.2078 -0.0270 -0.0052 0.0387  285 HIS A N   
593 N  N   B HIS A 75 ? 0.2105 0.3508 0.2103 -0.0184 -0.0103 0.0379  285 HIS A N   
594 C  CA  A HIS A 75 ? 0.1671 0.3349 0.2253 -0.0134 -0.0200 0.0411  285 HIS A CA  
595 C  CA  B HIS A 75 ? 0.2212 0.3425 0.2327 -0.0214 -0.0320 0.0377  285 HIS A CA  
596 C  C   A HIS A 75 ? 0.1691 0.3379 0.1985 -0.0158 -0.0174 0.0270  285 HIS A C   
597 C  C   B HIS A 75 ? 0.1978 0.3472 0.2058 -0.0091 -0.0298 0.0284  285 HIS A C   
598 O  O   A HIS A 75 ? 0.1737 0.3651 0.2240 0.0154  -0.0192 0.0555  285 HIS A O   
599 O  O   B HIS A 75 ? 0.1907 0.3563 0.2272 0.0099  -0.0208 0.0697  285 HIS A O   
600 C  CB  A HIS A 75 ? 0.2249 0.3468 0.3212 -0.0621 0.0048  0.0337  285 HIS A CB  
601 C  CB  B HIS A 75 ? 0.3116 0.3407 0.3246 -0.0185 -0.0530 0.0297  285 HIS A CB  
602 C  CG  A HIS A 75 ? 0.3074 0.3742 0.3688 -0.0678 0.0156  -0.0173 285 HIS A CG  
603 C  CG  B HIS A 75 ? 0.3549 0.4082 0.3809 -0.0575 -0.0339 0.0222  285 HIS A CG  
604 N  ND1 A HIS A 75 ? 0.2918 0.4648 0.3927 -0.0556 -0.0332 -0.0378 285 HIS A ND1 
605 N  ND1 B HIS A 75 ? 0.3503 0.4816 0.4015 -0.1098 -0.0426 0.0879  285 HIS A ND1 
606 C  CD2 A HIS A 75 ? 0.3575 0.4851 0.3871 -0.0501 0.0423  -0.0591 285 HIS A CD2 
607 C  CD2 B HIS A 75 ? 0.4084 0.3552 0.3473 -0.0173 -0.0365 -0.0381 285 HIS A CD2 
608 C  CE1 A HIS A 75 ? 0.3533 0.3891 0.3868 -0.0684 -0.0089 -0.0669 285 HIS A CE1 
609 C  CE1 B HIS A 75 ? 0.3325 0.4621 0.2638 -0.1902 -0.0397 -0.0169 285 HIS A CE1 
610 N  NE2 A HIS A 75 ? 0.3615 0.5403 0.4217 -0.0451 -0.0057 -0.0567 285 HIS A NE2 
611 N  NE2 B HIS A 75 ? 0.4654 0.4607 0.3916 -0.0442 0.0326  0.0303  285 HIS A NE2 
612 N  N   . VAL A 76 ? 0.1894 0.3074 0.2192 -0.0169 -0.0350 0.0333  286 VAL A N   
613 C  CA  . VAL A 76 ? 0.1926 0.2875 0.2382 -0.0197 -0.0059 0.0128  286 VAL A CA  
614 C  C   . VAL A 76 ? 0.2086 0.3233 0.2253 -0.0237 -0.0285 0.0119  286 VAL A C   
615 O  O   . VAL A 76 ? 0.2017 0.4460 0.2428 0.0029  -0.0373 0.0245  286 VAL A O   
616 C  CB  . VAL A 76 ? 0.2238 0.3027 0.2496 0.0052  -0.0205 0.0421  286 VAL A CB  
617 C  CG1 . VAL A 76 ? 0.2301 0.2738 0.2602 0.0060  -0.0168 0.0492  286 VAL A CG1 
618 C  CG2 . VAL A 76 ? 0.2777 0.2821 0.2746 -0.0053 -0.0210 0.0337  286 VAL A CG2 
619 N  N   . SER A 77 ? 0.2078 0.3090 0.2127 -0.0319 -0.0258 0.0183  287 SER A N   
620 C  CA  A SER A 77 ? 0.2015 0.2999 0.2277 -0.0328 -0.0177 0.0165  287 SER A CA  
621 C  CA  B SER A 77 ? 0.2067 0.2853 0.2159 -0.0340 -0.0235 0.0214  287 SER A CA  
622 C  C   . SER A 77 ? 0.2084 0.2616 0.2130 -0.0356 -0.0186 0.0175  287 SER A C   
623 O  O   . SER A 77 ? 0.2169 0.2689 0.2237 -0.0379 -0.0342 0.0316  287 SER A O   
624 C  CB  A SER A 77 ? 0.2613 0.3008 0.2297 -0.0389 0.0115  0.0277  287 SER A CB  
625 C  CB  B SER A 77 ? 0.2498 0.2865 0.2000 -0.0408 -0.0084 0.0348  287 SER A CB  
626 O  OG  A SER A 77 ? 0.2964 0.3002 0.3257 0.0058  -0.0127 0.0361  287 SER A OG  
627 O  OG  B SER A 77 ? 0.3261 0.2967 0.2623 -0.0924 0.0352  0.0254  287 SER A OG  
628 N  N   . ALA A 78 ? 0.2084 0.2640 0.2284 -0.0189 -0.0126 0.0066  288 ALA A N   
629 C  CA  . ALA A 78 ? 0.2231 0.2657 0.2252 -0.0416 -0.0163 0.0212  288 ALA A CA  
630 C  C   . ALA A 78 ? 0.2320 0.2956 0.2185 -0.0358 -0.0178 0.0038  288 ALA A C   
631 O  O   . ALA A 78 ? 0.2534 0.2832 0.2578 -0.0452 -0.0010 0.0077  288 ALA A O   
632 C  CB  . ALA A 78 ? 0.2273 0.2609 0.2392 -0.0448 0.0040  0.0083  288 ALA A CB  
633 N  N   . GLU A 79 ? 0.2312 0.2860 0.2233 -0.0423 -0.0043 0.0223  289 GLU A N   
634 C  CA  . GLU A 79 ? 0.2685 0.2878 0.2425 -0.0253 -0.0126 0.0175  289 GLU A CA  
635 C  C   . GLU A 79 ? 0.2403 0.2664 0.2541 -0.0024 0.0099  0.0131  289 GLU A C   
636 O  O   . GLU A 79 ? 0.2616 0.2860 0.2519 -0.0306 0.0154  0.0244  289 GLU A O   
637 C  CB  . GLU A 79 ? 0.3409 0.2889 0.3542 0.0163  0.0006  0.0658  289 GLU A CB  
638 C  CG  . GLU A 79 ? 0.3279 0.3492 0.3681 -0.0075 -0.0037 0.0494  289 GLU A CG  
639 C  CD  . GLU A 79 ? 0.4360 0.3564 0.3962 0.0824  -0.0008 0.0447  289 GLU A CD  
640 O  OE1 . GLU A 79 ? 0.4337 0.4406 0.5271 0.0618  -0.0750 0.0467  289 GLU A OE1 
641 O  OE2 . GLU A 79 ? 0.5693 0.3800 0.3920 0.0850  -0.0077 0.0643  289 GLU A OE2 
642 N  N   . ALA A 80 ? 0.2571 0.2787 0.2534 -0.0228 -0.0046 0.0152  290 ALA A N   
643 C  CA  . ALA A 80 ? 0.2704 0.2954 0.2710 -0.0164 0.0213  0.0308  290 ALA A CA  
644 C  C   . ALA A 80 ? 0.2885 0.3351 0.2846 -0.0318 0.0181  0.0073  290 ALA A C   
645 O  O   . ALA A 80 ? 0.2496 0.3840 0.3761 0.0213  0.0260  0.0116  290 ALA A O   
646 C  CB  . ALA A 80 ? 0.2884 0.3380 0.2947 -0.0233 0.0489  0.0064  290 ALA A CB  
647 N  N   . ARG A 81 ? 0.2393 0.3383 0.3032 -0.0399 0.0257  0.0162  291 ARG A N   
648 C  CA  . ARG A 81 ? 0.2562 0.4323 0.3599 -0.0622 0.0162  -0.0101 291 ARG A CA  
649 C  C   . ARG A 81 ? 0.2625 0.4882 0.4240 -0.0836 0.0416  0.0272  291 ARG A C   
650 O  O   . ARG A 81 ? 0.3233 0.4665 0.3247 -0.1265 0.0321  0.0370  291 ARG A O   
651 C  CB  . ARG A 81 ? 0.3161 0.5277 0.3817 -0.0710 -0.0052 -0.0729 291 ARG A CB  
652 C  CG  . ARG A 81 ? 0.4639 0.6557 0.5132 0.0241  -0.0113 -0.0082 291 ARG A CG  
653 C  CD  . ARG A 81 ? 0.5379 0.6370 0.5936 0.0124  -0.0109 -0.0155 291 ARG A CD  
654 N  NE  . ARG A 81 ? 0.6715 0.7738 0.5853 0.0386  -0.0143 0.0872  291 ARG A NE  
655 C  CZ  . ARG A 81 ? 0.6863 0.7242 0.6707 0.0445  -0.0048 -0.0335 291 ARG A CZ  
656 N  NH1 . ARG A 81 ? 0.6284 0.7112 0.6557 0.0653  -0.0538 -0.0219 291 ARG A NH1 
657 N  NH2 . ARG A 81 ? 0.6319 0.9326 0.7712 0.0809  -0.0227 -0.0106 291 ARG A NH2 
658 N  N   . GLU A 82 ? 0.3250 0.5646 0.5768 -0.0662 0.1189  0.0304  292 GLU A N   
659 C  CA  . GLU A 82 ? 0.4294 0.6183 0.6064 -0.1327 0.1269  0.0534  292 GLU A CA  
660 C  C   . GLU A 82 ? 0.3410 0.6670 0.7536 -0.2018 0.0515  -0.0526 292 GLU A C   
661 O  O   . GLU A 82 ? 0.6151 0.6961 0.8675 -0.1218 0.1045  0.0366  292 GLU A O   
662 C  CB  . GLU A 82 ? 0.5030 0.7284 0.6409 -0.0899 0.1273  0.0417  292 GLU A CB  
663 C  CG  . GLU A 82 ? 0.6415 0.8054 0.6544 -0.0585 0.0769  0.0099  292 GLU A CG  
664 C  CD  . GLU A 82 ? 0.6856 0.9322 0.7367 -0.0400 0.0342  -0.0181 292 GLU A CD  
665 O  OE1 . GLU A 82 ? 0.7533 0.9489 0.7795 0.0361  0.0339  0.0631  292 GLU A OE1 
666 O  OE2 . GLU A 82 ? 0.4470 1.0447 0.7750 -0.0858 0.1331  -0.0828 292 GLU A OE2 
667 S  S   . SO4 B .  ? 0.4002 0.4275 0.3185 -0.0060 0.0141  -0.0478 401 SO4 A S   
668 O  O1  . SO4 B .  ? 0.4530 0.3541 0.3556 -0.0068 -0.0024 -0.0627 401 SO4 A O1  
669 O  O2  . SO4 B .  ? 0.3855 0.3770 0.3471 -0.0172 -0.0218 -0.0034 401 SO4 A O2  
670 O  O3  . SO4 B .  ? 0.4618 0.4532 0.2886 -0.0256 -0.0267 -0.0263 401 SO4 A O3  
671 O  O4  . SO4 B .  ? 0.4658 0.5979 0.3531 -0.0453 0.0788  -0.0640 401 SO4 A O4  
672 S  S   . SO4 C .  ? 0.7021 0.4871 0.4407 -0.1745 -0.1937 0.0119  402 SO4 A S   
673 O  O1  . SO4 C .  ? 0.6711 0.5117 0.4867 -0.0537 -0.2910 0.0268  402 SO4 A O1  
674 O  O2  . SO4 C .  ? 0.6585 0.5483 0.6169 -0.2070 -0.1840 0.0028  402 SO4 A O2  
675 O  O3  . SO4 C .  ? 0.6426 0.4963 0.4110 -0.1253 -0.1404 0.0666  402 SO4 A O3  
676 O  O4  . SO4 C .  ? 0.7165 0.5918 0.4874 -0.0471 -0.2433 -0.0557 402 SO4 A O4  
677 CD CD  . CD  D .  ? 0.5782 0.4614 0.6092 -0.0486 -0.1351 0.1201  403 CD  A CD  
678 CD CD  . CD  E .  ? 0.3592 0.6779 0.3891 -0.1312 0.0350  -0.0818 404 CD  A CD  
679 CD CD  . CD  F .  ? 0.6479 0.5416 0.7963 -0.0142 0.1182  0.0127  405 CD  A CD  
680 C  C1  . BME G .  ? 0.6978 0.7156 0.6925 0.0597  -0.0773 -0.0255 406 BME A C1  
681 C  C2  . BME G .  ? 0.5661 0.6037 0.6606 0.0489  -0.1048 0.0290  406 BME A C2  
682 O  O1  . BME G .  ? 0.8059 0.7254 0.9300 0.0943  -0.0940 0.0648  406 BME A O1  
683 S  S2  . BME G .  ? 0.4695 0.6032 0.3939 0.1389  0.0015  0.0925  406 BME A S2  
684 O  O   . HOH H .  ? 0.4613 0.4828 0.5156 0.0565  -0.1814 0.0789  501 HOH A O   
685 O  O   . HOH H .  ? 0.4207 0.6071 0.4169 -0.2406 -0.1254 0.0663  502 HOH A O   
686 O  O   . HOH H .  ? 0.3274 0.7526 0.6809 0.0876  0.1093  0.3491  503 HOH A O   
687 O  O   . HOH H .  ? 0.4257 0.8102 0.4504 -0.1394 -0.0424 -0.0735 504 HOH A O   
688 O  O   . HOH H .  ? 0.4477 0.4325 0.5587 -0.0494 0.0333  -0.0702 505 HOH A O   
689 O  O   . HOH H .  ? 0.4643 0.9115 0.4256 -0.2015 0.1652  -0.0627 506 HOH A O   
690 O  O   . HOH H .  ? 0.5132 0.3755 0.3069 -0.1199 -0.0331 0.0094  507 HOH A O   
691 O  O   . HOH H .  ? 0.4564 0.3386 0.3962 0.0119  -0.0798 0.0888  508 HOH A O   
692 O  O   . HOH H .  ? 0.2777 0.2697 0.2706 -0.0159 0.0059  0.0424  509 HOH A O   
693 O  O   . HOH H .  ? 0.5152 0.3986 0.4803 -0.0072 0.0258  -0.0459 510 HOH A O   
694 O  O   . HOH H .  ? 0.4831 0.6404 0.4911 -0.1252 0.0451  -0.1705 511 HOH A O   
695 O  O   . HOH H .  ? 0.3639 0.5012 0.3907 -0.0762 0.0625  0.0892  512 HOH A O   
696 O  O   . HOH H .  ? 0.3989 0.3988 0.3621 0.0468  -0.0022 -0.0129 513 HOH A O   
697 O  O   . HOH H .  ? 0.3408 0.4146 0.3899 -0.0368 0.0371  0.0314  514 HOH A O   
698 O  O   . HOH H .  ? 0.4829 0.6323 0.7491 -0.0120 -0.1388 0.1023  515 HOH A O   
699 O  O   . HOH H .  ? 0.3881 0.4622 0.4925 -0.0371 0.0032  0.0936  516 HOH A O   
700 O  O   . HOH H .  ? 0.4932 0.4574 0.4225 0.1405  -0.1247 0.0115  517 HOH A O   
701 O  O   . HOH H .  ? 0.5238 0.4505 0.5422 -0.0308 0.1613  -0.0668 518 HOH A O   
702 O  O   . HOH H .  ? 0.3229 0.3912 0.3900 0.0810  -0.0205 0.0054  519 HOH A O   
703 O  O   . HOH H .  ? 0.2342 0.4857 0.3994 0.0099  -0.0304 -0.1188 520 HOH A O   
704 O  O   . HOH H .  ? 1.1215 1.0612 0.7389 0.6532  0.3652  0.5000  521 HOH A O   
705 O  O   . HOH H .  ? 0.3784 0.4181 0.3631 0.0357  -0.0019 0.0157  522 HOH A O   
706 O  O   . HOH H .  ? 0.3278 0.8117 0.5618 -0.0602 0.0352  -0.0658 523 HOH A O   
707 O  O   . HOH H .  ? 0.3897 0.3057 0.3630 0.0334  -0.0139 0.0301  524 HOH A O   
708 O  O   . HOH H .  ? 0.5551 0.3247 0.4378 -0.0168 -0.0388 -0.0563 525 HOH A O   
709 O  O   . HOH H .  ? 0.3882 0.3704 0.3472 -0.0278 -0.0165 0.0562  526 HOH A O   
710 O  O   . HOH H .  ? 0.4123 0.4397 0.5362 0.0088  -0.1094 -0.0367 527 HOH A O   
711 O  O   . HOH H .  ? 0.4765 0.5820 0.5659 0.0263  0.0117  -0.0572 528 HOH A O   
712 O  O   . HOH H .  ? 0.6184 0.3830 0.4098 -0.0580 0.0273  -0.0172 529 HOH A O   
713 O  O   . HOH H .  ? 0.3746 0.3453 0.3975 -0.0096 0.0145  0.0351  530 HOH A O   
714 O  O   . HOH H .  ? 0.3938 0.6327 0.5687 0.1408  0.0231  -0.0861 531 HOH A O   
715 O  O   . HOH H .  ? 0.4702 0.5144 0.4618 -0.0466 -0.0738 0.0204  532 HOH A O   
716 O  O   . HOH H .  ? 0.3918 0.7295 0.4067 0.2629  -0.0313 0.0974  533 HOH A O   
717 O  O   . HOH H .  ? 0.5623 0.7216 0.7963 -0.0228 0.1755  -0.3405 534 HOH A O   
718 O  O   . HOH H .  ? 0.3641 0.2937 0.3402 -0.0122 0.0077  0.0335  535 HOH A O   
719 O  O   . HOH H .  ? 0.4801 0.3872 0.3115 -0.0512 -0.0666 -0.0175 536 HOH A O   
720 O  O   . HOH H .  ? 0.5130 0.4604 0.5840 0.0118  -0.1238 -0.0005 537 HOH A O   
721 O  O   . HOH H .  ? 0.4487 0.3602 0.4307 0.0001  0.0342  -0.0199 538 HOH A O   
722 O  O   . HOH H .  ? 0.3941 0.2459 0.3400 -0.0034 -0.0058 0.0719  539 HOH A O   
723 O  O   . HOH H .  ? 0.3157 0.7280 0.6920 -0.0239 -0.0695 -0.0396 540 HOH A O   
724 O  O   . HOH H .  ? 0.5938 0.4927 0.6152 -0.0329 -0.0917 -0.0358 541 HOH A O   
725 O  O   . HOH H .  ? 0.6506 0.4452 0.4814 -0.0258 -0.1544 0.0065  542 HOH A O   
726 O  O   . HOH H .  ? 0.3039 0.4702 0.8005 0.1481  -0.1356 -0.0444 543 HOH A O   
727 O  O   . HOH H .  ? 0.7301 0.5955 0.7283 -0.0674 -0.0617 -0.1048 544 HOH A O   
728 O  O   . HOH H .  ? 0.4064 0.4662 0.4941 0.0165  0.0186  -0.0568 545 HOH A O   
729 O  O   . HOH H .  ? 0.7035 0.7542 0.6571 -0.2819 0.0111  -0.1326 546 HOH A O   
730 O  O   . HOH H .  ? 0.4319 0.4143 0.4797 -0.0357 -0.0608 0.0523  547 HOH A O   
731 O  O   . HOH H .  ? 0.5511 0.8806 0.6251 0.0535  -0.1054 0.2176  548 HOH A O   
732 O  O   . HOH H .  ? 0.3653 0.2717 0.4420 -0.0041 -0.0083 -0.0092 549 HOH A O   
733 O  O   . HOH H .  ? 0.6118 0.3432 0.7700 0.1189  -0.2641 -0.0135 550 HOH A O   
734 O  O   . HOH H .  ? 0.6372 1.2236 0.4168 0.0411  -0.0387 0.0928  551 HOH A O   
735 O  O   . HOH H .  ? 0.5000 0.2836 0.3857 -0.0622 -0.0139 0.0051  552 HOH A O   
736 O  O   . HOH H .  ? 0.3766 0.3838 0.5544 0.0166  -0.0209 0.0334  553 HOH A O   
# 
